data_7U4E
#
_entry.id   7U4E
#
_cell.length_a   116.339
_cell.length_b   137.944
_cell.length_c   138.246
_cell.angle_alpha   90.000
_cell.angle_beta   92.150
_cell.angle_gamma   90.000
#
_symmetry.space_group_name_H-M   'C 1 2 1'
#
loop_
_entity.id
_entity.type
_entity.pdbx_description
1 polymer Neuraminidase
2 branched alpha-D-mannopyranose-(1-2)-alpha-D-mannopyranose-(1-2)-alpha-D-mannopyranose-(1-3)-beta-D-mannopyranose-(1-4)-2-acetamido-2-deoxy-beta-D-glucopyranose-(1-4)-2-acetamido-2-deoxy-beta-D-glucopyranose
3 non-polymer '4-(2-HYDROXYETHYL)-1-PIPERAZINE ETHANESULFONIC ACID'
4 non-polymer 2-acetamido-2-deoxy-beta-D-glucopyranose
5 non-polymer 'CALCIUM ION'
6 water water
#
_entity_poly.entity_id   1
_entity_poly.type   'polypeptide(L)'
_entity_poly.pdbx_seq_one_letter_code
;MNPNQKIITIGSVSLIIATVCFLMQIAILVTTVTLHFKQHECDSPSSNQVMLCEPIIIERNITEIVYLNNTTIEKETCPK
LVEYRNWSKPQCKITGFAPFSKDNSIRLSAGGDIWVTREPYVSCDPGKCYQFALGQGTTLDNKHSNDTIHDRIPHRTLLM
NELGVPFHLGTRQVCIAWSSSSCHDGKAWLHVCVTGDDKNATASFIYDGRLVDSIGSWSQNILRTQESECVCINGTCTVV
MTDGSASGRADTRILFIEEGKIVHISPLSGSAQHVEECSCYPRYPDVRCICRDNWKGSNRPIVDINMKDYSIDSSYVCSG
LVGDTPRNDDRSSKSNCRNPNNERGNHGVKGWAFDNGNDVWMGRTISKDLRSGYETFKVIGGWSTPNSKSQINRQVIVDS
DNRSGYSGIFSVEGKSCINRCFYVELIRGREQETRVWWTSNSIVVFCGTSGTYGTGSWPDGANINFMPI
;
_entity_poly.pdbx_strand_id   A,B,C,D
#
# COMPACT_ATOMS: atom_id res chain seq x y z
N VAL A 82 6.10 10.84 -23.17
CA VAL A 82 5.91 11.96 -22.20
C VAL A 82 6.78 13.13 -22.62
N GLU A 83 6.30 14.35 -22.34
CA GLU A 83 6.95 15.59 -22.75
C GLU A 83 7.45 16.30 -21.50
N TYR A 84 8.51 17.10 -21.65
CA TYR A 84 8.95 17.97 -20.57
C TYR A 84 7.90 19.05 -20.30
N ARG A 85 7.77 19.43 -19.03
CA ARG A 85 6.93 20.55 -18.62
C ARG A 85 7.60 21.86 -19.02
N ASN A 86 6.79 22.80 -19.50
CA ASN A 86 7.27 24.14 -19.85
C ASN A 86 6.60 25.20 -18.98
N TRP A 87 5.44 24.87 -18.39
CA TRP A 87 4.67 25.82 -17.59
C TRP A 87 4.33 27.06 -18.42
N SER A 88 4.09 26.85 -19.72
CA SER A 88 3.94 27.95 -20.67
C SER A 88 2.47 28.29 -20.85
N LYS A 89 1.81 28.57 -19.73
CA LYS A 89 0.45 29.08 -19.69
C LYS A 89 0.47 30.31 -18.77
N PRO A 90 -0.49 31.25 -18.91
CA PRO A 90 -0.55 32.40 -17.99
C PRO A 90 -0.89 31.95 -16.58
N GLN A 91 -0.51 32.78 -15.60
CA GLN A 91 -0.91 32.57 -14.22
C GLN A 91 -2.43 32.68 -14.12
N CYS A 92 -3.05 31.78 -13.34
CA CYS A 92 -4.49 31.81 -13.15
C CYS A 92 -4.91 33.10 -12.45
N LYS A 93 -6.16 33.51 -12.72
CA LYS A 93 -6.83 34.53 -11.92
C LYS A 93 -6.91 34.05 -10.47
N ILE A 94 -6.57 34.95 -9.54
CA ILE A 94 -6.56 34.66 -8.11
C ILE A 94 -7.43 35.69 -7.41
N THR A 95 -8.47 35.21 -6.71
CA THR A 95 -9.30 36.05 -5.88
C THR A 95 -8.98 35.78 -4.41
N GLY A 96 -8.14 34.76 -4.19
CA GLY A 96 -7.80 34.25 -2.87
C GLY A 96 -7.50 32.75 -2.97
N PHE A 97 -7.71 32.03 -1.86
CA PHE A 97 -7.30 30.63 -1.78
C PHE A 97 -8.41 29.78 -1.18
N ALA A 98 -8.52 28.54 -1.68
CA ALA A 98 -9.51 27.59 -1.20
C ALA A 98 -8.82 26.39 -0.55
N PRO A 99 -9.44 25.76 0.47
CA PRO A 99 -8.84 24.59 1.14
C PRO A 99 -8.57 23.45 0.17
N PHE A 100 -7.43 22.77 0.36
CA PHE A 100 -6.99 21.74 -0.57
C PHE A 100 -6.69 20.43 0.14
N SER A 101 -5.89 20.49 1.23
CA SER A 101 -5.48 19.27 1.90
C SER A 101 -5.09 19.54 3.35
N LYS A 102 -5.20 18.51 4.20
CA LYS A 102 -4.76 18.56 5.59
C LYS A 102 -4.46 17.13 6.01
N ASP A 103 -3.37 16.92 6.78
CA ASP A 103 -2.96 15.56 7.02
C ASP A 103 -3.22 15.07 8.46
N ASN A 104 -3.39 16.00 9.42
CA ASN A 104 -3.78 15.63 10.78
C ASN A 104 -2.71 14.77 11.46
N SER A 105 -1.44 14.97 11.11
CA SER A 105 -0.35 14.07 11.47
C SER A 105 -0.23 13.86 12.98
N ILE A 106 -0.31 14.96 13.73
CA ILE A 106 -0.02 14.91 15.16
C ILE A 106 -1.19 14.28 15.90
N ARG A 107 -2.42 14.62 15.50
CA ARG A 107 -3.60 13.97 16.06
C ARG A 107 -3.50 12.46 15.89
N LEU A 108 -3.08 12.01 14.69
CA LEU A 108 -3.02 10.60 14.38
C LEU A 108 -1.90 9.91 15.16
N SER A 109 -0.83 10.67 15.44
CA SER A 109 0.36 10.18 16.13
C SER A 109 0.04 9.65 17.53
N ALA A 110 -1.08 10.12 18.09
CA ALA A 110 -1.51 9.76 19.44
C ALA A 110 -2.20 8.40 19.46
N GLY A 111 -2.43 7.83 18.27
CA GLY A 111 -3.10 6.55 18.14
C GLY A 111 -2.72 5.88 16.83
N GLY A 112 -1.42 5.72 16.64
CA GLY A 112 -0.88 5.12 15.43
C GLY A 112 0.60 5.45 15.28
N ASP A 113 1.27 4.70 14.41
CA ASP A 113 2.71 4.86 14.20
C ASP A 113 2.93 5.82 13.04
N ILE A 114 3.34 7.05 13.37
CA ILE A 114 3.49 8.13 12.41
C ILE A 114 4.89 8.73 12.58
N TRP A 115 5.54 9.03 11.45
CA TRP A 115 6.86 9.64 11.44
C TRP A 115 6.89 10.98 12.16
N VAL A 116 7.96 11.21 12.90
CA VAL A 116 8.35 12.55 13.33
C VAL A 116 8.99 13.25 12.14
N THR A 117 8.52 14.47 11.84
CA THR A 117 9.00 15.22 10.69
C THR A 117 9.22 16.68 11.05
N ARG A 118 9.80 17.41 10.09
CA ARG A 118 9.70 18.87 9.98
C ARG A 118 10.12 19.22 8.56
N GLU A 119 10.04 20.51 8.21
CA GLU A 119 10.37 21.03 6.89
C GLU A 119 9.60 20.29 5.80
N PRO A 120 8.25 20.27 5.85
CA PRO A 120 7.45 19.62 4.81
C PRO A 120 7.34 20.51 3.58
N TYR A 121 6.93 19.92 2.46
CA TYR A 121 6.52 20.68 1.29
C TYR A 121 5.64 19.82 0.40
N VAL A 122 5.12 20.44 -0.66
CA VAL A 122 4.25 19.79 -1.62
C VAL A 122 4.82 20.02 -3.01
N SER A 123 4.74 18.99 -3.85
CA SER A 123 5.08 19.10 -5.25
C SER A 123 4.26 18.07 -6.03
N CYS A 124 3.87 18.44 -7.25
CA CYS A 124 2.97 17.59 -8.01
C CYS A 124 3.64 17.16 -9.31
N ASP A 125 3.44 15.89 -9.69
CA ASP A 125 3.73 15.45 -11.04
C ASP A 125 2.57 15.92 -11.92
N PRO A 126 2.59 15.73 -13.26
CA PRO A 126 1.49 16.17 -14.12
C PRO A 126 0.10 15.68 -13.72
N GLY A 127 0.03 14.59 -12.94
CA GLY A 127 -1.24 13.96 -12.60
C GLY A 127 -1.70 14.23 -11.18
N LYS A 128 -0.78 14.17 -10.20
CA LYS A 128 -1.20 14.23 -8.81
C LYS A 128 -0.11 14.84 -7.94
N CYS A 129 -0.52 15.29 -6.75
CA CYS A 129 0.36 15.97 -5.82
C CYS A 129 0.87 15.02 -4.74
N TYR A 130 2.07 15.32 -4.26
CA TYR A 130 2.75 14.55 -3.23
C TYR A 130 3.13 15.46 -2.07
N GLN A 131 3.07 14.92 -0.85
CA GLN A 131 3.60 15.61 0.30
C GLN A 131 4.97 15.02 0.66
N PHE A 132 5.89 15.92 0.99
CA PHE A 132 7.26 15.58 1.35
C PHE A 132 7.54 16.15 2.74
N ALA A 133 8.50 15.54 3.45
CA ALA A 133 9.02 16.12 4.68
C ALA A 133 10.33 15.46 5.04
N LEU A 134 11.10 16.11 5.92
CA LEU A 134 12.30 15.48 6.45
C LEU A 134 11.93 14.71 7.72
N GLY A 135 12.03 13.38 7.62
CA GLY A 135 11.87 12.50 8.77
C GLY A 135 13.00 12.71 9.77
N GLN A 136 12.77 12.23 11.00
CA GLN A 136 13.77 12.27 12.06
C GLN A 136 14.20 10.84 12.40
N GLY A 137 13.94 9.91 11.48
CA GLY A 137 14.39 8.54 11.63
C GLY A 137 13.66 7.81 12.76
N THR A 138 12.45 8.26 13.06
CA THR A 138 11.69 7.72 14.17
C THR A 138 10.21 8.06 13.99
N THR A 139 9.36 7.25 14.63
CA THR A 139 7.97 7.60 14.83
C THR A 139 7.85 8.45 16.10
N LEU A 140 6.66 9.03 16.32
CA LEU A 140 6.45 9.94 17.44
C LEU A 140 6.30 9.14 18.74
N ASP A 141 5.44 8.12 18.73
CA ASP A 141 5.25 7.26 19.89
C ASP A 141 6.38 6.23 19.92
N ASN A 142 7.55 6.69 20.39
CA ASN A 142 8.83 6.02 20.20
C ASN A 142 9.85 6.80 21.02
N LYS A 143 10.63 6.10 21.85
CA LYS A 143 11.60 6.79 22.70
C LYS A 143 12.61 7.59 21.88
N HIS A 144 12.80 7.23 20.61
CA HIS A 144 13.74 7.94 19.75
C HIS A 144 13.21 9.32 19.35
N SER A 145 11.94 9.63 19.69
CA SER A 145 11.38 10.93 19.34
C SER A 145 11.91 12.01 20.29
N ASN A 146 12.52 11.59 21.40
CA ASN A 146 13.07 12.51 22.37
C ASN A 146 14.16 13.36 21.71
N ASP A 147 14.05 14.68 21.86
CA ASP A 147 15.08 15.63 21.46
C ASP A 147 15.23 15.70 19.94
N THR A 148 14.08 15.62 19.24
CA THR A 148 14.04 15.75 17.79
C THR A 148 13.97 17.22 17.37
N ILE A 149 14.26 18.13 18.31
CA ILE A 149 14.36 19.55 17.98
C ILE A 149 15.55 19.79 17.04
N HIS A 150 16.60 18.96 17.17
CA HIS A 150 17.82 19.16 16.40
C HIS A 150 17.54 19.03 14.90
N ASP A 151 18.14 19.95 14.14
CA ASP A 151 17.85 20.08 12.71
C ASP A 151 18.58 19.02 11.89
N ARG A 152 19.79 18.63 12.33
CA ARG A 152 20.64 17.79 11.49
C ARG A 152 21.14 16.58 12.27
N ILE A 153 20.68 15.40 11.85
CA ILE A 153 21.22 14.13 12.30
C ILE A 153 21.33 13.22 11.07
N PRO A 154 22.19 12.18 11.11
CA PRO A 154 22.40 11.32 9.94
C PRO A 154 21.18 10.48 9.56
N HIS A 155 20.18 10.44 10.45
CA HIS A 155 19.02 9.57 10.30
C HIS A 155 17.88 10.26 9.57
N ARG A 156 18.03 11.57 9.32
CA ARG A 156 17.01 12.29 8.58
C ARG A 156 17.00 11.81 7.13
N THR A 157 15.78 11.53 6.64
CA THR A 157 15.55 11.09 5.27
C THR A 157 14.35 11.84 4.71
N LEU A 158 14.34 12.02 3.39
CA LEU A 158 13.22 12.66 2.73
C LEU A 158 12.09 11.65 2.53
N LEU A 159 10.91 11.96 3.09
CA LEU A 159 9.72 11.13 2.95
C LEU A 159 8.86 11.67 1.82
N MET A 160 8.17 10.77 1.11
CA MET A 160 7.34 11.15 -0.02
C MET A 160 6.11 10.26 -0.09
N ASN A 161 4.92 10.87 0.11
CA ASN A 161 3.65 10.18 -0.02
C ASN A 161 2.74 10.98 -0.94
N GLU A 162 1.69 10.35 -1.48
CA GLU A 162 0.64 11.12 -2.12
C GLU A 162 0.08 12.12 -1.10
N LEU A 163 -0.26 13.31 -1.58
CA LEU A 163 -0.76 14.36 -0.70
C LEU A 163 -2.00 13.86 0.03
N GLY A 164 -1.99 14.01 1.37
CA GLY A 164 -3.12 13.59 2.19
C GLY A 164 -2.95 12.20 2.80
N VAL A 165 -1.95 11.45 2.32
CA VAL A 165 -1.57 10.21 2.98
C VAL A 165 -0.56 10.57 4.07
N PRO A 166 -0.90 10.40 5.36
CA PRO A 166 0.01 10.79 6.43
C PRO A 166 1.23 9.88 6.42
N PHE A 167 2.29 10.32 7.09
CA PHE A 167 3.56 9.59 7.06
C PHE A 167 3.51 8.37 7.99
N HIS A 168 2.89 7.30 7.48
CA HIS A 168 2.81 6.01 8.16
C HIS A 168 4.07 5.18 7.86
N LEU A 169 4.13 3.97 8.41
CA LEU A 169 5.35 3.16 8.35
C LEU A 169 5.60 2.61 6.94
N GLY A 170 4.62 2.72 6.05
CA GLY A 170 4.80 2.30 4.67
C GLY A 170 5.35 3.39 3.77
N THR A 171 5.68 4.56 4.36
CA THR A 171 6.17 5.71 3.60
C THR A 171 7.57 5.41 3.05
N ARG A 172 7.79 5.80 1.79
CA ARG A 172 9.11 5.63 1.18
C ARG A 172 10.03 6.77 1.62
N GLN A 173 11.23 6.38 2.08
CA GLN A 173 12.31 7.31 2.32
C GLN A 173 13.14 7.40 1.03
N VAL A 174 13.06 8.55 0.35
CA VAL A 174 13.53 8.71 -1.01
C VAL A 174 15.05 8.89 -1.05
N CYS A 175 15.62 9.48 0.01
CA CYS A 175 17.06 9.73 0.08
C CYS A 175 17.43 10.13 1.49
N ILE A 176 18.74 10.20 1.78
CA ILE A 176 19.23 10.70 3.06
C ILE A 176 19.32 12.21 2.96
N ALA A 177 18.68 12.92 3.90
CA ALA A 177 18.62 14.38 3.78
C ALA A 177 18.22 15.04 5.10
N TRP A 178 19.00 16.05 5.49
CA TRP A 178 18.57 17.01 6.50
C TRP A 178 18.27 18.37 5.88
N SER A 179 18.36 18.46 4.55
CA SER A 179 17.88 19.58 3.75
C SER A 179 17.55 19.04 2.36
N SER A 180 16.46 19.51 1.75
CA SER A 180 16.04 18.91 0.48
C SER A 180 15.26 19.88 -0.39
N SER A 181 15.16 19.50 -1.67
CA SER A 181 14.25 20.09 -2.66
C SER A 181 13.91 19.00 -3.67
N SER A 182 12.65 18.98 -4.14
CA SER A 182 12.21 18.01 -5.13
C SER A 182 11.37 18.69 -6.20
N CYS A 183 11.41 18.14 -7.42
CA CYS A 183 10.55 18.61 -8.49
C CYS A 183 10.47 17.58 -9.60
N HIS A 184 9.39 17.69 -10.39
CA HIS A 184 9.16 16.79 -11.51
C HIS A 184 9.24 17.58 -12.80
N ASP A 185 9.98 17.05 -13.79
CA ASP A 185 10.27 17.82 -14.99
C ASP A 185 9.27 17.50 -16.10
N GLY A 186 8.26 16.69 -15.79
CA GLY A 186 7.31 16.21 -16.78
C GLY A 186 7.53 14.74 -17.12
N LYS A 187 8.78 14.28 -16.97
CA LYS A 187 9.14 12.90 -17.26
C LYS A 187 9.45 12.14 -15.97
N ALA A 188 10.18 12.78 -15.04
CA ALA A 188 10.64 12.08 -13.84
C ALA A 188 10.90 13.06 -12.71
N TRP A 189 11.08 12.49 -11.50
CA TRP A 189 11.39 13.25 -10.29
C TRP A 189 12.89 13.50 -10.17
N LEU A 190 13.23 14.73 -9.79
CA LEU A 190 14.55 15.09 -9.28
C LEU A 190 14.44 15.32 -7.78
N HIS A 191 15.40 14.76 -7.03
CA HIS A 191 15.52 15.05 -5.61
C HIS A 191 16.93 15.57 -5.34
N VAL A 192 17.00 16.67 -4.60
CA VAL A 192 18.24 17.25 -4.14
C VAL A 192 18.30 17.03 -2.63
N CYS A 193 19.28 16.23 -2.18
CA CYS A 193 19.30 15.75 -0.80
C CYS A 193 20.67 16.02 -0.18
N VAL A 194 20.68 16.79 0.91
CA VAL A 194 21.91 17.17 1.58
C VAL A 194 22.02 16.45 2.93
N THR A 195 23.18 15.86 3.18
CA THR A 195 23.42 15.16 4.45
C THR A 195 24.90 15.22 4.79
N GLY A 196 25.26 14.70 5.96
CA GLY A 196 26.64 14.62 6.38
C GLY A 196 27.04 15.73 7.36
N ASP A 197 28.36 15.90 7.52
CA ASP A 197 28.95 16.80 8.49
C ASP A 197 28.58 18.25 8.15
N ASP A 198 28.35 19.06 9.20
CA ASP A 198 28.05 20.47 9.04
C ASP A 198 29.12 21.16 8.19
N LYS A 199 30.40 20.83 8.43
CA LYS A 199 31.50 21.54 7.80
C LYS A 199 31.90 20.91 6.46
N ASN A 200 31.22 19.83 6.05
CA ASN A 200 31.63 19.11 4.86
C ASN A 200 30.48 18.25 4.36
N ALA A 201 29.34 18.87 4.05
CA ALA A 201 28.15 18.13 3.64
C ALA A 201 28.26 17.68 2.18
N THR A 202 27.41 16.71 1.82
CA THR A 202 27.26 16.24 0.45
C THR A 202 25.82 16.44 0.01
N ALA A 203 25.65 17.02 -1.19
CA ALA A 203 24.35 17.03 -1.84
C ALA A 203 24.32 15.96 -2.94
N SER A 204 23.34 15.06 -2.85
CA SER A 204 23.10 14.05 -3.88
C SER A 204 21.98 14.54 -4.80
N PHE A 205 22.14 14.25 -6.09
CA PHE A 205 21.15 14.58 -7.10
C PHE A 205 20.63 13.28 -7.69
N ILE A 206 19.37 12.98 -7.36
CA ILE A 206 18.74 11.72 -7.75
C ILE A 206 17.64 12.04 -8.76
N TYR A 207 17.70 11.37 -9.91
CA TYR A 207 16.74 11.62 -10.98
C TYR A 207 16.28 10.28 -11.55
N ASP A 208 14.95 10.13 -11.70
CA ASP A 208 14.36 8.94 -12.28
C ASP A 208 14.86 7.70 -11.53
N GLY A 209 15.02 7.84 -10.21
CA GLY A 209 15.30 6.73 -9.32
C GLY A 209 16.77 6.32 -9.28
N ARG A 210 17.67 7.16 -9.78
CA ARG A 210 19.09 6.84 -9.72
C ARG A 210 19.92 8.07 -9.39
N LEU A 211 21.06 7.84 -8.73
CA LEU A 211 21.98 8.93 -8.42
C LEU A 211 22.73 9.32 -9.69
N VAL A 212 22.65 10.61 -10.04
CA VAL A 212 23.23 11.11 -11.28
C VAL A 212 24.42 12.02 -10.99
N ASP A 213 24.37 12.76 -9.88
CA ASP A 213 25.42 13.71 -9.57
C ASP A 213 25.51 13.93 -8.07
N SER A 214 26.61 14.57 -7.64
CA SER A 214 26.77 15.02 -6.26
C SER A 214 27.72 16.20 -6.24
N ILE A 215 27.56 17.06 -5.21
CA ILE A 215 28.51 18.14 -5.00
C ILE A 215 28.80 18.25 -3.50
N GLY A 216 30.04 18.60 -3.19
CA GLY A 216 30.45 18.84 -1.82
C GLY A 216 30.27 20.31 -1.44
N SER A 217 30.32 20.56 -0.12
CA SER A 217 30.21 21.89 0.47
C SER A 217 31.28 22.82 -0.11
N TRP A 218 30.89 24.05 -0.45
CA TRP A 218 31.82 25.01 -1.02
C TRP A 218 32.27 26.05 0.01
N SER A 219 31.55 26.19 1.12
CA SER A 219 31.88 27.18 2.14
C SER A 219 32.11 26.54 3.51
N GLN A 220 31.98 25.21 3.58
CA GLN A 220 32.26 24.43 4.78
C GLN A 220 31.40 24.89 5.95
N ASN A 221 30.14 25.25 5.67
CA ASN A 221 29.27 25.79 6.71
C ASN A 221 27.80 25.52 6.35
N ILE A 222 27.40 24.25 6.48
CA ILE A 222 26.04 23.77 6.33
C ILE A 222 25.48 24.10 4.94
N LEU A 223 26.01 23.42 3.92
CA LEU A 223 25.39 23.42 2.60
C LEU A 223 23.92 23.06 2.77
N ARG A 224 23.02 23.81 2.11
CA ARG A 224 21.60 23.69 2.41
C ARG A 224 20.78 24.21 1.23
N THR A 225 19.48 23.86 1.20
CA THR A 225 18.64 24.20 0.06
C THR A 225 17.23 24.62 0.49
N GLN A 226 16.27 24.51 -0.43
CA GLN A 226 15.02 25.27 -0.40
C GLN A 226 14.04 24.81 0.68
N GLU A 227 13.95 23.49 0.90
CA GLU A 227 12.89 22.89 1.70
C GLU A 227 11.53 23.08 1.05
N SER A 228 11.52 23.26 -0.28
CA SER A 228 10.30 23.26 -1.07
C SER A 228 10.63 22.91 -2.51
N GLU A 229 9.61 22.90 -3.38
CA GLU A 229 9.81 22.35 -4.72
C GLU A 229 10.78 23.20 -5.53
N CYS A 230 11.63 22.51 -6.30
CA CYS A 230 12.39 23.15 -7.36
C CYS A 230 11.47 23.32 -8.58
N VAL A 231 12.02 23.90 -9.66
CA VAL A 231 11.21 24.21 -10.84
C VAL A 231 11.98 23.80 -12.09
N CYS A 232 11.29 23.11 -13.00
CA CYS A 232 11.88 22.65 -14.25
C CYS A 232 11.11 23.25 -15.43
N ILE A 233 11.85 23.78 -16.41
CA ILE A 233 11.28 24.23 -17.67
C ILE A 233 12.09 23.62 -18.81
N ASN A 234 11.40 22.89 -19.70
CA ASN A 234 11.99 22.36 -20.92
C ASN A 234 13.16 21.42 -20.59
N GLY A 235 13.06 20.69 -19.47
CA GLY A 235 14.05 19.68 -19.14
C GLY A 235 15.21 20.20 -18.29
N THR A 236 15.23 21.52 -18.03
CA THR A 236 16.24 22.09 -17.14
C THR A 236 15.57 22.46 -15.81
N CYS A 237 16.07 21.86 -14.72
CA CYS A 237 15.57 22.17 -13.40
C CYS A 237 16.54 23.12 -12.70
N THR A 238 15.99 24.03 -11.90
CA THR A 238 16.82 24.97 -11.16
C THR A 238 16.54 24.85 -9.67
N VAL A 239 17.59 24.99 -8.86
CA VAL A 239 17.49 24.94 -7.41
C VAL A 239 18.48 25.93 -6.81
N VAL A 240 18.05 26.60 -5.73
CA VAL A 240 18.87 27.56 -5.02
C VAL A 240 19.47 26.88 -3.79
N MET A 241 20.77 27.06 -3.59
CA MET A 241 21.48 26.47 -2.46
C MET A 241 22.35 27.55 -1.81
N THR A 242 22.53 27.42 -0.49
CA THR A 242 23.36 28.34 0.28
C THR A 242 24.37 27.54 1.08
N ASP A 243 25.57 28.14 1.26
CA ASP A 243 26.59 27.58 2.12
C ASP A 243 27.28 28.76 2.80
N GLY A 244 27.43 28.69 4.12
CA GLY A 244 28.06 29.78 4.87
C GLY A 244 27.19 30.30 6.00
N SER A 245 27.53 31.49 6.50
CA SER A 245 26.96 32.05 7.72
C SER A 245 25.44 32.23 7.59
N ALA A 246 24.74 32.05 8.71
CA ALA A 246 23.31 32.36 8.80
C ALA A 246 23.10 33.76 9.36
N SER A 247 24.20 34.46 9.67
CA SER A 247 24.12 35.76 10.33
C SER A 247 25.12 36.75 9.72
N GLY A 248 25.44 36.54 8.44
CA GLY A 248 26.36 37.38 7.71
C GLY A 248 26.44 36.94 6.25
N ARG A 249 27.33 37.58 5.49
CA ARG A 249 27.55 37.27 4.09
C ARG A 249 27.73 35.76 3.93
N ALA A 250 26.95 35.16 3.02
CA ALA A 250 27.05 33.75 2.71
C ALA A 250 27.23 33.55 1.21
N ASP A 251 27.41 32.29 0.79
CA ASP A 251 27.70 31.96 -0.60
C ASP A 251 26.51 31.19 -1.16
N THR A 252 25.62 31.92 -1.85
CA THR A 252 24.42 31.36 -2.47
C THR A 252 24.69 31.10 -3.95
N ARG A 253 24.28 29.92 -4.41
CA ARG A 253 24.49 29.51 -5.80
C ARG A 253 23.19 28.93 -6.36
N ILE A 254 22.99 29.15 -7.66
CA ILE A 254 21.83 28.64 -8.37
C ILE A 254 22.30 27.57 -9.34
N LEU A 255 21.81 26.33 -9.13
CA LEU A 255 22.22 25.20 -9.94
C LEU A 255 21.20 24.97 -11.05
N PHE A 256 21.71 24.54 -12.21
CA PHE A 256 20.90 24.15 -13.35
C PHE A 256 21.20 22.69 -13.66
N ILE A 257 20.13 21.88 -13.69
CA ILE A 257 20.25 20.43 -13.64
C ILE A 257 19.39 19.82 -14.75
N GLU A 258 20.01 18.95 -15.54
CA GLU A 258 19.32 18.29 -16.64
C GLU A 258 19.42 16.78 -16.46
N GLU A 259 18.25 16.15 -16.27
CA GLU A 259 18.16 14.72 -16.01
C GLU A 259 19.12 14.33 -14.89
N GLY A 260 19.22 15.18 -13.87
CA GLY A 260 19.97 14.86 -12.67
C GLY A 260 21.42 15.35 -12.71
N LYS A 261 21.89 15.78 -13.88
CA LYS A 261 23.27 16.20 -14.05
C LYS A 261 23.37 17.72 -13.95
N ILE A 262 24.29 18.21 -13.10
CA ILE A 262 24.51 19.64 -12.99
C ILE A 262 25.22 20.12 -14.26
N VAL A 263 24.59 21.06 -14.98
CA VAL A 263 25.13 21.54 -16.25
C VAL A 263 25.70 22.96 -16.10
N HIS A 264 25.30 23.67 -15.04
CA HIS A 264 25.76 25.03 -14.82
C HIS A 264 25.48 25.46 -13.39
N ILE A 265 26.38 26.27 -12.83
CA ILE A 265 26.20 26.88 -11.52
C ILE A 265 26.46 28.37 -11.62
N SER A 266 25.48 29.18 -11.18
CA SER A 266 25.58 30.63 -11.19
C SER A 266 25.65 31.16 -9.77
N PRO A 267 26.56 32.11 -9.47
CA PRO A 267 26.55 32.78 -8.17
C PRO A 267 25.35 33.71 -8.07
N LEU A 268 24.86 33.91 -6.84
CA LEU A 268 23.84 34.92 -6.60
C LEU A 268 24.40 36.28 -7.02
N SER A 269 23.55 37.07 -7.68
CA SER A 269 23.86 38.43 -8.08
C SER A 269 22.67 39.33 -7.75
N GLY A 270 22.88 40.64 -7.73
CA GLY A 270 21.81 41.58 -7.41
C GLY A 270 21.99 42.18 -6.01
N SER A 271 20.88 42.64 -5.41
CA SER A 271 20.98 43.40 -4.17
C SER A 271 20.49 42.61 -2.95
N ALA A 272 20.05 41.35 -3.13
CA ALA A 272 19.73 40.53 -1.98
C ALA A 272 21.01 40.19 -1.22
N GLN A 273 21.01 40.44 0.10
CA GLN A 273 22.23 40.34 0.87
C GLN A 273 22.33 39.04 1.66
N HIS A 274 21.19 38.34 1.80
CA HIS A 274 21.19 37.05 2.46
C HIS A 274 19.99 36.25 1.98
N VAL A 275 20.23 35.02 1.50
CA VAL A 275 19.22 34.23 0.84
C VAL A 275 19.20 32.82 1.41
N GLU A 276 18.04 32.45 1.98
CA GLU A 276 17.80 31.12 2.56
C GLU A 276 16.44 30.60 2.10
N GLU A 277 16.33 29.28 1.96
CA GLU A 277 15.07 28.56 1.94
C GLU A 277 14.10 29.16 0.91
N CYS A 278 14.55 29.23 -0.35
CA CYS A 278 13.77 29.89 -1.38
C CYS A 278 12.51 29.09 -1.72
N SER A 279 11.41 29.84 -1.91
CA SER A 279 10.15 29.32 -2.43
C SER A 279 10.01 29.80 -3.88
N CYS A 280 10.17 28.87 -4.83
CA CYS A 280 10.34 29.24 -6.22
C CYS A 280 9.13 28.78 -7.03
N TYR A 281 8.89 29.48 -8.13
CA TYR A 281 7.77 29.16 -9.01
C TYR A 281 8.13 29.46 -10.47
N PRO A 282 7.56 28.73 -11.44
CA PRO A 282 7.75 29.05 -12.85
C PRO A 282 7.04 30.34 -13.21
N ARG A 283 7.76 31.20 -13.93
CA ARG A 283 7.21 32.40 -14.54
C ARG A 283 7.75 32.45 -15.97
N TYR A 284 7.15 31.61 -16.82
CA TYR A 284 7.69 31.24 -18.12
C TYR A 284 8.16 32.48 -18.88
N PRO A 285 9.37 32.49 -19.48
CA PRO A 285 10.25 31.32 -19.53
C PRO A 285 11.25 31.15 -18.38
N ASP A 286 11.07 31.93 -17.30
CA ASP A 286 12.05 32.01 -16.23
C ASP A 286 11.48 31.44 -14.93
N VAL A 287 12.29 31.51 -13.86
CA VAL A 287 11.90 31.07 -12.54
C VAL A 287 12.09 32.22 -11.56
N ARG A 288 11.16 32.36 -10.61
CA ARG A 288 11.20 33.42 -9.62
C ARG A 288 11.08 32.80 -8.23
N CYS A 289 11.91 33.29 -7.30
CA CYS A 289 11.94 32.76 -5.94
C CYS A 289 11.75 33.89 -4.93
N ILE A 290 10.95 33.62 -3.89
CA ILE A 290 10.86 34.50 -2.74
C ILE A 290 11.40 33.74 -1.53
N CYS A 291 12.35 34.37 -0.82
CA CYS A 291 13.21 33.64 0.09
C CYS A 291 13.18 34.26 1.49
N ARG A 292 14.16 33.86 2.31
CA ARG A 292 14.30 34.30 3.68
C ARG A 292 15.67 34.94 3.85
N ASP A 293 15.68 36.19 4.34
CA ASP A 293 16.90 36.87 4.73
C ASP A 293 17.06 36.69 6.23
N ASN A 294 18.13 36.00 6.64
CA ASN A 294 18.29 35.59 8.02
C ASN A 294 19.18 36.58 8.78
N TRP A 295 19.62 37.63 8.08
CA TRP A 295 20.68 38.50 8.56
C TRP A 295 20.15 39.90 8.89
N LYS A 296 19.85 40.70 7.88
CA LYS A 296 19.50 42.10 8.13
C LYS A 296 18.06 42.43 7.70
N GLY A 297 17.35 41.49 7.08
CA GLY A 297 16.04 41.81 6.51
C GLY A 297 14.89 41.05 7.16
N SER A 298 13.81 41.78 7.45
CA SER A 298 12.51 41.16 7.72
C SER A 298 11.59 41.29 6.50
N ASN A 299 12.06 42.05 5.49
CA ASN A 299 11.50 41.96 4.16
C ASN A 299 12.11 40.75 3.46
N ARG A 300 11.36 40.13 2.53
CA ARG A 300 11.78 38.89 1.91
C ARG A 300 12.55 39.17 0.62
N PRO A 301 13.73 38.53 0.42
CA PRO A 301 14.46 38.64 -0.85
C PRO A 301 13.71 37.97 -2.00
N ILE A 302 13.97 38.49 -3.21
CA ILE A 302 13.52 37.87 -4.45
C ILE A 302 14.78 37.46 -5.22
N VAL A 303 14.75 36.26 -5.80
CA VAL A 303 15.79 35.83 -6.73
C VAL A 303 15.12 35.51 -8.06
N ASP A 304 15.58 36.18 -9.12
CA ASP A 304 15.10 35.93 -10.46
C ASP A 304 16.14 35.14 -11.24
N ILE A 305 15.70 34.04 -11.85
CA ILE A 305 16.59 33.11 -12.52
C ILE A 305 16.27 33.08 -14.01
N ASN A 306 17.23 33.55 -14.82
CA ASN A 306 17.10 33.52 -16.26
C ASN A 306 17.48 32.14 -16.78
N MET A 307 16.51 31.41 -17.33
CA MET A 307 16.70 30.01 -17.67
C MET A 307 17.38 29.86 -19.03
N LYS A 308 17.50 30.97 -19.77
CA LYS A 308 18.12 30.97 -21.09
C LYS A 308 19.63 31.13 -20.96
N ASP A 309 20.08 32.13 -20.19
CA ASP A 309 21.50 32.48 -20.16
C ASP A 309 22.10 32.29 -18.76
N TYR A 310 21.29 31.81 -17.81
CA TYR A 310 21.74 31.45 -16.46
C TYR A 310 22.09 32.68 -15.62
N SER A 311 21.74 33.89 -16.10
CA SER A 311 21.98 35.10 -15.32
C SER A 311 21.01 35.18 -14.15
N ILE A 312 21.44 35.89 -13.10
CA ILE A 312 20.71 35.96 -11.84
C ILE A 312 20.54 37.43 -11.46
N ASP A 313 19.35 37.77 -10.97
CA ASP A 313 19.08 39.07 -10.37
C ASP A 313 18.44 38.82 -9.01
N SER A 314 18.50 39.82 -8.13
CA SER A 314 17.88 39.70 -6.82
C SER A 314 17.60 41.08 -6.23
N SER A 315 16.57 41.11 -5.38
CA SER A 315 16.12 42.33 -4.71
C SER A 315 15.24 41.91 -3.54
N TYR A 316 14.31 42.78 -3.12
CA TYR A 316 13.40 42.47 -2.03
C TYR A 316 11.96 42.80 -2.43
N VAL A 317 11.01 42.04 -1.87
CA VAL A 317 9.60 42.32 -2.09
C VAL A 317 9.31 43.76 -1.67
N CYS A 318 8.63 44.51 -2.55
CA CYS A 318 8.39 45.94 -2.37
C CYS A 318 7.48 46.21 -1.18
N SER A 319 6.53 45.32 -0.92
CA SER A 319 5.48 45.52 0.07
C SER A 319 6.04 46.02 1.40
N GLY A 320 5.42 47.09 1.92
CA GLY A 320 5.70 47.59 3.25
C GLY A 320 5.12 46.69 4.35
N LEU A 321 4.15 45.85 3.97
CA LEU A 321 3.73 44.75 4.83
C LEU A 321 4.66 43.57 4.55
N VAL A 322 5.59 43.32 5.47
CA VAL A 322 6.69 42.41 5.20
C VAL A 322 6.32 40.99 5.63
N GLY A 323 7.06 40.00 5.10
CA GLY A 323 6.63 38.62 5.13
C GLY A 323 7.39 37.73 6.14
N ASP A 324 8.49 38.25 6.71
CA ASP A 324 9.34 37.44 7.58
C ASP A 324 8.82 37.48 9.01
N THR A 325 9.35 36.57 9.83
CA THR A 325 9.15 36.58 11.28
C THR A 325 10.50 36.27 11.93
N PRO A 326 11.05 37.13 12.82
CA PRO A 326 10.38 38.33 13.30
C PRO A 326 10.35 39.52 12.34
N ARG A 327 9.56 40.54 12.70
CA ARG A 327 9.42 41.75 11.93
C ARG A 327 8.83 42.84 12.83
N ASN A 328 8.86 44.09 12.36
CA ASN A 328 8.19 45.19 13.04
C ASN A 328 6.69 45.08 12.80
N ASP A 329 5.91 45.83 13.59
CA ASP A 329 4.46 45.90 13.39
C ASP A 329 4.17 46.60 12.06
N ASP A 330 2.92 46.46 11.60
CA ASP A 330 2.51 46.95 10.28
C ASP A 330 2.68 48.47 10.19
N ARG A 331 2.61 49.15 11.34
CA ARG A 331 2.69 50.61 11.35
C ARG A 331 4.12 51.05 11.03
N SER A 332 5.11 50.30 11.52
CA SER A 332 6.49 50.77 11.49
C SER A 332 7.38 49.92 10.58
N SER A 333 6.79 48.99 9.82
CA SER A 333 7.57 48.15 8.93
C SER A 333 7.84 48.87 7.60
N LYS A 334 8.95 48.53 6.94
CA LYS A 334 9.32 49.17 5.69
C LYS A 334 9.99 48.18 4.75
N SER A 335 9.88 48.45 3.44
CA SER A 335 10.73 47.86 2.42
C SER A 335 10.90 48.86 1.28
N ASN A 336 12.12 48.97 0.75
CA ASN A 336 12.42 49.87 -0.36
C ASN A 336 12.64 49.11 -1.66
N CYS A 337 12.34 47.80 -1.66
CA CYS A 337 12.46 46.90 -2.80
C CYS A 337 13.91 46.48 -3.07
N ARG A 338 14.88 47.16 -2.45
CA ARG A 338 16.26 47.01 -2.88
C ARG A 338 17.14 46.41 -1.79
N ASN A 339 16.95 46.87 -0.54
CA ASN A 339 17.87 46.58 0.53
C ASN A 339 17.16 45.85 1.66
N PRO A 340 17.88 45.06 2.49
CA PRO A 340 17.31 44.52 3.72
C PRO A 340 16.94 45.72 4.61
N ASN A 341 15.80 45.62 5.30
CA ASN A 341 15.20 46.79 5.93
C ASN A 341 15.86 47.12 7.27
N ASN A 342 16.69 46.21 7.79
CA ASN A 342 17.36 46.40 9.07
C ASN A 342 16.34 46.56 10.20
N GLU A 343 15.21 45.86 10.07
CA GLU A 343 14.15 45.86 11.07
C GLU A 343 13.98 44.44 11.60
N ARG A 344 14.51 44.19 12.80
CA ARG A 344 14.51 42.86 13.39
C ARG A 344 14.91 41.83 12.34
N GLY A 345 16.00 42.13 11.61
CA GLY A 345 16.39 41.37 10.45
C GLY A 345 16.89 39.96 10.80
N ASN A 346 17.54 39.83 11.96
CA ASN A 346 18.14 38.57 12.37
C ASN A 346 17.05 37.51 12.51
N HIS A 347 17.41 36.28 12.13
CA HIS A 347 16.50 35.14 12.14
C HIS A 347 15.46 35.31 11.05
N GLY A 348 14.44 34.44 11.07
CA GLY A 348 13.41 34.44 10.04
C GLY A 348 12.65 33.13 10.03
N VAL A 349 11.82 32.97 9.00
CA VAL A 349 11.06 31.75 8.77
C VAL A 349 10.89 31.60 7.26
N LYS A 350 10.91 30.35 6.78
CA LYS A 350 10.66 30.14 5.37
C LYS A 350 9.23 30.55 5.04
N GLY A 351 9.08 31.27 3.92
CA GLY A 351 7.77 31.70 3.46
C GLY A 351 7.74 31.93 1.95
N TRP A 352 6.70 32.62 1.49
CA TRP A 352 6.46 32.74 0.06
C TRP A 352 5.68 34.01 -0.26
N ALA A 353 5.72 34.38 -1.53
CA ALA A 353 4.89 35.41 -2.14
C ALA A 353 4.93 35.18 -3.65
N PHE A 354 3.96 35.76 -4.37
CA PHE A 354 4.04 35.75 -5.82
C PHE A 354 3.40 37.01 -6.39
N ASP A 355 3.86 37.39 -7.59
CA ASP A 355 3.46 38.63 -8.22
C ASP A 355 2.20 38.41 -9.06
N ASN A 356 1.33 39.42 -9.08
CA ASN A 356 0.38 39.57 -10.16
C ASN A 356 0.37 41.03 -10.60
N GLY A 357 1.03 41.28 -11.72
CA GLY A 357 1.26 42.65 -12.18
C GLY A 357 1.96 43.47 -11.10
N ASN A 358 1.31 44.55 -10.66
CA ASN A 358 1.87 45.47 -9.69
C ASN A 358 1.57 45.00 -8.26
N ASP A 359 0.73 43.97 -8.13
CA ASP A 359 0.27 43.52 -6.83
C ASP A 359 1.04 42.28 -6.41
N VAL A 360 1.03 41.98 -5.10
CA VAL A 360 1.66 40.78 -4.58
C VAL A 360 0.66 40.04 -3.71
N TRP A 361 0.59 38.71 -3.90
CA TRP A 361 -0.07 37.80 -2.99
C TRP A 361 0.99 37.22 -2.07
N MET A 362 0.73 37.23 -0.75
CA MET A 362 1.73 36.75 0.19
C MET A 362 1.05 36.13 1.41
N GLY A 363 1.79 35.21 2.04
CA GLY A 363 1.45 34.67 3.34
C GLY A 363 2.47 35.11 4.39
N ARG A 364 2.06 35.04 5.66
CA ARG A 364 2.96 35.27 6.77
C ARG A 364 2.30 34.77 8.05
N THR A 365 3.11 34.58 9.09
CA THR A 365 2.59 34.30 10.42
C THR A 365 1.79 35.52 10.88
N ILE A 366 0.76 35.29 11.68
CA ILE A 366 -0.03 36.42 12.15
C ILE A 366 0.77 37.19 13.21
N SER A 367 1.45 36.44 14.08
CA SER A 367 2.35 37.02 15.06
C SER A 367 3.57 37.61 14.36
N LYS A 368 4.00 38.78 14.82
CA LYS A 368 5.21 39.41 14.30
C LYS A 368 6.45 38.88 15.03
N ASP A 369 6.23 38.10 16.10
CA ASP A 369 7.28 37.67 17.01
C ASP A 369 7.58 36.18 16.86
N LEU A 370 6.50 35.38 16.78
CA LEU A 370 6.60 33.93 16.86
C LEU A 370 5.94 33.29 15.64
N ARG A 371 6.20 31.99 15.45
CA ARG A 371 5.60 31.23 14.36
C ARG A 371 4.20 30.78 14.78
N SER A 372 3.31 31.77 14.94
CA SER A 372 1.97 31.55 15.43
C SER A 372 0.97 32.22 14.48
N GLY A 373 -0.09 31.48 14.15
CA GLY A 373 -1.08 31.95 13.20
C GLY A 373 -0.54 31.97 11.77
N TYR A 374 -1.44 32.04 10.80
CA TYR A 374 -1.07 32.19 9.41
C TYR A 374 -2.18 32.91 8.65
N GLU A 375 -1.78 33.93 7.88
CA GLU A 375 -2.71 34.74 7.10
C GLU A 375 -2.16 34.93 5.70
N THR A 376 -3.08 35.09 4.73
CA THR A 376 -2.74 35.47 3.37
C THR A 376 -3.50 36.74 3.02
N PHE A 377 -2.94 37.51 2.08
CA PHE A 377 -3.62 38.71 1.57
C PHE A 377 -2.92 39.18 0.31
N LYS A 378 -3.60 40.07 -0.42
CA LYS A 378 -3.02 40.78 -1.53
C LYS A 378 -2.63 42.18 -1.06
N VAL A 379 -1.44 42.64 -1.46
CA VAL A 379 -1.05 44.02 -1.22
C VAL A 379 -1.11 44.75 -2.56
N ILE A 380 -2.01 45.74 -2.63
CA ILE A 380 -2.18 46.55 -3.84
C ILE A 380 -0.92 47.38 -4.04
N GLY A 381 -0.28 47.18 -5.20
CA GLY A 381 0.96 47.85 -5.54
C GLY A 381 2.16 47.23 -4.82
N GLY A 382 1.93 46.09 -4.17
CA GLY A 382 2.93 45.47 -3.30
C GLY A 382 4.08 44.82 -4.05
N TRP A 383 3.95 44.67 -5.37
CA TRP A 383 5.05 44.13 -6.16
C TRP A 383 5.94 45.26 -6.70
N SER A 384 5.35 46.41 -7.01
CA SER A 384 6.08 47.41 -7.80
C SER A 384 6.23 48.75 -7.07
N THR A 385 5.41 49.00 -6.04
CA THR A 385 5.48 50.26 -5.29
C THR A 385 6.18 50.02 -3.96
N PRO A 386 7.35 50.67 -3.72
CA PRO A 386 8.05 50.55 -2.44
C PRO A 386 7.14 50.97 -1.28
N ASN A 387 7.11 50.14 -0.24
CA ASN A 387 6.52 50.47 1.05
C ASN A 387 4.99 50.50 1.01
N SER A 388 4.40 49.87 -0.02
CA SER A 388 2.95 49.81 -0.17
C SER A 388 2.35 48.99 0.97
N LYS A 389 1.22 49.47 1.53
CA LYS A 389 0.65 48.82 2.71
C LYS A 389 -0.88 48.68 2.58
N SER A 390 -1.41 48.86 1.37
CA SER A 390 -2.84 48.72 1.15
C SER A 390 -3.17 47.25 0.89
N GLN A 391 -3.65 46.55 1.92
CA GLN A 391 -3.99 45.15 1.74
C GLN A 391 -5.49 44.98 1.49
N ILE A 392 -5.83 43.84 0.88
CA ILE A 392 -7.19 43.42 0.61
C ILE A 392 -7.20 41.90 0.51
N ASN A 393 -8.39 41.30 0.61
CA ASN A 393 -8.59 39.88 0.41
C ASN A 393 -7.83 39.06 1.46
N ARG A 394 -7.79 39.55 2.70
CA ARG A 394 -7.17 38.80 3.78
C ARG A 394 -7.98 37.52 4.01
N GLN A 395 -7.25 36.44 4.30
CA GLN A 395 -7.84 35.20 4.80
C GLN A 395 -6.98 34.66 5.94
N VAL A 396 -7.65 34.22 7.00
CA VAL A 396 -7.00 33.47 8.07
C VAL A 396 -6.91 32.02 7.64
N ILE A 397 -5.71 31.45 7.68
CA ILE A 397 -5.51 30.04 7.39
C ILE A 397 -5.41 29.29 8.71
N VAL A 398 -4.63 29.86 9.64
CA VAL A 398 -4.49 29.33 10.98
C VAL A 398 -4.66 30.51 11.94
N ASP A 399 -5.61 30.41 12.86
CA ASP A 399 -5.86 31.51 13.79
C ASP A 399 -4.65 31.71 14.70
N SER A 400 -4.59 32.90 15.31
CA SER A 400 -3.40 33.37 16.01
C SER A 400 -3.18 32.65 17.34
N ASP A 401 -4.17 31.85 17.76
CA ASP A 401 -4.04 31.07 18.99
C ASP A 401 -3.33 29.75 18.74
N ASN A 402 -3.00 29.49 17.46
CA ASN A 402 -2.47 28.18 17.08
C ASN A 402 -1.11 28.34 16.40
N ARG A 403 -0.31 27.27 16.42
CA ARG A 403 1.04 27.31 15.91
C ARG A 403 1.06 27.13 14.39
N SER A 404 1.97 27.86 13.73
CA SER A 404 2.31 27.59 12.34
C SER A 404 3.76 27.13 12.25
N GLY A 405 4.51 27.70 11.30
CA GLY A 405 5.84 27.23 11.00
C GLY A 405 6.25 27.66 9.60
N TYR A 406 7.06 26.84 8.92
CA TYR A 406 7.47 27.11 7.56
C TYR A 406 6.26 27.10 6.63
N SER A 407 6.37 27.84 5.52
CA SER A 407 5.39 27.79 4.46
C SER A 407 6.10 27.94 3.13
N GLY A 408 5.48 27.46 2.06
CA GLY A 408 6.10 27.50 0.75
C GLY A 408 5.07 27.40 -0.37
N ILE A 409 5.52 27.74 -1.58
CA ILE A 409 4.67 27.76 -2.75
C ILE A 409 4.87 26.46 -3.54
N PHE A 410 3.83 26.05 -4.25
CA PHE A 410 3.95 25.11 -5.34
C PHE A 410 2.99 25.52 -6.45
N SER A 411 3.26 25.06 -7.67
CA SER A 411 2.48 25.46 -8.83
C SER A 411 1.86 24.23 -9.47
N VAL A 412 0.61 24.40 -9.96
CA VAL A 412 -0.16 23.30 -10.50
C VAL A 412 -0.74 23.73 -11.84
N GLU A 413 -0.49 22.93 -12.87
CA GLU A 413 -0.92 23.25 -14.22
C GLU A 413 -2.38 22.86 -14.39
N GLY A 414 -3.20 23.85 -14.78
CA GLY A 414 -4.58 23.62 -15.12
C GLY A 414 -4.75 23.58 -16.63
N LYS A 415 -6.01 23.55 -17.09
CA LYS A 415 -6.32 23.44 -18.51
C LYS A 415 -5.72 24.61 -19.28
N SER A 416 -5.89 25.83 -18.75
N SER A 416 -5.89 25.83 -18.75
CA SER A 416 -5.56 27.03 -19.50
CA SER A 416 -5.58 27.04 -19.49
C SER A 416 -4.56 27.93 -18.76
C SER A 416 -4.73 28.03 -18.69
N CYS A 417 -4.34 27.66 -17.47
CA CYS A 417 -3.50 28.53 -16.66
C CYS A 417 -2.70 27.73 -15.62
N ILE A 418 -1.66 28.38 -15.09
CA ILE A 418 -0.84 27.82 -14.02
C ILE A 418 -1.31 28.42 -12.69
N ASN A 419 -1.71 27.54 -11.76
CA ASN A 419 -2.23 27.97 -10.48
C ASN A 419 -1.09 28.00 -9.46
N ARG A 420 -1.25 28.84 -8.43
CA ARG A 420 -0.33 28.93 -7.31
C ARG A 420 -1.04 28.41 -6.06
N CYS A 421 -0.35 27.51 -5.35
CA CYS A 421 -0.84 26.95 -4.10
C CYS A 421 0.24 27.11 -3.04
N PHE A 422 -0.12 26.86 -1.77
CA PHE A 422 0.87 26.91 -0.70
C PHE A 422 0.51 25.90 0.38
N TYR A 423 1.54 25.49 1.14
CA TYR A 423 1.35 24.67 2.33
C TYR A 423 1.83 25.47 3.53
N VAL A 424 1.30 25.11 4.71
CA VAL A 424 1.79 25.63 5.98
C VAL A 424 2.15 24.46 6.88
N GLU A 425 3.38 24.49 7.40
CA GLU A 425 3.86 23.57 8.41
C GLU A 425 3.30 24.00 9.77
N LEU A 426 2.68 23.05 10.47
CA LEU A 426 2.08 23.33 11.77
C LEU A 426 2.90 22.60 12.83
N ILE A 427 3.86 23.31 13.44
CA ILE A 427 4.85 22.71 14.33
C ILE A 427 4.24 22.49 15.71
N ARG A 428 4.50 21.31 16.28
CA ARG A 428 4.09 21.00 17.65
C ARG A 428 5.29 20.47 18.44
N GLY A 429 5.26 20.71 19.76
CA GLY A 429 6.25 20.15 20.66
C GLY A 429 7.31 21.17 21.08
N ARG A 430 8.50 20.67 21.45
CA ARG A 430 9.56 21.49 22.00
C ARG A 430 10.10 22.42 20.92
N GLU A 431 10.58 23.62 21.31
CA GLU A 431 10.81 24.02 22.70
C GLU A 431 9.56 24.62 23.34
N GLN A 432 8.62 25.11 22.52
CA GLN A 432 7.51 25.91 23.02
C GLN A 432 6.61 25.10 23.94
N GLU A 433 6.33 23.85 23.57
CA GLU A 433 5.42 22.98 24.30
C GLU A 433 6.23 21.89 25.02
N THR A 434 6.35 22.01 26.35
CA THR A 434 7.34 21.25 27.09
C THR A 434 6.77 19.98 27.73
N ARG A 435 5.45 19.76 27.61
CA ARG A 435 4.86 18.55 28.17
C ARG A 435 5.46 17.32 27.47
N VAL A 436 5.72 17.47 26.16
CA VAL A 436 6.28 16.41 25.35
C VAL A 436 7.76 16.70 25.13
N TRP A 437 8.51 15.69 24.65
CA TRP A 437 9.94 15.80 24.49
C TRP A 437 10.33 15.86 23.01
N TRP A 438 9.34 15.66 22.13
CA TRP A 438 9.58 15.61 20.70
C TRP A 438 9.24 16.95 20.04
N THR A 439 9.65 17.07 18.78
CA THR A 439 9.30 18.17 17.90
C THR A 439 8.86 17.57 16.57
N SER A 440 7.65 17.90 16.11
CA SER A 440 7.12 17.38 14.86
C SER A 440 6.19 18.40 14.22
N ASN A 441 5.47 18.00 13.18
CA ASN A 441 4.53 18.90 12.52
C ASN A 441 3.44 18.13 11.79
N SER A 442 2.33 18.84 11.54
CA SER A 442 1.38 18.44 10.50
C SER A 442 1.37 19.50 9.41
N ILE A 443 0.48 19.35 8.42
CA ILE A 443 0.41 20.30 7.32
C ILE A 443 -1.04 20.64 7.00
N VAL A 444 -1.22 21.85 6.48
CA VAL A 444 -2.46 22.25 5.82
C VAL A 444 -2.07 22.93 4.51
N VAL A 445 -2.92 22.77 3.48
CA VAL A 445 -2.58 23.14 2.12
C VAL A 445 -3.78 23.84 1.50
N PHE A 446 -3.52 24.96 0.83
CA PHE A 446 -4.55 25.75 0.15
C PHE A 446 -4.09 26.01 -1.29
N CYS A 447 -5.06 26.18 -2.20
CA CYS A 447 -4.75 26.46 -3.59
C CYS A 447 -5.48 27.72 -4.07
N GLY A 448 -4.83 28.45 -4.97
CA GLY A 448 -5.44 29.61 -5.60
C GLY A 448 -6.80 29.26 -6.19
N THR A 449 -7.73 30.22 -6.10
CA THR A 449 -9.05 30.06 -6.69
C THR A 449 -9.43 31.34 -7.45
N SER A 450 -10.19 31.16 -8.54
CA SER A 450 -10.78 32.28 -9.25
C SER A 450 -12.24 32.45 -8.80
N GLY A 451 -12.68 31.58 -7.90
CA GLY A 451 -14.05 31.56 -7.41
C GLY A 451 -14.21 32.35 -6.12
N THR A 452 -15.18 31.92 -5.30
CA THR A 452 -15.45 32.57 -4.03
C THR A 452 -15.21 31.59 -2.88
N TYR A 453 -15.26 32.10 -1.65
CA TYR A 453 -14.88 31.34 -0.47
C TYR A 453 -15.35 32.11 0.77
N GLY A 454 -15.31 31.43 1.92
CA GLY A 454 -15.71 32.02 3.18
C GLY A 454 -14.52 32.21 4.12
N THR A 455 -14.72 31.80 5.38
CA THR A 455 -13.71 31.97 6.42
C THR A 455 -13.62 30.69 7.24
N GLY A 456 -12.50 30.56 7.95
CA GLY A 456 -12.30 29.48 8.90
C GLY A 456 -10.90 29.54 9.50
N SER A 457 -10.52 28.42 10.13
CA SER A 457 -9.19 28.24 10.69
C SER A 457 -8.93 26.75 10.77
N TRP A 458 -7.76 26.33 10.26
CA TRP A 458 -7.45 24.92 10.14
C TRP A 458 -6.10 24.63 10.79
N PRO A 459 -6.04 24.67 12.15
CA PRO A 459 -4.78 24.46 12.86
C PRO A 459 -4.45 22.97 12.95
N ASP A 460 -3.34 22.66 13.61
CA ASP A 460 -2.90 21.29 13.79
C ASP A 460 -4.00 20.45 14.44
N GLY A 461 -4.51 20.93 15.59
CA GLY A 461 -5.69 20.36 16.21
C GLY A 461 -5.40 19.31 17.29
N ALA A 462 -4.13 18.93 17.48
CA ALA A 462 -3.80 17.96 18.51
C ALA A 462 -3.91 18.61 19.89
N ASN A 463 -4.37 17.83 20.86
CA ASN A 463 -4.36 18.25 22.25
C ASN A 463 -3.04 17.78 22.86
N ILE A 464 -2.18 18.73 23.24
CA ILE A 464 -0.86 18.40 23.74
C ILE A 464 -0.95 17.46 24.95
N ASN A 465 -2.08 17.54 25.68
CA ASN A 465 -2.26 16.74 26.89
C ASN A 465 -2.58 15.29 26.56
N PHE A 466 -2.98 15.02 25.31
CA PHE A 466 -3.39 13.70 24.87
C PHE A 466 -2.22 12.95 24.22
N MET A 467 -1.08 13.62 24.08
CA MET A 467 0.02 13.09 23.28
C MET A 467 0.91 12.17 24.12
N PRO A 468 1.44 11.08 23.53
CA PRO A 468 2.59 10.39 24.12
C PRO A 468 3.71 11.42 24.23
N ILE A 469 4.45 11.39 25.33
CA ILE A 469 5.45 12.41 25.59
C ILE A 469 6.79 12.00 24.96
N VAL B 82 9.32 -4.62 -24.14
CA VAL B 82 10.39 -4.84 -23.12
C VAL B 82 11.54 -5.61 -23.75
N GLU B 83 12.77 -5.16 -23.45
CA GLU B 83 13.98 -5.76 -23.99
C GLU B 83 14.79 -6.32 -22.82
N TYR B 84 15.61 -7.36 -23.10
CA TYR B 84 16.53 -7.85 -22.10
C TYR B 84 17.63 -6.81 -21.86
N ARG B 85 18.07 -6.72 -20.61
CA ARG B 85 19.21 -5.90 -20.22
C ARG B 85 20.50 -6.53 -20.74
N ASN B 86 21.40 -5.70 -21.27
CA ASN B 86 22.70 -6.15 -21.74
C ASN B 86 23.82 -5.53 -20.91
N TRP B 87 23.52 -4.41 -20.22
CA TRP B 87 24.53 -3.68 -19.46
C TRP B 87 25.70 -3.28 -20.36
N SER B 88 25.41 -3.01 -21.63
CA SER B 88 26.43 -2.80 -22.64
C SER B 88 26.76 -1.31 -22.78
N LYS B 89 27.15 -0.72 -21.65
CA LYS B 89 27.69 0.63 -21.58
C LYS B 89 28.96 0.57 -20.75
N PRO B 90 29.92 1.51 -20.92
CA PRO B 90 31.11 1.54 -20.06
C PRO B 90 30.74 1.84 -18.62
N GLN B 91 31.61 1.41 -17.70
CA GLN B 91 31.48 1.75 -16.29
C GLN B 91 31.62 3.26 -16.13
N CYS B 92 30.77 3.85 -15.29
CA CYS B 92 30.82 5.28 -15.03
C CYS B 92 32.17 5.66 -14.40
N LYS B 93 32.59 6.89 -14.66
CA LYS B 93 33.67 7.51 -13.91
C LYS B 93 33.28 7.56 -12.44
N ILE B 94 34.22 7.17 -11.57
CA ILE B 94 33.96 7.15 -10.14
C ILE B 94 35.09 7.89 -9.41
N THR B 95 34.69 8.90 -8.63
CA THR B 95 35.61 9.70 -7.81
C THR B 95 35.42 9.33 -6.35
N GLY B 96 34.40 8.49 -6.10
CA GLY B 96 33.97 8.11 -4.76
C GLY B 96 32.49 7.79 -4.77
N PHE B 97 31.83 7.94 -3.62
CA PHE B 97 30.45 7.52 -3.44
C PHE B 97 29.65 8.62 -2.75
N ALA B 98 28.38 8.74 -3.14
CA ALA B 98 27.48 9.71 -2.54
C ALA B 98 26.31 8.99 -1.87
N PRO B 99 25.75 9.56 -0.77
CA PRO B 99 24.64 8.93 -0.06
C PRO B 99 23.42 8.70 -0.97
N PHE B 100 22.75 7.56 -0.79
CA PHE B 100 21.67 7.18 -1.67
C PHE B 100 20.39 6.86 -0.88
N SER B 101 20.50 6.00 0.14
CA SER B 101 19.33 5.55 0.86
C SER B 101 19.71 5.11 2.29
N LYS B 102 18.72 5.17 3.19
CA LYS B 102 18.86 4.67 4.55
C LYS B 102 17.47 4.34 5.06
N ASP B 103 17.31 3.23 5.79
CA ASP B 103 15.95 2.80 6.10
C ASP B 103 15.56 2.98 7.57
N ASN B 104 16.54 3.11 8.48
CA ASN B 104 16.26 3.43 9.88
C ASN B 104 15.41 2.35 10.55
N SER B 105 15.60 1.10 10.13
CA SER B 105 14.73 -0.02 10.50
CA SER B 105 14.73 -0.02 10.50
C SER B 105 14.63 -0.19 12.01
N ILE B 106 15.78 -0.13 12.70
CA ILE B 106 15.82 -0.50 14.11
C ILE B 106 15.23 0.63 14.97
N ARG B 107 15.53 1.89 14.60
CA ARG B 107 14.92 3.02 15.27
C ARG B 107 13.40 2.93 15.20
N LEU B 108 12.88 2.59 14.01
CA LEU B 108 11.44 2.53 13.79
C LEU B 108 10.83 1.37 14.57
N SER B 109 11.61 0.29 14.75
CA SER B 109 11.18 -0.95 15.40
C SER B 109 10.73 -0.72 16.84
N ALA B 110 11.21 0.37 17.44
CA ALA B 110 10.94 0.70 18.84
C ALA B 110 9.61 1.42 18.98
N GLY B 111 8.95 1.69 17.84
CA GLY B 111 7.69 2.42 17.80
C GLY B 111 6.92 2.09 16.54
N GLY B 112 6.76 0.79 16.29
CA GLY B 112 6.06 0.30 15.11
C GLY B 112 6.42 -1.15 14.84
N ASP B 113 5.64 -1.79 13.98
CA ASP B 113 5.79 -3.21 13.71
C ASP B 113 6.68 -3.37 12.47
N ILE B 114 7.93 -3.78 12.71
CA ILE B 114 8.95 -3.89 11.67
C ILE B 114 9.53 -5.29 11.73
N TRP B 115 9.75 -5.90 10.55
CA TRP B 115 10.34 -7.22 10.44
C TRP B 115 11.72 -7.28 11.07
N VAL B 116 12.00 -8.41 11.73
CA VAL B 116 13.37 -8.80 12.05
C VAL B 116 13.98 -9.39 10.78
N THR B 117 15.18 -8.93 10.43
CA THR B 117 15.86 -9.35 9.21
C THR B 117 17.35 -9.56 9.46
N ARG B 118 18.01 -10.12 8.45
CA ARG B 118 19.45 -10.00 8.24
C ARG B 118 19.73 -10.33 6.77
N GLU B 119 20.99 -10.23 6.37
CA GLU B 119 21.44 -10.51 5.01
C GLU B 119 20.64 -9.70 3.99
N PRO B 120 20.61 -8.35 4.11
CA PRO B 120 19.87 -7.52 3.15
C PRO B 120 20.69 -7.35 1.88
N TYR B 121 20.03 -6.87 0.82
CA TYR B 121 20.71 -6.42 -0.37
C TYR B 121 19.79 -5.48 -1.15
N VAL B 122 20.32 -4.96 -2.26
CA VAL B 122 19.59 -4.05 -3.12
C VAL B 122 19.74 -4.53 -4.56
N SER B 123 18.64 -4.44 -5.31
CA SER B 123 18.68 -4.71 -6.74
C SER B 123 17.62 -3.84 -7.41
N CYS B 124 17.91 -3.37 -8.63
CA CYS B 124 17.01 -2.45 -9.29
C CYS B 124 16.51 -3.06 -10.60
N ASP B 125 15.21 -2.87 -10.88
CA ASP B 125 14.69 -3.09 -12.21
C ASP B 125 15.10 -1.89 -13.06
N PRO B 126 14.80 -1.86 -14.38
CA PRO B 126 15.16 -0.70 -15.22
C PRO B 126 14.71 0.67 -14.74
N GLY B 127 13.68 0.71 -13.88
CA GLY B 127 13.10 1.97 -13.43
C GLY B 127 13.47 2.34 -11.99
N LYS B 128 13.41 1.37 -11.07
CA LYS B 128 13.56 1.71 -9.66
C LYS B 128 14.24 0.60 -8.88
N CYS B 129 14.78 0.97 -7.72
CA CYS B 129 15.53 0.05 -6.88
C CYS B 129 14.64 -0.51 -5.78
N TYR B 130 15.00 -1.73 -5.35
CA TYR B 130 14.29 -2.45 -4.30
C TYR B 130 15.28 -2.90 -3.23
N GLN B 131 14.82 -2.88 -1.98
CA GLN B 131 15.59 -3.47 -0.90
C GLN B 131 15.03 -4.86 -0.58
N PHE B 132 15.94 -5.80 -0.33
CA PHE B 132 15.61 -7.17 -0.01
C PHE B 132 16.28 -7.53 1.30
N ALA B 133 15.72 -8.52 2.02
CA ALA B 133 16.38 -9.08 3.18
C ALA B 133 15.73 -10.41 3.53
N LEU B 134 16.43 -11.21 4.34
CA LEU B 134 15.84 -12.45 4.84
C LEU B 134 15.15 -12.14 6.16
N GLY B 135 13.82 -12.25 6.15
CA GLY B 135 13.03 -12.12 7.38
C GLY B 135 13.30 -13.28 8.32
N GLN B 136 12.89 -13.12 9.58
CA GLN B 136 13.00 -14.17 10.58
C GLN B 136 11.60 -14.64 11.00
N GLY B 137 10.60 -14.36 10.15
CA GLY B 137 9.24 -14.81 10.39
C GLY B 137 8.59 -14.12 11.59
N THR B 138 9.08 -12.92 11.91
CA THR B 138 8.62 -12.19 13.08
C THR B 138 8.95 -10.71 12.93
N THR B 139 8.20 -9.88 13.65
CA THR B 139 8.55 -8.49 13.89
C THR B 139 9.48 -8.43 15.11
N LEU B 140 10.06 -7.25 15.34
CA LEU B 140 11.05 -7.10 16.41
C LEU B 140 10.35 -7.02 17.77
N ASP B 141 9.35 -6.15 17.88
CA ASP B 141 8.58 -6.01 19.11
C ASP B 141 7.53 -7.12 19.16
N ASN B 142 8.01 -8.33 19.52
CA ASN B 142 7.30 -9.58 19.32
C ASN B 142 8.12 -10.64 20.05
N LYS B 143 7.47 -11.48 20.86
CA LYS B 143 8.20 -12.47 21.63
C LYS B 143 8.96 -13.44 20.71
N HIS B 144 8.52 -13.58 19.45
CA HIS B 144 9.17 -14.48 18.51
C HIS B 144 10.52 -13.94 18.03
N SER B 145 10.87 -12.69 18.40
CA SER B 145 12.13 -12.13 17.96
C SER B 145 13.28 -12.67 18.82
N ASN B 146 12.93 -13.34 19.92
CA ASN B 146 13.89 -13.95 20.82
C ASN B 146 14.67 -15.03 20.07
N ASP B 147 16.01 -14.92 20.10
CA ASP B 147 16.93 -15.95 19.60
C ASP B 147 16.92 -15.99 18.08
N THR B 148 16.76 -14.81 17.46
CA THR B 148 16.84 -14.68 16.01
C THR B 148 18.29 -14.58 15.54
N ILE B 149 19.25 -14.88 16.42
CA ILE B 149 20.65 -14.93 16.03
C ILE B 149 20.88 -16.08 15.05
N HIS B 150 20.04 -17.13 15.14
CA HIS B 150 20.22 -18.32 14.31
C HIS B 150 19.99 -17.98 12.84
N ASP B 151 20.84 -18.55 11.98
CA ASP B 151 20.89 -18.20 10.58
C ASP B 151 19.78 -18.91 9.79
N ARG B 152 19.43 -20.13 10.21
CA ARG B 152 18.56 -20.95 9.38
C ARG B 152 17.40 -21.49 10.21
N ILE B 153 16.19 -21.00 9.91
CA ILE B 153 14.95 -21.59 10.40
C ILE B 153 13.96 -21.66 9.22
N PRO B 154 12.93 -22.54 9.29
CA PRO B 154 11.98 -22.68 8.18
C PRO B 154 11.13 -21.44 7.90
N HIS B 155 11.12 -20.51 8.86
CA HIS B 155 10.23 -19.35 8.81
C HIS B 155 10.87 -18.17 8.09
N ARG B 156 12.15 -18.31 7.74
CA ARG B 156 12.82 -17.24 6.99
C ARG B 156 12.25 -17.19 5.58
N THR B 157 11.93 -15.95 5.15
CA THR B 157 11.38 -15.66 3.84
C THR B 157 12.10 -14.43 3.28
N LEU B 158 12.20 -14.37 1.95
CA LEU B 158 12.81 -13.22 1.29
C LEU B 158 11.78 -12.08 1.22
N LEU B 159 12.15 -10.92 1.78
CA LEU B 159 11.31 -9.74 1.76
C LEU B 159 11.76 -8.83 0.63
N MET B 160 10.82 -8.11 0.02
CA MET B 160 11.13 -7.21 -1.08
C MET B 160 10.23 -5.97 -1.01
N ASN B 161 10.84 -4.80 -0.83
CA ASN B 161 10.14 -3.52 -0.86
C ASN B 161 10.89 -2.57 -1.79
N GLU B 162 10.21 -1.52 -2.26
CA GLU B 162 10.93 -0.43 -2.90
C GLU B 162 12.00 0.09 -1.93
N LEU B 163 13.14 0.50 -2.48
CA LEU B 163 14.25 0.96 -1.65
C LEU B 163 13.80 2.16 -0.82
N GLY B 164 14.04 2.08 0.49
CA GLY B 164 13.71 3.16 1.41
C GLY B 164 12.35 2.97 2.09
N VAL B 165 11.57 1.97 1.65
CA VAL B 165 10.37 1.59 2.36
C VAL B 165 10.77 0.54 3.40
N PRO B 166 10.70 0.83 4.72
CA PRO B 166 11.14 -0.13 5.73
C PRO B 166 10.25 -1.36 5.70
N PHE B 167 10.74 -2.46 6.28
CA PHE B 167 10.03 -3.73 6.23
C PHE B 167 8.87 -3.73 7.24
N HIS B 168 7.76 -3.11 6.83
CA HIS B 168 6.52 -3.06 7.60
C HIS B 168 5.68 -4.30 7.31
N LEU B 169 4.50 -4.39 7.93
CA LEU B 169 3.69 -5.61 7.86
C LEU B 169 3.04 -5.81 6.49
N GLY B 170 3.09 -4.79 5.64
CA GLY B 170 2.58 -4.93 4.28
C GLY B 170 3.63 -5.42 3.28
N THR B 171 4.82 -5.75 3.78
CA THR B 171 5.93 -6.21 2.94
C THR B 171 5.60 -7.58 2.36
N ARG B 172 5.91 -7.78 1.07
CA ARG B 172 5.69 -9.06 0.43
C ARG B 172 6.86 -10.00 0.74
N GLN B 173 6.51 -11.21 1.20
CA GLN B 173 7.44 -12.33 1.30
C GLN B 173 7.44 -13.06 -0.04
N VAL B 174 8.55 -12.95 -0.77
CA VAL B 174 8.66 -13.37 -2.16
C VAL B 174 8.78 -14.89 -2.27
N CYS B 175 9.44 -15.51 -1.28
CA CYS B 175 9.70 -16.94 -1.30
C CYS B 175 10.21 -17.37 0.07
N ILE B 176 10.31 -18.69 0.29
CA ILE B 176 10.89 -19.24 1.51
C ILE B 176 12.41 -19.32 1.30
N ALA B 177 13.19 -18.70 2.20
CA ALA B 177 14.62 -18.62 1.99
C ALA B 177 15.37 -18.29 3.27
N TRP B 178 16.41 -19.10 3.56
CA TRP B 178 17.43 -18.70 4.53
C TRP B 178 18.74 -18.36 3.83
N SER B 179 18.72 -18.37 2.49
CA SER B 179 19.78 -17.85 1.64
C SER B 179 19.16 -17.49 0.30
N SER B 180 19.60 -16.36 -0.30
CA SER B 180 18.91 -15.90 -1.50
C SER B 180 19.81 -15.07 -2.41
N SER B 181 19.35 -14.93 -3.67
CA SER B 181 19.85 -13.96 -4.64
C SER B 181 18.69 -13.56 -5.53
N SER B 182 18.66 -12.29 -5.98
CA SER B 182 17.61 -11.82 -6.87
C SER B 182 18.22 -10.93 -7.95
N CYS B 183 17.58 -10.91 -9.13
CA CYS B 183 17.99 -10.00 -10.18
C CYS B 183 16.89 -9.89 -11.23
N HIS B 184 16.92 -8.78 -11.96
CA HIS B 184 15.95 -8.49 -13.00
C HIS B 184 16.66 -8.52 -14.35
N ASP B 185 16.07 -9.22 -15.33
CA ASP B 185 16.75 -9.44 -16.60
C ASP B 185 16.38 -8.39 -17.64
N GLY B 186 15.59 -7.39 -17.23
CA GLY B 186 15.05 -6.39 -18.14
C GLY B 186 13.56 -6.62 -18.39
N LYS B 187 13.11 -7.86 -18.23
CA LYS B 187 11.72 -8.24 -18.44
C LYS B 187 11.04 -8.61 -17.12
N ALA B 188 11.73 -9.40 -16.27
CA ALA B 188 11.11 -9.90 -15.06
C ALA B 188 12.17 -10.21 -13.99
N TRP B 189 11.69 -10.45 -12.76
CA TRP B 189 12.52 -10.80 -11.62
C TRP B 189 12.77 -12.31 -11.58
N LEU B 190 14.04 -12.66 -11.34
CA LEU B 190 14.43 -13.99 -10.92
C LEU B 190 14.77 -13.94 -9.42
N HIS B 191 14.26 -14.92 -8.67
CA HIS B 191 14.66 -15.11 -7.29
C HIS B 191 15.19 -16.53 -7.11
N VAL B 192 16.34 -16.64 -6.45
CA VAL B 192 16.93 -17.91 -6.06
C VAL B 192 16.79 -18.02 -4.55
N CYS B 193 16.03 -19.01 -4.08
CA CYS B 193 15.64 -19.11 -2.68
C CYS B 193 15.96 -20.49 -2.14
N VAL B 194 16.83 -20.55 -1.12
CA VAL B 194 17.25 -21.82 -0.55
C VAL B 194 16.64 -21.97 0.85
N THR B 195 16.05 -23.15 1.11
CA THR B 195 15.46 -23.45 2.40
C THR B 195 15.52 -24.95 2.66
N GLY B 196 15.08 -25.37 3.85
CA GLY B 196 15.05 -26.78 4.21
C GLY B 196 16.22 -27.19 5.10
N ASP B 197 16.40 -28.51 5.23
CA ASP B 197 17.37 -29.13 6.13
C ASP B 197 18.79 -28.78 5.67
N ASP B 198 19.68 -28.59 6.66
CA ASP B 198 21.09 -28.28 6.40
C ASP B 198 21.71 -29.32 5.47
N LYS B 199 21.39 -30.60 5.69
CA LYS B 199 22.06 -31.67 4.97
C LYS B 199 21.36 -31.99 3.65
N ASN B 200 20.25 -31.31 3.36
CA ASN B 200 19.45 -31.67 2.21
C ASN B 200 18.53 -30.52 1.80
N ALA B 201 19.13 -29.35 1.49
CA ALA B 201 18.37 -28.15 1.19
C ALA B 201 17.81 -28.19 -0.24
N THR B 202 16.84 -27.31 -0.50
CA THR B 202 16.26 -27.12 -1.83
C THR B 202 16.43 -25.66 -2.23
N ALA B 203 16.93 -25.43 -3.44
CA ALA B 203 16.91 -24.11 -4.04
C ALA B 203 15.79 -24.03 -5.06
N SER B 204 14.88 -23.06 -4.86
CA SER B 204 13.79 -22.78 -5.80
C SER B 204 14.20 -21.61 -6.70
N PHE B 205 13.84 -21.73 -7.98
CA PHE B 205 14.08 -20.68 -8.98
C PHE B 205 12.75 -20.15 -9.45
N ILE B 206 12.45 -18.92 -9.05
CA ILE B 206 11.18 -18.27 -9.34
C ILE B 206 11.45 -17.14 -10.33
N TYR B 207 10.70 -17.15 -11.44
CA TYR B 207 10.87 -16.14 -12.46
C TYR B 207 9.49 -15.65 -12.91
N ASP B 208 9.33 -14.33 -12.98
CA ASP B 208 8.09 -13.71 -13.45
C ASP B 208 6.91 -14.25 -12.65
N GLY B 209 7.13 -14.47 -11.34
CA GLY B 209 6.06 -14.78 -10.41
C GLY B 209 5.65 -16.25 -10.39
N ARG B 210 6.47 -17.13 -10.98
CA ARG B 210 6.15 -18.55 -10.98
C ARG B 210 7.41 -19.39 -10.77
N LEU B 211 7.25 -20.54 -10.12
CA LEU B 211 8.37 -21.45 -9.91
C LEU B 211 8.68 -22.16 -11.24
N VAL B 212 9.94 -22.06 -11.67
CA VAL B 212 10.33 -22.59 -12.97
C VAL B 212 11.28 -23.79 -12.80
N ASP B 213 12.09 -23.78 -11.74
CA ASP B 213 13.06 -24.84 -11.55
C ASP B 213 13.38 -25.00 -10.06
N SER B 214 14.02 -26.12 -9.73
CA SER B 214 14.58 -26.34 -8.41
C SER B 214 15.76 -27.29 -8.51
N ILE B 215 16.69 -27.16 -7.54
CA ILE B 215 17.79 -28.10 -7.43
C ILE B 215 17.99 -28.46 -5.97
N GLY B 216 18.35 -29.73 -5.72
CA GLY B 216 18.69 -30.19 -4.40
C GLY B 216 20.18 -30.04 -4.12
N SER B 217 20.54 -30.16 -2.84
CA SER B 217 21.90 -30.08 -2.34
C SER B 217 22.78 -31.12 -3.03
N TRP B 218 23.98 -30.70 -3.45
CA TRP B 218 24.91 -31.60 -4.13
C TRP B 218 26.03 -32.10 -3.20
N SER B 219 26.22 -31.45 -2.04
CA SER B 219 27.28 -31.80 -1.12
C SER B 219 26.75 -32.09 0.27
N GLN B 220 25.42 -31.99 0.44
CA GLN B 220 24.73 -32.32 1.68
C GLN B 220 25.28 -31.51 2.85
N ASN B 221 25.59 -30.22 2.62
CA ASN B 221 26.19 -29.39 3.65
C ASN B 221 25.92 -27.92 3.38
N ILE B 222 24.66 -27.51 3.59
CA ILE B 222 24.17 -26.14 3.54
C ILE B 222 24.39 -25.52 2.16
N LEU B 223 23.61 -25.99 1.18
CA LEU B 223 23.54 -25.31 -0.11
C LEU B 223 23.19 -23.85 0.15
N ARG B 224 23.89 -22.94 -0.54
CA ARG B 224 23.81 -21.53 -0.17
C ARG B 224 24.26 -20.66 -1.36
N THR B 225 23.91 -19.37 -1.29
CA THR B 225 24.16 -18.48 -2.42
C THR B 225 24.58 -17.09 -1.95
N GLN B 226 24.38 -16.08 -2.81
CA GLN B 226 25.16 -14.84 -2.79
C GLN B 226 24.78 -13.91 -1.64
N GLU B 227 23.48 -13.82 -1.32
CA GLU B 227 22.94 -12.80 -0.42
C GLU B 227 23.11 -11.40 -1.03
N SER B 228 23.18 -11.33 -2.37
CA SER B 228 23.12 -10.07 -3.11
C SER B 228 22.66 -10.35 -4.53
N GLU B 229 22.60 -9.29 -5.35
CA GLU B 229 21.97 -9.43 -6.66
C GLU B 229 22.77 -10.37 -7.55
N CYS B 230 22.04 -11.21 -8.31
CA CYS B 230 22.61 -11.91 -9.45
C CYS B 230 22.70 -10.93 -10.62
N VAL B 231 23.20 -11.41 -11.78
CA VAL B 231 23.42 -10.54 -12.92
C VAL B 231 22.93 -11.26 -14.19
N CYS B 232 22.18 -10.53 -15.02
CA CYS B 232 21.64 -11.06 -16.26
C CYS B 232 22.13 -10.23 -17.45
N ILE B 233 22.61 -10.92 -18.49
CA ILE B 233 22.96 -10.28 -19.76
C ILE B 233 22.26 -11.03 -20.88
N ASN B 234 21.49 -10.31 -21.70
CA ASN B 234 20.84 -10.84 -22.88
C ASN B 234 19.97 -12.05 -22.53
N GLY B 235 19.30 -12.00 -21.38
CA GLY B 235 18.32 -12.99 -21.01
C GLY B 235 18.90 -14.19 -20.26
N THR B 236 20.23 -14.23 -20.10
CA THR B 236 20.86 -15.28 -19.32
C THR B 236 21.32 -14.69 -17.98
N CYS B 237 20.79 -15.23 -16.88
CA CYS B 237 21.18 -14.79 -15.56
C CYS B 237 22.18 -15.78 -14.97
N THR B 238 23.16 -15.27 -14.21
CA THR B 238 24.14 -16.13 -13.58
C THR B 238 24.13 -15.90 -12.07
N VAL B 239 24.31 -16.99 -11.32
CA VAL B 239 24.36 -16.94 -9.87
C VAL B 239 25.39 -17.97 -9.37
N VAL B 240 26.10 -17.59 -8.31
CA VAL B 240 27.12 -18.45 -7.72
C VAL B 240 26.53 -19.10 -6.48
N MET B 241 26.71 -20.42 -6.37
CA MET B 241 26.23 -21.18 -5.23
C MET B 241 27.35 -22.08 -4.70
N THR B 242 27.29 -22.35 -3.40
CA THR B 242 28.26 -23.22 -2.74
C THR B 242 27.53 -24.26 -1.90
N ASP B 243 28.15 -25.44 -1.80
CA ASP B 243 27.66 -26.50 -0.94
C ASP B 243 28.89 -27.23 -0.42
N GLY B 244 28.92 -27.47 0.90
CA GLY B 244 30.07 -28.12 1.53
C GLY B 244 30.65 -27.31 2.68
N SER B 245 31.87 -27.65 3.07
CA SER B 245 32.51 -27.15 4.27
C SER B 245 32.69 -25.63 4.22
N ALA B 246 32.57 -25.01 5.40
CA ALA B 246 32.85 -23.59 5.57
C ALA B 246 34.31 -23.39 6.01
N SER B 247 35.04 -24.50 6.22
CA SER B 247 36.37 -24.45 6.79
C SER B 247 37.31 -25.42 6.08
N GLY B 248 37.02 -25.67 4.80
CA GLY B 248 37.77 -26.58 3.97
C GLY B 248 37.25 -26.55 2.53
N ARG B 249 37.84 -27.38 1.67
CA ARG B 249 37.43 -27.49 0.28
C ARG B 249 35.92 -27.70 0.22
N ALA B 250 35.25 -26.88 -0.60
CA ALA B 250 33.81 -26.98 -0.82
C ALA B 250 33.52 -27.08 -2.32
N ASP B 251 32.25 -27.24 -2.66
CA ASP B 251 31.83 -27.46 -4.04
C ASP B 251 31.03 -26.23 -4.50
N THR B 252 31.71 -25.33 -5.21
CA THR B 252 31.13 -24.10 -5.71
C THR B 252 30.78 -24.28 -7.18
N ARG B 253 29.55 -23.88 -7.54
CA ARG B 253 29.05 -24.03 -8.90
C ARG B 253 28.44 -22.71 -9.37
N ILE B 254 28.58 -22.44 -10.67
CA ILE B 254 28.04 -21.24 -11.28
C ILE B 254 26.89 -21.66 -12.21
N LEU B 255 25.69 -21.19 -11.89
CA LEU B 255 24.50 -21.57 -12.62
C LEU B 255 24.17 -20.50 -13.66
N PHE B 256 23.66 -20.96 -14.81
CA PHE B 256 23.19 -20.10 -15.87
C PHE B 256 21.71 -20.39 -16.09
N ILE B 257 20.90 -19.34 -16.00
CA ILE B 257 19.45 -19.46 -15.86
C ILE B 257 18.76 -18.57 -16.89
N GLU B 258 17.85 -19.16 -17.66
CA GLU B 258 17.13 -18.43 -18.69
C GLU B 258 15.63 -18.53 -18.41
N GLU B 259 15.02 -17.38 -18.12
CA GLU B 259 13.61 -17.29 -17.74
C GLU B 259 13.29 -18.29 -16.64
N GLY B 260 14.20 -18.42 -15.67
CA GLY B 260 13.98 -19.24 -14.50
C GLY B 260 14.46 -20.68 -14.63
N LYS B 261 14.83 -21.10 -15.84
CA LYS B 261 15.25 -22.47 -16.11
C LYS B 261 16.77 -22.57 -16.13
N ILE B 262 17.33 -23.51 -15.36
CA ILE B 262 18.76 -23.76 -15.37
C ILE B 262 19.14 -24.41 -16.70
N VAL B 263 20.00 -23.74 -17.46
CA VAL B 263 20.39 -24.24 -18.78
C VAL B 263 21.82 -24.80 -18.76
N HIS B 264 22.61 -24.40 -17.77
CA HIS B 264 23.97 -24.89 -17.65
C HIS B 264 24.48 -24.69 -16.22
N ILE B 265 25.36 -25.59 -15.78
CA ILE B 265 26.05 -25.46 -14.49
C ILE B 265 27.53 -25.71 -14.71
N SER B 266 28.36 -24.74 -14.31
CA SER B 266 29.80 -24.84 -14.43
C SER B 266 30.42 -24.97 -13.05
N PRO B 267 31.40 -25.88 -12.85
CA PRO B 267 32.15 -25.94 -11.59
C PRO B 267 33.10 -24.74 -11.49
N LEU B 268 33.37 -24.31 -10.26
CA LEU B 268 34.40 -23.30 -10.04
C LEU B 268 35.73 -23.84 -10.60
N SER B 269 36.45 -22.95 -11.29
CA SER B 269 37.79 -23.23 -11.78
C SER B 269 38.69 -22.03 -11.47
N GLY B 270 40.01 -22.22 -11.59
CA GLY B 270 40.96 -21.17 -11.27
C GLY B 270 41.62 -21.41 -9.91
N SER B 271 42.13 -20.33 -9.30
CA SER B 271 42.99 -20.48 -8.13
C SER B 271 42.30 -20.08 -6.82
N ALA B 272 41.02 -19.65 -6.88
CA ALA B 272 40.28 -19.41 -5.66
C ALA B 272 40.01 -20.74 -4.96
N GLN B 273 40.31 -20.81 -3.66
CA GLN B 273 40.29 -22.08 -2.95
C GLN B 273 39.04 -22.22 -2.07
N HIS B 274 38.34 -21.11 -1.84
CA HIS B 274 37.09 -21.12 -1.09
C HIS B 274 36.28 -19.90 -1.48
N VAL B 275 35.01 -20.11 -1.81
CA VAL B 275 34.18 -19.07 -2.38
C VAL B 275 32.80 -19.09 -1.72
N GLU B 276 32.45 -17.95 -1.08
CA GLU B 276 31.18 -17.75 -0.41
C GLU B 276 30.64 -16.36 -0.75
N GLU B 277 29.31 -16.24 -0.79
CA GLU B 277 28.60 -14.96 -0.72
C GLU B 277 29.15 -13.95 -1.72
N CYS B 278 29.14 -14.33 -3.01
CA CYS B 278 29.73 -13.50 -4.05
C CYS B 278 28.92 -12.24 -4.27
N SER B 279 29.64 -11.11 -4.44
CA SER B 279 29.08 -9.85 -4.88
C SER B 279 29.46 -9.65 -6.34
N CYS B 280 28.47 -9.78 -7.23
CA CYS B 280 28.74 -9.86 -8.65
C CYS B 280 28.22 -8.62 -9.37
N TYR B 281 28.85 -8.31 -10.51
CA TYR B 281 28.46 -7.16 -11.30
C TYR B 281 28.69 -7.45 -12.79
N PRO B 282 27.88 -6.84 -13.69
CA PRO B 282 28.09 -6.98 -15.12
C PRO B 282 29.37 -6.24 -15.54
N ARG B 283 30.17 -6.91 -16.35
CA ARG B 283 31.31 -6.31 -17.03
C ARG B 283 31.25 -6.79 -18.48
N TYR B 284 30.34 -6.17 -19.23
CA TYR B 284 29.89 -6.67 -20.53
C TYR B 284 31.10 -7.09 -21.37
N PRO B 285 31.08 -8.28 -22.02
CA PRO B 285 29.91 -9.15 -22.04
C PRO B 285 29.81 -10.20 -20.93
N ASP B 286 30.68 -10.07 -19.92
CA ASP B 286 30.82 -11.10 -18.90
C ASP B 286 30.36 -10.59 -17.54
N VAL B 287 30.50 -11.44 -16.52
CA VAL B 287 30.15 -11.11 -15.15
C VAL B 287 31.36 -11.37 -14.26
N ARG B 288 31.56 -10.48 -13.28
CA ARG B 288 32.70 -10.55 -12.37
C ARG B 288 32.17 -10.49 -10.94
N CYS B 289 32.71 -11.37 -10.08
CA CYS B 289 32.26 -11.48 -8.69
C CYS B 289 33.46 -11.34 -7.76
N ILE B 290 33.27 -10.56 -6.67
CA ILE B 290 34.23 -10.52 -5.59
C ILE B 290 33.55 -11.14 -4.37
N CYS B 291 34.23 -12.11 -3.74
CA CYS B 291 33.55 -13.02 -2.84
C CYS B 291 34.24 -13.06 -1.47
N ARG B 292 33.89 -14.07 -0.67
CA ARG B 292 34.42 -14.29 0.67
C ARG B 292 35.07 -15.68 0.72
N ASP B 293 36.35 -15.70 1.10
CA ASP B 293 37.05 -16.95 1.39
C ASP B 293 36.96 -17.18 2.90
N ASN B 294 36.29 -18.27 3.28
CA ASN B 294 35.99 -18.52 4.68
C ASN B 294 37.03 -19.46 5.31
N TRP B 295 38.02 -19.86 4.51
CA TRP B 295 38.92 -20.94 4.89
C TRP B 295 40.33 -20.42 5.17
N LYS B 296 41.09 -20.06 4.13
CA LYS B 296 42.48 -19.71 4.31
C LYS B 296 42.79 -18.26 3.92
N GLY B 297 41.81 -17.54 3.37
CA GLY B 297 42.08 -16.21 2.84
C GLY B 297 41.37 -15.09 3.60
N SER B 298 42.12 -14.02 3.89
CA SER B 298 41.52 -12.75 4.28
C SER B 298 41.56 -11.76 3.12
N ASN B 299 42.27 -12.15 2.05
CA ASN B 299 42.09 -11.53 0.75
C ASN B 299 40.83 -12.11 0.11
N ARG B 300 40.16 -11.31 -0.72
CA ARG B 300 38.87 -11.70 -1.30
C ARG B 300 39.08 -12.39 -2.65
N PRO B 301 38.46 -13.56 -2.87
CA PRO B 301 38.49 -14.22 -4.18
C PRO B 301 37.74 -13.42 -5.23
N ILE B 302 38.17 -13.58 -6.50
CA ILE B 302 37.48 -13.09 -7.66
C ILE B 302 37.02 -14.31 -8.46
N VAL B 303 35.77 -14.28 -8.92
CA VAL B 303 35.28 -15.27 -9.87
C VAL B 303 34.87 -14.54 -11.16
N ASP B 304 35.48 -14.95 -12.28
CA ASP B 304 35.15 -14.40 -13.58
C ASP B 304 34.31 -15.41 -14.35
N ILE B 305 33.16 -14.95 -14.87
CA ILE B 305 32.17 -15.82 -15.50
C ILE B 305 32.05 -15.42 -16.97
N ASN B 306 32.46 -16.34 -17.85
CA ASN B 306 32.33 -16.12 -19.29
C ASN B 306 30.91 -16.51 -19.72
N MET B 307 30.15 -15.50 -20.18
CA MET B 307 28.73 -15.68 -20.41
C MET B 307 28.48 -16.34 -21.77
N LYS B 308 29.52 -16.38 -22.61
CA LYS B 308 29.40 -16.98 -23.94
C LYS B 308 29.59 -18.49 -23.89
N ASP B 309 30.67 -18.95 -23.25
CA ASP B 309 31.05 -20.35 -23.30
C ASP B 309 30.95 -21.02 -21.93
N TYR B 310 30.53 -20.27 -20.92
CA TYR B 310 30.26 -20.77 -19.57
C TYR B 310 31.55 -21.12 -18.82
N SER B 311 32.70 -20.73 -19.35
CA SER B 311 33.96 -21.03 -18.68
C SER B 311 34.14 -20.12 -17.46
N ILE B 312 34.90 -20.62 -16.49
CA ILE B 312 35.10 -19.94 -15.21
C ILE B 312 36.59 -19.78 -14.95
N ASP B 313 36.96 -18.62 -14.42
CA ASP B 313 38.30 -18.38 -13.91
C ASP B 313 38.17 -17.76 -12.52
N SER B 314 39.21 -17.89 -11.70
CA SER B 314 39.18 -17.33 -10.35
C SER B 314 40.59 -17.03 -9.86
N SER B 315 40.68 -16.03 -8.99
CA SER B 315 41.93 -15.61 -8.35
C SER B 315 41.58 -14.81 -7.10
N TYR B 316 42.47 -13.90 -6.68
CA TYR B 316 42.22 -13.07 -5.50
C TYR B 316 42.53 -11.62 -5.83
N VAL B 317 41.82 -10.69 -5.18
CA VAL B 317 42.09 -9.26 -5.35
C VAL B 317 43.55 -9.00 -5.02
N CYS B 318 44.24 -8.26 -5.91
CA CYS B 318 45.67 -8.03 -5.80
C CYS B 318 46.03 -7.19 -4.58
N SER B 319 45.14 -6.26 -4.21
CA SER B 319 45.40 -5.27 -3.17
C SER B 319 46.00 -5.90 -1.91
N GLY B 320 47.10 -5.30 -1.42
CA GLY B 320 47.68 -5.66 -0.14
C GLY B 320 46.84 -5.15 1.04
N LEU B 321 45.97 -4.18 0.76
CA LEU B 321 44.93 -3.79 1.70
C LEU B 321 43.73 -4.70 1.43
N VAL B 322 43.55 -5.71 2.30
CA VAL B 322 42.61 -6.78 2.02
C VAL B 322 41.23 -6.43 2.57
N GLY B 323 40.22 -7.15 2.09
CA GLY B 323 38.84 -6.72 2.23
C GLY B 323 38.02 -7.53 3.24
N ASP B 324 38.55 -8.66 3.71
CA ASP B 324 37.80 -9.56 4.58
C ASP B 324 37.91 -9.10 6.03
N THR B 325 37.04 -9.65 6.88
CA THR B 325 37.15 -9.54 8.32
C THR B 325 36.87 -10.93 8.91
N PRO B 326 37.78 -11.53 9.70
CA PRO B 326 39.03 -10.89 10.13
C PRO B 326 40.11 -10.79 9.05
N ARG B 327 41.17 -10.05 9.37
CA ARG B 327 42.32 -9.88 8.49
C ARG B 327 43.49 -9.39 9.34
N ASN B 328 44.70 -9.47 8.78
CA ASN B 328 45.87 -8.85 9.40
C ASN B 328 45.74 -7.33 9.25
N ASP B 329 46.43 -6.59 10.13
CA ASP B 329 46.57 -5.16 10.01
C ASP B 329 47.31 -4.81 8.72
N ASP B 330 47.07 -3.60 8.20
CA ASP B 330 47.72 -3.12 6.99
C ASP B 330 49.24 -3.14 7.12
N ARG B 331 49.73 -3.13 8.37
CA ARG B 331 51.16 -3.23 8.66
C ARG B 331 51.78 -4.43 7.96
N SER B 332 51.04 -5.55 7.92
CA SER B 332 51.64 -6.84 7.61
C SER B 332 50.77 -7.68 6.69
N SER B 333 49.65 -7.13 6.20
CA SER B 333 48.76 -7.88 5.33
C SER B 333 49.39 -8.08 3.95
N LYS B 334 48.98 -9.16 3.26
CA LYS B 334 49.50 -9.47 1.94
C LYS B 334 48.41 -10.05 1.06
N SER B 335 48.56 -9.85 -0.26
CA SER B 335 47.90 -10.61 -1.29
C SER B 335 48.81 -10.73 -2.51
N ASN B 336 48.88 -11.93 -3.11
CA ASN B 336 49.72 -12.15 -4.28
C ASN B 336 48.88 -12.30 -5.55
N CYS B 337 47.57 -12.02 -5.44
CA CYS B 337 46.59 -12.06 -6.54
C CYS B 337 46.15 -13.49 -6.85
N ARG B 338 46.84 -14.51 -6.32
CA ARG B 338 46.64 -15.86 -6.82
C ARG B 338 46.14 -16.81 -5.73
N ASN B 339 46.70 -16.71 -4.53
CA ASN B 339 46.47 -17.69 -3.49
C ASN B 339 45.80 -17.03 -2.29
N PRO B 340 45.06 -17.80 -1.45
CA PRO B 340 44.61 -17.28 -0.15
C PRO B 340 45.87 -16.96 0.64
N ASN B 341 45.83 -15.86 1.41
CA ASN B 341 47.04 -15.31 2.00
C ASN B 341 47.43 -16.04 3.28
N ASN B 342 46.55 -16.89 3.81
CA ASN B 342 46.79 -17.63 5.04
C ASN B 342 47.02 -16.66 6.21
N GLU B 343 46.32 -15.52 6.18
CA GLU B 343 46.41 -14.52 7.22
C GLU B 343 45.04 -14.36 7.88
N ARG B 344 44.87 -15.00 9.04
CA ARG B 344 43.59 -15.03 9.74
C ARG B 344 42.48 -15.38 8.76
N GLY B 345 42.72 -16.42 7.96
CA GLY B 345 41.87 -16.75 6.82
C GLY B 345 40.49 -17.25 7.24
N ASN B 346 40.43 -17.98 8.36
CA ASN B 346 39.18 -18.58 8.80
C ASN B 346 38.14 -17.49 9.07
N HIS B 347 36.88 -17.83 8.76
CA HIS B 347 35.75 -16.91 8.89
C HIS B 347 35.87 -15.82 7.85
N GLY B 348 35.02 -14.80 8.00
CA GLY B 348 34.96 -13.74 7.00
C GLY B 348 33.66 -12.95 7.13
N VAL B 349 33.43 -12.07 6.16
CA VAL B 349 32.21 -11.29 6.07
C VAL B 349 31.95 -11.05 4.58
N LYS B 350 30.67 -11.06 4.19
CA LYS B 350 30.35 -10.73 2.81
C LYS B 350 30.78 -9.29 2.54
N GLY B 351 31.45 -9.09 1.38
CA GLY B 351 31.85 -7.77 0.96
C GLY B 351 31.98 -7.68 -0.56
N TRP B 352 32.64 -6.61 -1.03
CA TRP B 352 32.65 -6.29 -2.44
C TRP B 352 33.90 -5.50 -2.81
N ALA B 353 34.21 -5.50 -4.11
CA ALA B 353 35.17 -4.63 -4.75
C ALA B 353 34.83 -4.57 -6.23
N PHE B 354 35.38 -3.58 -6.95
CA PHE B 354 35.26 -3.58 -8.39
C PHE B 354 36.48 -2.91 -9.02
N ASP B 355 36.78 -3.32 -10.26
CA ASP B 355 37.98 -2.89 -10.95
C ASP B 355 37.71 -1.59 -11.70
N ASN B 356 38.74 -0.75 -11.78
CA ASN B 356 38.81 0.31 -12.77
C ASN B 356 40.22 0.33 -13.32
N GLY B 357 40.40 -0.30 -14.49
CA GLY B 357 41.73 -0.49 -15.05
C GLY B 357 42.62 -1.23 -14.06
N ASN B 358 43.73 -0.60 -13.68
CA ASN B 358 44.72 -1.21 -12.82
C ASN B 358 44.36 -1.00 -11.35
N ASP B 359 43.34 -0.16 -11.09
CA ASP B 359 42.98 0.23 -9.74
C ASP B 359 41.76 -0.55 -9.26
N VAL B 360 41.59 -0.62 -7.94
CA VAL B 360 40.41 -1.26 -7.37
C VAL B 360 39.71 -0.29 -6.42
N TRP B 361 38.37 -0.23 -6.52
CA TRP B 361 37.52 0.40 -5.52
C TRP B 361 37.00 -0.71 -4.60
N MET B 362 37.07 -0.49 -3.29
CA MET B 362 36.67 -1.54 -2.37
C MET B 362 36.14 -0.95 -1.08
N GLY B 363 35.28 -1.74 -0.42
CA GLY B 363 34.82 -1.45 0.92
C GLY B 363 35.35 -2.50 1.90
N ARG B 364 35.39 -2.14 3.18
CA ARG B 364 35.68 -3.09 4.24
C ARG B 364 35.23 -2.51 5.57
N THR B 365 35.09 -3.38 6.57
CA THR B 365 34.88 -2.92 7.93
C THR B 365 36.13 -2.16 8.37
N ILE B 366 35.96 -1.14 9.20
CA ILE B 366 37.12 -0.38 9.65
C ILE B 366 37.96 -1.24 10.58
N SER B 367 37.28 -1.99 11.46
CA SER B 367 37.94 -2.95 12.33
C SER B 367 38.42 -4.16 11.53
N LYS B 368 39.66 -4.58 11.79
CA LYS B 368 40.20 -5.77 11.17
C LYS B 368 39.71 -7.02 11.91
N ASP B 369 39.03 -6.83 13.05
CA ASP B 369 38.67 -7.92 13.94
C ASP B 369 37.16 -8.19 13.94
N LEU B 370 36.37 -7.12 13.96
CA LEU B 370 34.94 -7.20 14.17
C LEU B 370 34.20 -6.48 13.06
N ARG B 371 32.89 -6.75 12.95
CA ARG B 371 32.05 -6.10 11.95
C ARG B 371 31.63 -4.73 12.47
N SER B 372 32.63 -3.85 12.63
CA SER B 372 32.45 -2.52 13.17
C SER B 372 33.06 -1.49 12.22
N GLY B 373 32.31 -0.42 11.98
CA GLY B 373 32.73 0.62 11.05
C GLY B 373 32.64 0.14 9.61
N TYR B 374 32.63 1.10 8.68
CA TYR B 374 32.70 0.77 7.26
C TYR B 374 33.36 1.92 6.52
N GLU B 375 34.33 1.57 5.66
CA GLU B 375 35.10 2.53 4.89
C GLU B 375 35.21 2.04 3.45
N THR B 376 35.34 3.01 2.53
CA THR B 376 35.63 2.72 1.14
C THR B 376 36.87 3.50 0.73
N PHE B 377 37.58 2.98 -0.27
CA PHE B 377 38.74 3.67 -0.82
C PHE B 377 39.13 3.05 -2.16
N LYS B 378 39.96 3.79 -2.90
CA LYS B 378 40.59 3.26 -4.09
C LYS B 378 42.02 2.85 -3.75
N VAL B 379 42.44 1.68 -4.23
CA VAL B 379 43.83 1.29 -4.10
C VAL B 379 44.48 1.43 -5.48
N ILE B 380 45.48 2.32 -5.56
CA ILE B 380 46.21 2.56 -6.79
C ILE B 380 47.00 1.29 -7.12
N GLY B 381 46.71 0.73 -8.30
CA GLY B 381 47.33 -0.51 -8.75
C GLY B 381 46.76 -1.73 -8.04
N GLY B 382 45.68 -1.54 -7.28
CA GLY B 382 45.11 -2.57 -6.44
C GLY B 382 44.43 -3.70 -7.22
N TRP B 383 44.21 -3.50 -8.52
CA TRP B 383 43.64 -4.57 -9.34
C TRP B 383 44.74 -5.39 -10.00
N SER B 384 45.88 -4.77 -10.30
CA SER B 384 46.87 -5.34 -11.21
C SER B 384 48.21 -5.63 -10.54
N THR B 385 48.55 -4.85 -9.50
CA THR B 385 49.85 -4.98 -8.85
C THR B 385 49.69 -5.78 -7.55
N PRO B 386 50.35 -6.95 -7.42
CA PRO B 386 50.28 -7.73 -6.18
C PRO B 386 50.78 -6.89 -5.01
N ASN B 387 50.01 -6.90 -3.92
CA ASN B 387 50.46 -6.37 -2.64
C ASN B 387 50.48 -4.84 -2.64
N SER B 388 49.78 -4.21 -3.58
CA SER B 388 49.71 -2.75 -3.66
C SER B 388 48.98 -2.20 -2.43
N LYS B 389 49.48 -1.09 -1.87
CA LYS B 389 48.92 -0.59 -0.62
C LYS B 389 48.75 0.92 -0.61
N SER B 390 48.89 1.56 -1.78
CA SER B 390 48.68 3.01 -1.84
C SER B 390 47.19 3.31 -2.02
N GLN B 391 46.52 3.69 -0.93
CA GLN B 391 45.12 4.04 -1.02
C GLN B 391 44.95 5.55 -1.17
N ILE B 392 43.78 5.93 -1.70
CA ILE B 392 43.38 7.32 -1.87
C ILE B 392 41.86 7.36 -1.90
N ASN B 393 41.30 8.55 -1.65
CA ASN B 393 39.86 8.78 -1.77
C ASN B 393 39.09 7.94 -0.75
N ARG B 394 39.64 7.81 0.46
CA ARG B 394 38.93 7.14 1.53
C ARG B 394 37.67 7.92 1.89
N GLN B 395 36.61 7.18 2.22
CA GLN B 395 35.40 7.73 2.81
C GLN B 395 34.95 6.81 3.94
N VAL B 396 34.63 7.42 5.09
CA VAL B 396 33.94 6.74 6.16
C VAL B 396 32.45 6.70 5.80
N ILE B 397 31.86 5.50 5.84
CA ILE B 397 30.43 5.32 5.64
C ILE B 397 29.77 5.17 7.01
N VAL B 398 30.38 4.32 7.85
CA VAL B 398 29.95 4.12 9.23
C VAL B 398 31.19 4.25 10.10
N ASP B 399 31.15 5.17 11.08
CA ASP B 399 32.31 5.38 11.93
C ASP B 399 32.63 4.12 12.73
N SER B 400 33.87 4.04 13.22
CA SER B 400 34.41 2.83 13.82
C SER B 400 33.77 2.51 15.17
N ASP B 401 32.98 3.45 15.73
CA ASP B 401 32.34 3.23 17.02
C ASP B 401 30.96 2.60 16.83
N ASN B 402 30.60 2.31 15.58
CA ASN B 402 29.27 1.80 15.27
C ASN B 402 29.38 0.49 14.51
N ARG B 403 28.31 -0.32 14.60
CA ARG B 403 28.29 -1.65 14.00
C ARG B 403 28.00 -1.57 12.50
N SER B 404 28.68 -2.44 11.74
CA SER B 404 28.31 -2.71 10.37
C SER B 404 27.86 -4.16 10.24
N GLY B 405 28.37 -4.85 9.22
CA GLY B 405 27.88 -6.18 8.87
C GLY B 405 28.21 -6.52 7.43
N TYR B 406 27.34 -7.30 6.78
CA TYR B 406 27.50 -7.64 5.38
C TYR B 406 27.43 -6.40 4.51
N SER B 407 28.10 -6.46 3.37
CA SER B 407 27.99 -5.41 2.35
C SER B 407 28.06 -6.08 0.97
N GLY B 408 27.50 -5.38 -0.02
CA GLY B 408 27.45 -5.96 -1.35
C GLY B 408 27.28 -4.89 -2.41
N ILE B 409 27.58 -5.27 -3.65
CA ILE B 409 27.51 -4.36 -4.79
C ILE B 409 26.16 -4.54 -5.49
N PHE B 410 25.71 -3.46 -6.13
CA PHE B 410 24.68 -3.55 -7.17
C PHE B 410 25.02 -2.53 -8.26
N SER B 411 24.46 -2.75 -9.45
CA SER B 411 24.79 -1.92 -10.60
C SER B 411 23.53 -1.24 -11.13
N VAL B 412 23.68 0.01 -11.57
CA VAL B 412 22.55 0.82 -12.01
C VAL B 412 22.89 1.45 -13.35
N GLU B 413 22.02 1.22 -14.35
CA GLU B 413 22.24 1.73 -15.69
C GLU B 413 21.85 3.20 -15.75
N GLY B 414 22.80 4.04 -16.16
CA GLY B 414 22.54 5.45 -16.42
C GLY B 414 22.40 5.70 -17.92
N LYS B 415 22.35 6.99 -18.29
CA LYS B 415 22.16 7.39 -19.67
C LYS B 415 23.27 6.82 -20.56
N SER B 416 24.53 6.93 -20.10
N SER B 416 24.53 6.94 -20.10
CA SER B 416 25.68 6.66 -20.94
CA SER B 416 25.67 6.64 -20.96
C SER B 416 26.61 5.63 -20.32
C SER B 416 26.71 5.77 -20.27
N CYS B 417 26.42 5.31 -19.05
CA CYS B 417 27.35 4.45 -18.32
C CYS B 417 26.62 3.61 -17.27
N ILE B 418 27.30 2.54 -16.82
CA ILE B 418 26.81 1.67 -15.76
C ILE B 418 27.50 2.09 -14.46
N ASN B 419 26.69 2.46 -13.47
CA ASN B 419 27.21 2.90 -12.18
C ASN B 419 27.31 1.71 -11.24
N ARG B 420 28.23 1.81 -10.27
CA ARG B 420 28.37 0.83 -9.20
C ARG B 420 27.94 1.46 -7.89
N CYS B 421 27.10 0.74 -7.14
CA CYS B 421 26.60 1.17 -5.84
C CYS B 421 26.83 0.04 -4.84
N PHE B 422 26.66 0.35 -3.55
CA PHE B 422 26.79 -0.69 -2.54
C PHE B 422 25.86 -0.38 -1.35
N TYR B 423 25.49 -1.45 -0.63
CA TYR B 423 24.75 -1.31 0.61
C TYR B 423 25.63 -1.82 1.75
N VAL B 424 25.35 -1.34 2.96
CA VAL B 424 25.95 -1.89 4.18
C VAL B 424 24.82 -2.30 5.12
N GLU B 425 24.91 -3.55 5.58
CA GLU B 425 24.04 -4.08 6.62
C GLU B 425 24.55 -3.58 7.97
N LEU B 426 23.64 -3.00 8.76
CA LEU B 426 23.99 -2.47 10.07
C LEU B 426 23.34 -3.34 11.13
N ILE B 427 24.10 -4.34 11.61
CA ILE B 427 23.57 -5.35 12.53
C ILE B 427 23.41 -4.75 13.92
N ARG B 428 22.27 -5.05 14.55
CA ARG B 428 22.01 -4.62 15.92
C ARG B 428 21.53 -5.80 16.76
N GLY B 429 21.84 -5.75 18.05
CA GLY B 429 21.26 -6.67 19.02
C GLY B 429 22.24 -7.74 19.51
N ARG B 430 21.64 -8.85 19.97
CA ARG B 430 22.33 -9.99 20.58
C ARG B 430 23.25 -10.61 19.53
N GLU B 431 24.44 -11.11 19.94
CA GLU B 431 24.92 -11.18 21.31
C GLU B 431 25.74 -9.95 21.69
N GLN B 432 26.34 -9.26 20.70
CA GLN B 432 27.31 -8.22 21.00
C GLN B 432 26.73 -7.18 21.96
N GLU B 433 25.48 -6.78 21.72
CA GLU B 433 24.90 -5.70 22.49
C GLU B 433 24.08 -6.23 23.66
N THR B 434 23.79 -5.34 24.60
CA THR B 434 23.15 -5.68 25.87
C THR B 434 21.63 -5.69 25.71
N ARG B 435 20.96 -6.15 26.78
CA ARG B 435 19.53 -6.00 27.03
C ARG B 435 18.67 -6.96 26.21
N VAL B 436 18.82 -6.92 24.88
CA VAL B 436 17.79 -7.43 23.97
C VAL B 436 18.07 -8.89 23.64
N TRP B 437 17.02 -9.60 23.20
CA TRP B 437 17.12 -11.02 22.90
C TRP B 437 17.09 -11.27 21.38
N TRP B 438 16.85 -10.21 20.60
CA TRP B 438 16.73 -10.31 19.15
C TRP B 438 18.04 -9.94 18.47
N THR B 439 18.12 -10.28 17.17
CA THR B 439 19.21 -9.89 16.29
C THR B 439 18.57 -9.43 14.97
N SER B 440 18.88 -8.21 14.54
CA SER B 440 18.29 -7.64 13.34
C SER B 440 19.27 -6.69 12.68
N ASN B 441 18.80 -5.88 11.72
CA ASN B 441 19.67 -4.95 11.03
C ASN B 441 18.85 -3.82 10.40
N SER B 442 19.53 -2.70 10.12
CA SER B 442 19.04 -1.73 9.15
C SER B 442 20.04 -1.66 7.99
N ILE B 443 19.81 -0.73 7.04
CA ILE B 443 20.70 -0.61 5.90
CA ILE B 443 20.67 -0.62 5.88
C ILE B 443 21.00 0.85 5.62
N VAL B 444 22.17 1.08 5.01
CA VAL B 444 22.54 2.35 4.41
C VAL B 444 23.13 2.04 3.05
N VAL B 445 22.91 2.94 2.09
CA VAL B 445 23.20 2.66 0.69
C VAL B 445 23.87 3.89 0.08
N PHE B 446 24.96 3.65 -0.68
CA PHE B 446 25.70 4.70 -1.36
C PHE B 446 25.87 4.31 -2.83
N CYS B 447 26.00 5.31 -3.70
CA CYS B 447 26.18 5.06 -5.11
C CYS B 447 27.40 5.82 -5.64
N GLY B 448 28.06 5.22 -6.62
CA GLY B 448 29.18 5.87 -7.29
C GLY B 448 28.80 7.26 -7.78
N THR B 449 29.77 8.19 -7.71
CA THR B 449 29.57 9.53 -8.24
C THR B 449 30.80 9.93 -9.05
N SER B 450 30.56 10.73 -10.10
CA SER B 450 31.63 11.37 -10.84
C SER B 450 31.83 12.79 -10.34
N GLY B 451 31.00 13.20 -9.37
CA GLY B 451 31.04 14.54 -8.83
C GLY B 451 31.90 14.64 -7.58
N THR B 452 31.52 15.54 -6.68
CA THR B 452 32.25 15.76 -5.44
C THR B 452 31.34 15.48 -4.25
N TYR B 453 31.95 15.47 -3.05
CA TYR B 453 31.26 15.03 -1.84
C TYR B 453 32.09 15.45 -0.63
N GLY B 454 31.47 15.36 0.55
CA GLY B 454 32.15 15.70 1.79
C GLY B 454 32.39 14.47 2.66
N THR B 455 32.08 14.61 3.95
CA THR B 455 32.29 13.55 4.92
C THR B 455 31.07 13.43 5.83
N GLY B 456 30.97 12.26 6.48
CA GLY B 456 29.96 12.03 7.49
C GLY B 456 30.06 10.61 8.04
N SER B 457 29.02 10.20 8.76
CA SER B 457 28.86 8.85 9.25
C SER B 457 27.37 8.58 9.38
N TRP B 458 26.93 7.44 8.84
CA TRP B 458 25.50 7.14 8.79
C TRP B 458 25.26 5.76 9.41
N PRO B 459 25.38 5.63 10.74
CA PRO B 459 25.20 4.35 11.42
C PRO B 459 23.70 4.06 11.60
N ASP B 460 23.40 2.92 12.24
CA ASP B 460 22.04 2.49 12.43
C ASP B 460 21.24 3.55 13.20
N GLY B 461 21.81 4.01 14.32
CA GLY B 461 21.26 5.15 15.05
C GLY B 461 20.32 4.78 16.19
N ALA B 462 19.98 3.49 16.34
CA ALA B 462 19.10 3.09 17.44
C ALA B 462 19.86 3.15 18.76
N ASN B 463 19.13 3.50 19.83
CA ASN B 463 19.66 3.48 21.18
C ASN B 463 19.24 2.15 21.83
N ILE B 464 20.23 1.32 22.17
CA ILE B 464 19.96 -0.02 22.69
C ILE B 464 19.10 0.07 23.95
N ASN B 465 19.23 1.18 24.69
CA ASN B 465 18.52 1.37 25.96
C ASN B 465 17.04 1.64 25.71
N PHE B 466 16.70 2.07 24.50
CA PHE B 466 15.33 2.45 24.15
C PHE B 466 14.56 1.29 23.51
N MET B 467 15.25 0.17 23.24
CA MET B 467 14.65 -0.87 22.43
C MET B 467 13.81 -1.81 23.30
N PRO B 468 12.67 -2.34 22.79
CA PRO B 468 12.03 -3.49 23.42
C PRO B 468 13.02 -4.65 23.37
N ILE B 469 13.01 -5.50 24.41
CA ILE B 469 13.98 -6.58 24.49
C ILE B 469 13.44 -7.82 23.74
N VAL C 82 -9.72 7.10 -23.24
CA VAL C 82 -10.84 7.05 -22.25
C VAL C 82 -11.94 8.02 -22.70
N GLU C 83 -13.19 7.62 -22.45
CA GLU C 83 -14.36 8.36 -22.89
C GLU C 83 -15.15 8.80 -21.66
N TYR C 84 -15.95 9.87 -21.82
CA TYR C 84 -16.88 10.28 -20.78
C TYR C 84 -17.96 9.21 -20.63
N ARG C 85 -18.37 8.97 -19.38
CA ARG C 85 -19.50 8.10 -19.06
C ARG C 85 -20.79 8.80 -19.48
N ASN C 86 -21.71 8.02 -20.07
CA ASN C 86 -23.02 8.52 -20.45
C ASN C 86 -24.12 7.81 -19.66
N TRP C 87 -23.83 6.63 -19.13
CA TRP C 87 -24.81 5.80 -18.43
C TRP C 87 -26.01 5.51 -19.34
N SER C 88 -25.74 5.37 -20.65
CA SER C 88 -26.79 5.27 -21.65
C SER C 88 -27.13 3.81 -21.92
N LYS C 89 -27.46 3.09 -20.84
CA LYS C 89 -27.98 1.74 -20.90
C LYS C 89 -29.25 1.69 -20.05
N PRO C 90 -30.18 0.75 -20.33
CA PRO C 90 -31.37 0.61 -19.48
C PRO C 90 -30.97 0.20 -18.07
N GLN C 91 -31.84 0.51 -17.10
CA GLN C 91 -31.69 0.02 -15.75
C GLN C 91 -31.81 -1.50 -15.75
N CYS C 92 -30.94 -2.17 -14.99
CA CYS C 92 -30.96 -3.62 -14.88
C CYS C 92 -32.29 -4.08 -14.27
N LYS C 93 -32.69 -5.29 -14.64
CA LYS C 93 -33.77 -5.99 -13.96
C LYS C 93 -33.36 -6.18 -12.50
N ILE C 94 -34.31 -5.92 -11.59
CA ILE C 94 -34.07 -6.02 -10.16
C ILE C 94 -35.15 -6.88 -9.53
N THR C 95 -34.71 -7.95 -8.85
CA THR C 95 -35.59 -8.84 -8.11
C THR C 95 -35.38 -8.63 -6.61
N GLY C 96 -34.39 -7.79 -6.29
CA GLY C 96 -33.91 -7.57 -4.93
C GLY C 96 -32.42 -7.26 -4.94
N PHE C 97 -31.75 -7.51 -3.80
CA PHE C 97 -30.36 -7.12 -3.63
C PHE C 97 -29.55 -8.28 -3.06
N ALA C 98 -28.29 -8.36 -3.48
CA ALA C 98 -27.37 -9.38 -3.00
C ALA C 98 -26.20 -8.73 -2.28
N PRO C 99 -25.61 -9.41 -1.28
CA PRO C 99 -24.48 -8.85 -0.52
C PRO C 99 -23.28 -8.54 -1.42
N PHE C 100 -22.63 -7.41 -1.15
CA PHE C 100 -21.56 -6.92 -2.01
C PHE C 100 -20.28 -6.69 -1.21
N SER C 101 -20.38 -5.98 -0.08
CA SER C 101 -19.19 -5.60 0.67
C SER C 101 -19.53 -5.29 2.13
N LYS C 102 -18.54 -5.44 3.01
CA LYS C 102 -18.64 -5.08 4.42
C LYS C 102 -17.24 -4.81 4.93
N ASP C 103 -17.06 -3.78 5.77
CA ASP C 103 -15.70 -3.40 6.12
C ASP C 103 -15.31 -3.74 7.56
N ASN C 104 -16.28 -3.96 8.46
CA ASN C 104 -15.99 -4.43 9.82
C ASN C 104 -15.13 -3.42 10.59
N SER C 105 -15.31 -2.13 10.28
CA SER C 105 -14.44 -1.04 10.75
CA SER C 105 -14.44 -1.05 10.74
C SER C 105 -14.31 -1.03 12.27
N ILE C 106 -15.45 -1.16 12.96
CA ILE C 106 -15.45 -0.98 14.41
C ILE C 106 -14.84 -2.18 15.11
N ARG C 107 -15.14 -3.40 14.62
CA ARG C 107 -14.53 -4.59 15.17
C ARG C 107 -13.01 -4.50 15.07
N LEU C 108 -12.53 -4.04 13.91
CA LEU C 108 -11.09 -3.94 13.65
C LEU C 108 -10.46 -2.87 14.54
N SER C 109 -11.22 -1.81 14.84
CA SER C 109 -10.77 -0.67 15.62
C SER C 109 -10.31 -1.08 17.02
N ALA C 110 -10.78 -2.23 17.50
CA ALA C 110 -10.46 -2.70 18.84
C ALA C 110 -9.14 -3.45 18.85
N GLY C 111 -8.50 -3.56 17.68
CA GLY C 111 -7.24 -4.27 17.53
C GLY C 111 -6.49 -3.79 16.29
N GLY C 112 -6.28 -2.47 16.22
CA GLY C 112 -5.66 -1.86 15.06
C GLY C 112 -6.01 -0.37 14.99
N ASP C 113 -5.24 0.36 14.19
CA ASP C 113 -5.37 1.81 14.08
C ASP C 113 -6.29 2.12 12.90
N ILE C 114 -7.54 2.49 13.22
CA ILE C 114 -8.58 2.71 12.23
C ILE C 114 -9.17 4.09 12.45
N TRP C 115 -9.41 4.81 11.35
CA TRP C 115 -10.01 6.14 11.37
C TRP C 115 -11.38 6.12 12.04
N VAL C 116 -11.65 7.18 12.83
CA VAL C 116 -13.01 7.52 13.22
C VAL C 116 -13.65 8.24 12.04
N THR C 117 -14.86 7.81 11.67
CA THR C 117 -15.57 8.35 10.51
C THR C 117 -17.05 8.54 10.82
N ARG C 118 -17.74 9.19 9.88
CA ARG C 118 -19.18 9.09 9.69
C ARG C 118 -19.48 9.57 8.27
N GLU C 119 -20.76 9.53 7.88
CA GLU C 119 -21.21 9.97 6.56
C GLU C 119 -20.42 9.26 5.45
N PRO C 120 -20.39 7.91 5.42
CA PRO C 120 -19.68 7.18 4.37
C PRO C 120 -20.53 7.14 3.10
N TYR C 121 -19.89 6.78 1.99
CA TYR C 121 -20.58 6.45 0.76
C TYR C 121 -19.68 5.63 -0.16
N VAL C 122 -20.25 5.21 -1.28
CA VAL C 122 -19.56 4.38 -2.26
C VAL C 122 -19.72 5.03 -3.63
N SER C 123 -18.64 5.01 -4.41
CA SER C 123 -18.68 5.44 -5.80
C SER C 123 -17.64 4.65 -6.57
N CYS C 124 -17.95 4.33 -7.83
CA CYS C 124 -17.06 3.49 -8.62
C CYS C 124 -16.59 4.26 -9.85
N ASP C 125 -15.30 4.08 -10.18
CA ASP C 125 -14.80 4.45 -11.49
C ASP C 125 -15.23 3.34 -12.45
N PRO C 126 -14.94 3.45 -13.77
CA PRO C 126 -15.34 2.39 -14.73
C PRO C 126 -14.88 0.98 -14.38
N GLY C 127 -13.82 0.88 -13.57
CA GLY C 127 -13.21 -0.41 -13.27
C GLY C 127 -13.56 -0.95 -11.89
N LYS C 128 -13.52 -0.10 -10.86
CA LYS C 128 -13.59 -0.58 -9.50
C LYS C 128 -14.28 0.43 -8.60
N CYS C 129 -14.81 -0.06 -7.48
CA CYS C 129 -15.54 0.76 -6.53
C CYS C 129 -14.64 1.19 -5.38
N TYR C 130 -14.98 2.37 -4.81
CA TYR C 130 -14.26 2.97 -3.72
C TYR C 130 -15.23 3.28 -2.58
N GLN C 131 -14.74 3.14 -1.35
CA GLN C 131 -15.50 3.61 -0.19
C GLN C 131 -14.92 4.94 0.28
N PHE C 132 -15.82 5.85 0.64
CA PHE C 132 -15.49 7.18 1.11
C PHE C 132 -16.13 7.39 2.48
N ALA C 133 -15.54 8.30 3.28
CA ALA C 133 -16.19 8.74 4.50
C ALA C 133 -15.52 10.03 4.99
N LEU C 134 -16.20 10.74 5.88
CA LEU C 134 -15.62 11.91 6.50
C LEU C 134 -14.91 11.47 7.77
N GLY C 135 -13.58 11.57 7.75
CA GLY C 135 -12.77 11.32 8.94
C GLY C 135 -13.02 12.39 9.99
N GLN C 136 -12.60 12.09 11.23
CA GLN C 136 -12.68 13.02 12.34
C GLN C 136 -11.28 13.44 12.77
N GLY C 137 -10.31 13.25 11.88
CA GLY C 137 -8.92 13.66 12.11
C GLY C 137 -8.26 12.87 13.25
N THR C 138 -8.72 11.63 13.45
CA THR C 138 -8.23 10.79 14.53
C THR C 138 -8.56 9.33 14.23
N THR C 139 -7.79 8.43 14.84
CA THR C 139 -8.14 7.03 14.93
C THR C 139 -9.04 6.82 16.14
N LEU C 140 -9.62 5.62 16.26
CA LEU C 140 -10.59 5.34 17.32
C LEU C 140 -9.88 5.12 18.65
N ASP C 141 -8.83 4.27 18.64
CA ASP C 141 -8.05 4.01 19.83
C ASP C 141 -7.02 5.14 19.98
N ASN C 142 -7.48 6.27 20.50
CA ASN C 142 -6.81 7.56 20.42
C ASN C 142 -7.65 8.52 21.27
N LYS C 143 -6.99 9.26 22.17
CA LYS C 143 -7.71 10.17 23.04
C LYS C 143 -8.48 11.24 22.26
N HIS C 144 -8.05 11.51 21.02
CA HIS C 144 -8.72 12.49 20.17
C HIS C 144 -10.08 11.99 19.67
N SER C 145 -10.41 10.71 19.92
CA SER C 145 -11.68 10.18 19.47
C SER C 145 -12.81 10.64 20.39
N ASN C 146 -12.44 11.18 21.56
CA ASN C 146 -13.40 11.67 22.53
C ASN C 146 -14.20 12.82 21.91
N ASP C 147 -15.53 12.72 21.99
CA ASP C 147 -16.45 13.78 21.62
C ASP C 147 -16.45 14.01 20.10
N THR C 148 -16.34 12.91 19.34
CA THR C 148 -16.42 12.96 17.89
C THR C 148 -17.87 12.90 17.41
N ILE C 149 -18.80 13.12 18.35
CA ILE C 149 -20.22 13.22 18.02
C ILE C 149 -20.46 14.46 17.15
N HIS C 150 -19.62 15.49 17.33
CA HIS C 150 -19.79 16.76 16.64
C HIS C 150 -19.59 16.60 15.14
N ASP C 151 -20.46 17.25 14.36
CA ASP C 151 -20.54 17.05 12.93
C ASP C 151 -19.44 17.82 12.19
N ARG C 152 -19.06 19.00 12.71
CA ARG C 152 -18.20 19.89 11.95
C ARG C 152 -17.04 20.37 12.81
N ILE C 153 -15.83 19.91 12.45
CA ILE C 153 -14.59 20.42 13.00
C ILE C 153 -13.63 20.63 11.82
N PRO C 154 -12.60 21.48 11.95
CA PRO C 154 -11.68 21.76 10.85
C PRO C 154 -10.84 20.55 10.42
N HIS C 155 -10.83 19.50 11.25
CA HIS C 155 -9.93 18.36 11.07
C HIS C 155 -10.60 17.26 10.24
N ARG C 156 -11.89 17.44 9.93
CA ARG C 156 -12.56 16.46 9.09
C ARG C 156 -12.02 16.54 7.67
N THR C 157 -11.70 15.37 7.12
CA THR C 157 -11.19 15.21 5.76
C THR C 157 -11.92 14.05 5.09
N LEU C 158 -12.05 14.13 3.77
CA LEU C 158 -12.67 13.05 3.01
C LEU C 158 -11.64 11.94 2.78
N LEU C 159 -11.98 10.73 3.23
CA LEU C 159 -11.14 9.56 3.05
C LEU C 159 -11.63 8.78 1.84
N MET C 160 -10.70 8.12 1.13
CA MET C 160 -11.04 7.34 -0.05
C MET C 160 -10.12 6.12 -0.14
N ASN C 161 -10.73 4.93 -0.08
CA ASN C 161 -10.02 3.66 -0.26
C ASN C 161 -10.80 2.83 -1.28
N GLU C 162 -10.13 1.81 -1.85
CA GLU C 162 -10.87 0.80 -2.59
C GLU C 162 -11.91 0.18 -1.65
N LEU C 163 -13.08 -0.15 -2.20
CA LEU C 163 -14.16 -0.71 -1.40
C LEU C 163 -13.70 -2.00 -0.73
N GLY C 164 -13.92 -2.08 0.59
CA GLY C 164 -13.54 -3.26 1.34
C GLY C 164 -12.19 -3.11 2.03
N VAL C 165 -11.43 -2.07 1.68
CA VAL C 165 -10.20 -1.74 2.41
C VAL C 165 -10.61 -0.82 3.56
N PRO C 166 -10.49 -1.25 4.83
CA PRO C 166 -10.92 -0.41 5.94
C PRO C 166 -10.02 0.81 6.05
N PHE C 167 -10.49 1.84 6.75
CA PHE C 167 -9.78 3.10 6.82
C PHE C 167 -8.61 2.99 7.80
N HIS C 168 -7.51 2.40 7.32
CA HIS C 168 -6.26 2.28 8.05
C HIS C 168 -5.42 3.54 7.86
N LEU C 169 -4.22 3.58 8.48
CA LEU C 169 -3.43 4.80 8.52
C LEU C 169 -2.81 5.15 7.16
N GLY C 170 -2.86 4.22 6.20
CA GLY C 170 -2.37 4.49 4.86
C GLY C 170 -3.45 5.10 3.95
N THR C 171 -4.62 5.40 4.51
CA THR C 171 -5.74 5.94 3.74
C THR C 171 -5.44 7.37 3.31
N ARG C 172 -5.77 7.69 2.06
CA ARG C 172 -5.57 9.04 1.53
C ARG C 172 -6.72 9.95 1.96
N GLN C 173 -6.36 11.10 2.53
CA GLN C 173 -7.30 12.18 2.79
C GLN C 173 -7.33 13.07 1.55
N VAL C 174 -8.45 13.04 0.84
CA VAL C 174 -8.57 13.60 -0.50
C VAL C 174 -8.71 15.11 -0.46
N CYS C 175 -9.33 15.64 0.61
CA CYS C 175 -9.60 17.06 0.75
C CYS C 175 -10.08 17.33 2.16
N ILE C 176 -10.18 18.62 2.53
CA ILE C 176 -10.74 19.02 3.81
C ILE C 176 -12.25 19.12 3.63
N ALA C 177 -13.02 18.43 4.49
CA ALA C 177 -14.46 18.37 4.29
C ALA C 177 -15.18 17.90 5.55
N TRP C 178 -16.21 18.66 5.96
CA TRP C 178 -17.21 18.16 6.89
C TRP C 178 -18.55 17.88 6.19
N SER C 179 -18.56 18.03 4.87
CA SER C 179 -19.64 17.61 3.99
C SER C 179 -19.05 17.39 2.61
N SER C 180 -19.47 16.33 1.90
CA SER C 180 -18.82 16.00 0.65
C SER C 180 -19.74 15.28 -0.34
N SER C 181 -19.30 15.29 -1.60
CA SER C 181 -19.82 14.45 -2.67
C SER C 181 -18.67 14.15 -3.63
N SER C 182 -18.65 12.93 -4.20
CA SER C 182 -17.62 12.55 -5.16
C SER C 182 -18.26 11.78 -6.32
N CYS C 183 -17.65 11.90 -7.50
CA CYS C 183 -18.09 11.11 -8.66
C CYS C 183 -17.00 11.11 -9.73
N HIS C 184 -17.06 10.08 -10.58
CA HIS C 184 -16.10 9.91 -11.67
C HIS C 184 -16.85 10.07 -12.99
N ASP C 185 -16.28 10.89 -13.89
CA ASP C 185 -16.98 11.25 -15.12
C ASP C 185 -16.59 10.31 -16.26
N GLY C 186 -15.80 9.28 -15.96
CA GLY C 186 -15.27 8.38 -16.97
C GLY C 186 -13.79 8.65 -17.25
N LYS C 187 -13.36 9.88 -16.99
CA LYS C 187 -11.97 10.28 -17.19
C LYS C 187 -11.26 10.51 -15.85
N ALA C 188 -11.94 11.17 -14.90
CA ALA C 188 -11.29 11.56 -13.66
C ALA C 188 -12.32 11.74 -12.54
N TRP C 189 -11.82 11.82 -11.30
CA TRP C 189 -12.63 12.04 -10.11
C TRP C 189 -12.89 13.52 -9.91
N LEU C 190 -14.16 13.84 -9.58
CA LEU C 190 -14.55 15.12 -9.01
C LEU C 190 -14.83 14.91 -7.52
N HIS C 191 -14.33 15.84 -6.70
CA HIS C 191 -14.68 15.89 -5.29
C HIS C 191 -15.22 17.28 -4.96
N VAL C 192 -16.36 17.30 -4.25
CA VAL C 192 -16.94 18.51 -3.70
C VAL C 192 -16.76 18.46 -2.19
N CYS C 193 -16.00 19.41 -1.65
CA CYS C 193 -15.55 19.35 -0.27
C CYS C 193 -15.87 20.68 0.42
N VAL C 194 -16.71 20.60 1.46
CA VAL C 194 -17.13 21.80 2.18
C VAL C 194 -16.48 21.81 3.57
N THR C 195 -15.90 22.96 3.94
CA THR C 195 -15.27 23.12 5.24
C THR C 195 -15.36 24.58 5.69
N GLY C 196 -14.88 24.86 6.90
CA GLY C 196 -14.82 26.22 7.43
C GLY C 196 -15.98 26.54 8.38
N ASP C 197 -16.17 27.84 8.62
CA ASP C 197 -17.12 28.35 9.59
C ASP C 197 -18.56 28.06 9.14
N ASP C 198 -19.42 27.76 10.12
CA ASP C 198 -20.83 27.47 9.86
C ASP C 198 -21.47 28.61 9.06
N LYS C 199 -21.16 29.86 9.40
CA LYS C 199 -21.83 31.00 8.81
C LYS C 199 -21.14 31.47 7.53
N ASN C 200 -20.04 30.82 7.14
CA ASN C 200 -19.26 31.30 6.01
C ASN C 200 -18.36 30.19 5.48
N ALA C 201 -18.98 29.07 5.07
CA ALA C 201 -18.23 27.90 4.63
C ALA C 201 -17.71 28.09 3.21
N THR C 202 -16.74 27.25 2.83
CA THR C 202 -16.19 27.20 1.48
C THR C 202 -16.35 25.78 0.93
N ALA C 203 -16.87 25.68 -0.29
CA ALA C 203 -16.85 24.42 -1.02
C ALA C 203 -15.74 24.47 -2.07
N SER C 204 -14.82 23.50 -2.00
CA SER C 204 -13.78 23.32 -2.99
C SER C 204 -14.22 22.26 -4.00
N PHE C 205 -13.88 22.50 -5.27
CA PHE C 205 -14.15 21.58 -6.36
C PHE C 205 -12.82 21.11 -6.92
N ILE C 206 -12.51 19.84 -6.67
CA ILE C 206 -11.25 19.23 -7.05
C ILE C 206 -11.53 18.21 -8.15
N TYR C 207 -10.81 18.35 -9.27
CA TYR C 207 -10.99 17.46 -10.40
C TYR C 207 -9.63 17.02 -10.93
N ASP C 208 -9.47 15.71 -11.17
CA ASP C 208 -8.25 15.15 -11.71
C ASP C 208 -7.05 15.62 -10.89
N GLY C 209 -7.24 15.65 -9.56
CA GLY C 209 -6.16 15.88 -8.62
C GLY C 209 -5.77 17.34 -8.43
N ARG C 210 -6.61 18.28 -8.91
CA ARG C 210 -6.28 19.69 -8.74
C ARG C 210 -7.53 20.50 -8.42
N LEU C 211 -7.34 21.59 -7.67
CA LEU C 211 -8.44 22.49 -7.34
C LEU C 211 -8.77 23.33 -8.57
N VAL C 212 -10.04 23.28 -9.00
CA VAL C 212 -10.47 23.93 -10.23
C VAL C 212 -11.41 25.11 -9.91
N ASP C 213 -12.20 24.98 -8.84
CA ASP C 213 -13.18 26.01 -8.52
C ASP C 213 -13.47 26.01 -7.02
N SER C 214 -14.11 27.08 -6.57
CA SER C 214 -14.63 27.15 -5.21
C SER C 214 -15.82 28.09 -5.18
N ILE C 215 -16.70 27.89 -4.19
CA ILE C 215 -17.81 28.80 -3.95
C ILE C 215 -18.00 29.01 -2.45
N GLY C 216 -18.34 30.24 -2.07
CA GLY C 216 -18.68 30.56 -0.70
C GLY C 216 -20.16 30.36 -0.40
N SER C 217 -20.49 30.30 0.89
CA SER C 217 -21.84 30.18 1.40
C SER C 217 -22.73 31.28 0.82
N TRP C 218 -23.96 30.92 0.43
CA TRP C 218 -24.90 31.88 -0.13
C TRP C 218 -26.00 32.27 0.87
N SER C 219 -26.16 31.48 1.94
CA SER C 219 -27.20 31.74 2.93
C SER C 219 -26.61 31.87 4.34
N GLN C 220 -25.29 31.75 4.46
CA GLN C 220 -24.57 31.96 5.71
C GLN C 220 -25.10 31.03 6.80
N ASN C 221 -25.43 29.79 6.42
CA ASN C 221 -26.01 28.85 7.37
C ASN C 221 -25.73 27.41 6.94
N ILE C 222 -24.47 27.00 7.08
CA ILE C 222 -23.98 25.63 6.88
C ILE C 222 -24.22 25.17 5.45
N LEU C 223 -23.46 25.74 4.50
CA LEU C 223 -23.43 25.23 3.15
C LEU C 223 -23.06 23.75 3.23
N ARG C 224 -23.78 22.90 2.49
CA ARG C 224 -23.67 21.46 2.69
C ARG C 224 -24.14 20.72 1.45
N THR C 225 -23.81 19.42 1.36
CA THR C 225 -24.07 18.65 0.15
C THR C 225 -24.50 17.22 0.47
N GLN C 226 -24.33 16.32 -0.52
CA GLN C 226 -25.09 15.08 -0.62
C GLN C 226 -24.70 14.04 0.43
N GLU C 227 -23.40 13.90 0.70
CA GLU C 227 -22.84 12.79 1.47
C GLU C 227 -23.00 11.46 0.72
N SER C 228 -23.10 11.54 -0.61
CA SER C 228 -23.07 10.38 -1.49
C SER C 228 -22.65 10.81 -2.90
N GLU C 229 -22.60 9.85 -3.83
CA GLU C 229 -21.99 10.12 -5.12
C GLU C 229 -22.80 11.15 -5.91
N CYS C 230 -22.08 12.07 -6.56
CA CYS C 230 -22.67 12.90 -7.60
C CYS C 230 -22.80 12.08 -8.88
N VAL C 231 -23.31 12.68 -9.96
CA VAL C 231 -23.57 11.95 -11.18
C VAL C 231 -23.10 12.80 -12.37
N CYS C 232 -22.36 12.16 -13.29
CA CYS C 232 -21.84 12.81 -14.48
C CYS C 232 -22.39 12.13 -15.73
N ILE C 233 -22.86 12.93 -16.69
CA ILE C 233 -23.27 12.42 -17.99
C ILE C 233 -22.62 13.30 -19.06
N ASN C 234 -21.87 12.65 -19.97
CA ASN C 234 -21.25 13.31 -21.10
C ASN C 234 -20.36 14.47 -20.66
N GLY C 235 -19.68 14.30 -19.52
CA GLY C 235 -18.68 15.26 -19.09
C GLY C 235 -19.23 16.38 -18.21
N THR C 236 -20.56 16.40 -18.00
CA THR C 236 -21.17 17.34 -17.07
C THR C 236 -21.61 16.58 -15.82
N CYS C 237 -21.07 16.99 -14.67
CA CYS C 237 -21.42 16.40 -13.39
C CYS C 237 -22.41 17.33 -12.69
N THR C 238 -23.36 16.74 -11.96
CA THR C 238 -24.33 17.53 -11.21
C THR C 238 -24.27 17.15 -9.74
N VAL C 239 -24.44 18.15 -8.88
CA VAL C 239 -24.46 17.95 -7.44
C VAL C 239 -25.48 18.90 -6.81
N VAL C 240 -26.16 18.42 -5.76
CA VAL C 240 -27.18 19.19 -5.06
C VAL C 240 -26.57 19.71 -3.77
N MET C 241 -26.76 21.01 -3.51
CA MET C 241 -26.24 21.63 -2.30
C MET C 241 -27.35 22.46 -1.65
N THR C 242 -27.28 22.59 -0.33
CA THR C 242 -28.23 23.36 0.44
C THR C 242 -27.48 24.32 1.37
N ASP C 243 -28.08 25.48 1.60
CA ASP C 243 -27.58 26.45 2.56
C ASP C 243 -28.80 27.10 3.21
N GLY C 244 -28.79 27.18 4.55
CA GLY C 244 -29.91 27.76 5.28
C GLY C 244 -30.47 26.80 6.32
N SER C 245 -31.70 27.09 6.78
CA SER C 245 -32.31 26.44 7.92
C SER C 245 -32.48 24.95 7.70
N ALA C 246 -32.33 24.17 8.79
CA ALA C 246 -32.64 22.76 8.78
C ALA C 246 -34.09 22.52 9.23
N SER C 247 -34.79 23.60 9.60
CA SER C 247 -36.11 23.47 10.20
C SER C 247 -37.08 24.49 9.61
N GLY C 248 -36.83 24.87 8.36
CA GLY C 248 -37.61 25.85 7.65
C GLY C 248 -37.12 26.00 6.22
N ARG C 249 -37.69 26.96 5.48
CA ARG C 249 -37.30 27.24 4.12
C ARG C 249 -35.79 27.44 4.05
N ALA C 250 -35.15 26.73 3.11
CA ALA C 250 -33.72 26.86 2.87
C ALA C 250 -33.48 27.16 1.40
N ASP C 251 -32.21 27.35 1.05
CA ASP C 251 -31.82 27.74 -0.30
C ASP C 251 -31.03 26.58 -0.92
N THR C 252 -31.72 25.75 -1.70
CA THR C 252 -31.13 24.59 -2.35
C THR C 252 -30.81 24.93 -3.80
N ARG C 253 -29.59 24.57 -4.23
CA ARG C 253 -29.12 24.86 -5.57
C ARG C 253 -28.52 23.60 -6.19
N ILE C 254 -28.67 23.49 -7.52
CA ILE C 254 -28.15 22.37 -8.27
C ILE C 254 -27.05 22.90 -9.17
N LEU C 255 -25.83 22.38 -8.95
CA LEU C 255 -24.64 22.84 -9.65
C LEU C 255 -24.34 21.90 -10.81
N PHE C 256 -23.86 22.49 -11.91
CA PHE C 256 -23.42 21.75 -13.08
C PHE C 256 -21.94 22.06 -13.29
N ILE C 257 -21.13 21.00 -13.36
CA ILE C 257 -19.68 21.11 -13.24
C ILE C 257 -19.03 20.33 -14.37
N GLU C 258 -18.12 20.99 -15.10
CA GLU C 258 -17.42 20.38 -16.21
C GLU C 258 -15.92 20.47 -15.96
N GLU C 259 -15.29 19.29 -15.79
CA GLU C 259 -13.87 19.19 -15.47
C GLU C 259 -13.54 20.08 -14.27
N GLY C 260 -14.43 20.09 -13.27
CA GLY C 260 -14.17 20.76 -12.01
C GLY C 260 -14.67 22.21 -11.98
N LYS C 261 -15.06 22.75 -13.13
CA LYS C 261 -15.47 24.14 -13.24
C LYS C 261 -16.98 24.25 -13.22
N ILE C 262 -17.53 25.09 -12.33
CA ILE C 262 -18.97 25.31 -12.27
C ILE C 262 -19.38 26.11 -13.51
N VAL C 263 -20.27 25.53 -14.31
CA VAL C 263 -20.69 26.14 -15.56
C VAL C 263 -22.11 26.70 -15.46
N HIS C 264 -22.90 26.18 -14.50
CA HIS C 264 -24.26 26.65 -14.30
C HIS C 264 -24.72 26.29 -12.89
N ILE C 265 -25.60 27.15 -12.32
CA ILE C 265 -26.25 26.89 -11.05
C ILE C 265 -27.75 27.18 -11.21
N SER C 266 -28.58 26.16 -10.92
CA SER C 266 -30.03 26.27 -10.97
C SER C 266 -30.60 26.26 -9.56
N PRO C 267 -31.56 27.15 -9.23
CA PRO C 267 -32.28 27.04 -7.96
C PRO C 267 -33.22 25.84 -7.98
N LEU C 268 -33.47 25.27 -6.80
CA LEU C 268 -34.51 24.26 -6.66
C LEU C 268 -35.85 24.85 -7.11
N SER C 269 -36.61 24.03 -7.85
CA SER C 269 -37.95 24.36 -8.30
C SER C 269 -38.83 23.14 -8.09
N GLY C 270 -40.16 23.34 -8.13
CA GLY C 270 -41.12 22.26 -7.91
C GLY C 270 -41.74 22.34 -6.52
N SER C 271 -42.25 21.19 -6.02
CA SER C 271 -43.07 21.22 -4.82
C SER C 271 -42.34 20.65 -3.60
N ALA C 272 -41.08 20.23 -3.74
CA ALA C 272 -40.32 19.84 -2.57
C ALA C 272 -40.02 21.09 -1.74
N GLN C 273 -40.31 21.02 -0.44
CA GLN C 273 -40.26 22.22 0.41
C GLN C 273 -38.98 22.24 1.25
N HIS C 274 -38.28 21.10 1.33
CA HIS C 274 -37.02 21.04 2.08
C HIS C 274 -36.21 19.86 1.55
N VAL C 275 -34.95 20.14 1.17
CA VAL C 275 -34.13 19.16 0.48
C VAL C 275 -32.75 19.11 1.11
N GLU C 276 -32.38 17.92 1.62
CA GLU C 276 -31.09 17.66 2.23
C GLU C 276 -30.55 16.33 1.73
N GLU C 277 -29.21 16.23 1.64
CA GLU C 277 -28.50 14.96 1.57
C GLU C 277 -29.07 14.06 0.48
N CYS C 278 -29.09 14.57 -0.76
CA CYS C 278 -29.72 13.86 -1.87
C CYS C 278 -28.91 12.63 -2.26
N SER C 279 -29.62 11.54 -2.55
CA SER C 279 -29.06 10.34 -3.15
C SER C 279 -29.47 10.29 -4.62
N CYS C 280 -28.51 10.53 -5.51
CA CYS C 280 -28.81 10.76 -6.92
C CYS C 280 -28.29 9.62 -7.77
N TYR C 281 -28.95 9.41 -8.91
CA TYR C 281 -28.56 8.38 -9.86
C TYR C 281 -28.81 8.82 -11.29
N PRO C 282 -28.04 8.32 -12.26
CA PRO C 282 -28.29 8.60 -13.67
C PRO C 282 -29.56 7.90 -14.12
N ARG C 283 -30.40 8.66 -14.85
CA ARG C 283 -31.54 8.12 -15.57
C ARG C 283 -31.52 8.77 -16.95
N TYR C 284 -30.64 8.24 -17.80
CA TYR C 284 -30.22 8.88 -19.04
C TYR C 284 -31.44 9.39 -19.80
N PRO C 285 -31.42 10.64 -20.33
CA PRO C 285 -30.24 11.52 -20.28
C PRO C 285 -30.14 12.43 -19.06
N ASP C 286 -30.97 12.18 -18.04
CA ASP C 286 -31.10 13.10 -16.92
C ASP C 286 -30.60 12.45 -15.63
N VAL C 287 -30.73 13.20 -14.52
CA VAL C 287 -30.35 12.72 -13.20
C VAL C 287 -31.56 12.86 -12.27
N ARG C 288 -31.72 11.88 -11.38
CA ARG C 288 -32.83 11.85 -10.44
C ARG C 288 -32.28 11.63 -9.03
N CYS C 289 -32.80 12.39 -8.07
CA CYS C 289 -32.35 12.36 -6.69
C CYS C 289 -33.53 12.10 -5.75
N ILE C 290 -33.29 11.25 -4.74
CA ILE C 290 -34.22 11.08 -3.64
C ILE C 290 -33.50 11.56 -2.37
N CYS C 291 -34.18 12.45 -1.63
CA CYS C 291 -33.50 13.26 -0.63
C CYS C 291 -34.17 13.13 0.74
N ARG C 292 -33.80 14.04 1.64
CA ARG C 292 -34.31 14.09 3.00
C ARG C 292 -34.97 15.44 3.23
N ASP C 293 -36.25 15.42 3.64
CA ASP C 293 -36.95 16.61 4.08
C ASP C 293 -36.83 16.68 5.60
N ASN C 294 -36.13 17.70 6.10
CA ASN C 294 -35.81 17.79 7.51
C ASN C 294 -36.85 18.63 8.26
N TRP C 295 -37.88 19.09 7.54
CA TRP C 295 -38.76 20.13 8.04
C TRP C 295 -40.16 19.57 8.31
N LYS C 296 -40.95 19.33 7.25
CA LYS C 296 -42.34 18.96 7.42
C LYS C 296 -42.65 17.57 6.86
N GLY C 297 -41.66 16.91 6.24
CA GLY C 297 -41.94 15.65 5.55
C GLY C 297 -41.23 14.44 6.16
N SER C 298 -41.98 13.34 6.33
CA SER C 298 -41.37 12.03 6.56
C SER C 298 -41.42 11.21 5.27
N ASN C 299 -42.13 11.74 4.26
CA ASN C 299 -41.97 11.26 2.89
C ASN C 299 -40.74 11.92 2.30
N ARG C 300 -40.06 11.21 1.38
CA ARG C 300 -38.79 11.67 0.82
C ARG C 300 -39.02 12.53 -0.42
N PRO C 301 -38.39 13.73 -0.51
CA PRO C 301 -38.45 14.53 -1.73
C PRO C 301 -37.72 13.87 -2.90
N ILE C 302 -38.20 14.16 -4.11
CA ILE C 302 -37.53 13.81 -5.35
C ILE C 302 -37.09 15.12 -6.01
N VAL C 303 -35.86 15.15 -6.51
CA VAL C 303 -35.39 16.25 -7.35
C VAL C 303 -34.99 15.66 -8.71
N ASP C 304 -35.62 16.19 -9.77
CA ASP C 304 -35.32 15.79 -11.13
C ASP C 304 -34.51 16.89 -11.81
N ILE C 305 -33.36 16.49 -12.37
CA ILE C 305 -32.39 17.42 -12.94
C ILE C 305 -32.30 17.17 -14.45
N ASN C 306 -32.74 18.17 -15.23
CA ASN C 306 -32.65 18.12 -16.67
C ASN C 306 -31.25 18.55 -17.09
N MET C 307 -30.50 17.61 -17.67
CA MET C 307 -29.08 17.83 -17.93
C MET C 307 -28.88 18.61 -19.24
N LYS C 308 -29.95 18.80 -20.01
CA LYS C 308 -29.86 19.51 -21.26
C LYS C 308 -30.04 21.02 -21.05
N ASP C 309 -31.10 21.41 -20.33
CA ASP C 309 -31.44 22.81 -20.21
C ASP C 309 -31.31 23.31 -18.77
N TYR C 310 -30.89 22.43 -17.87
CA TYR C 310 -30.60 22.77 -16.47
C TYR C 310 -31.87 23.06 -15.68
N SER C 311 -33.04 22.74 -16.24
CA SER C 311 -34.29 22.96 -15.51
C SER C 311 -34.43 21.91 -14.41
N ILE C 312 -35.18 22.28 -13.36
CA ILE C 312 -35.32 21.47 -12.16
C ILE C 312 -36.80 21.30 -11.86
N ASP C 313 -37.16 20.08 -11.45
CA ASP C 313 -38.48 19.78 -10.92
C ASP C 313 -38.31 19.02 -9.61
N SER C 314 -39.33 19.04 -8.77
CA SER C 314 -39.26 18.34 -7.50
C SER C 314 -40.67 17.99 -7.00
N SER C 315 -40.75 16.88 -6.28
CA SER C 315 -41.98 16.38 -5.68
C SER C 315 -41.62 15.46 -4.53
N TYR C 316 -42.50 14.49 -4.20
CA TYR C 316 -42.23 13.54 -3.15
C TYR C 316 -42.52 12.12 -3.65
N VAL C 317 -41.79 11.14 -3.10
CA VAL C 317 -42.06 9.74 -3.42
C VAL C 317 -43.52 9.43 -3.11
N CYS C 318 -44.21 8.80 -4.07
CA CYS C 318 -45.65 8.55 -3.98
C CYS C 318 -45.98 7.56 -2.86
N SER C 319 -45.08 6.60 -2.61
CA SER C 319 -45.32 5.49 -1.70
C SER C 319 -45.89 5.97 -0.37
N GLY C 320 -46.98 5.31 0.07
CA GLY C 320 -47.55 5.52 1.39
C GLY C 320 -46.69 4.89 2.48
N LEU C 321 -45.82 3.97 2.08
CA LEU C 321 -44.77 3.48 2.96
C LEU C 321 -43.57 4.41 2.80
N VAL C 322 -43.38 5.28 3.80
CA VAL C 322 -42.46 6.41 3.63
C VAL C 322 -41.08 6.01 4.12
N GLY C 323 -40.06 6.75 3.65
CA GLY C 323 -38.67 6.33 3.75
C GLY C 323 -37.86 7.03 4.82
N ASP C 324 -38.39 8.10 5.44
CA ASP C 324 -37.63 8.88 6.40
C ASP C 324 -37.74 8.28 7.80
N THR C 325 -36.86 8.74 8.69
CA THR C 325 -36.94 8.48 10.12
C THR C 325 -36.68 9.79 10.86
N PRO C 326 -37.59 10.29 11.73
CA PRO C 326 -38.80 9.58 12.12
C PRO C 326 -39.92 9.58 11.08
N ARG C 327 -40.95 8.75 11.33
CA ARG C 327 -42.13 8.66 10.50
C ARG C 327 -43.25 8.03 11.32
N ASN C 328 -44.48 8.09 10.78
CA ASN C 328 -45.62 7.41 11.37
C ASN C 328 -45.51 5.92 11.07
N ASP C 329 -46.31 5.11 11.78
CA ASP C 329 -46.36 3.69 11.49
C ASP C 329 -47.01 3.48 10.13
N ASP C 330 -46.81 2.28 9.55
CA ASP C 330 -47.22 1.96 8.20
C ASP C 330 -48.73 2.13 8.00
N ARG C 331 -49.50 1.95 9.09
CA ARG C 331 -50.96 1.98 8.97
C ARG C 331 -51.45 3.41 8.76
N SER C 332 -50.75 4.39 9.32
CA SER C 332 -51.25 5.75 9.35
C SER C 332 -50.46 6.68 8.42
N SER C 333 -49.29 6.23 7.93
CA SER C 333 -48.43 7.08 7.14
C SER C 333 -49.08 7.42 5.79
N LYS C 334 -48.72 8.57 5.22
CA LYS C 334 -49.29 9.03 3.96
C LYS C 334 -48.23 9.74 3.11
N SER C 335 -48.44 9.69 1.79
CA SER C 335 -47.80 10.60 0.85
C SER C 335 -48.74 10.85 -0.34
N ASN C 336 -48.82 12.11 -0.77
CA ASN C 336 -49.67 12.48 -1.90
C ASN C 336 -48.85 12.76 -3.15
N CYS C 337 -47.54 12.47 -3.10
CA CYS C 337 -46.59 12.64 -4.20
C CYS C 337 -46.16 14.11 -4.35
N ARG C 338 -46.84 15.04 -3.66
CA ARG C 338 -46.68 16.46 -4.00
C ARG C 338 -46.15 17.27 -2.82
N ASN C 339 -46.68 17.00 -1.62
CA ASN C 339 -46.42 17.86 -0.47
C ASN C 339 -45.74 17.07 0.64
N PRO C 340 -44.99 17.74 1.54
CA PRO C 340 -44.52 17.09 2.76
C PRO C 340 -45.77 16.66 3.54
N ASN C 341 -45.71 15.47 4.16
CA ASN C 341 -46.90 14.84 4.68
C ASN C 341 -47.29 15.38 6.05
N ASN C 342 -46.40 16.19 6.67
CA ASN C 342 -46.63 16.79 7.98
C ASN C 342 -46.84 15.70 9.04
N GLU C 343 -46.16 14.56 8.86
CA GLU C 343 -46.21 13.46 9.81
C GLU C 343 -44.81 13.23 10.37
N ARG C 344 -44.59 13.70 11.61
CA ARG C 344 -43.30 13.64 12.27
C ARG C 344 -42.21 14.13 11.30
N GLY C 345 -42.49 15.26 10.66
CA GLY C 345 -41.70 15.75 9.55
C GLY C 345 -40.30 16.23 9.96
N ASN C 346 -40.20 16.80 11.17
CA ASN C 346 -38.95 17.36 11.66
C ASN C 346 -37.90 16.26 11.81
N HIS C 347 -36.65 16.63 11.53
CA HIS C 347 -35.53 15.72 11.52
C HIS C 347 -35.65 14.76 10.33
N GLY C 348 -34.82 13.72 10.34
CA GLY C 348 -34.76 12.79 9.23
C GLY C 348 -33.45 12.02 9.24
N VAL C 349 -33.23 11.25 8.16
CA VAL C 349 -32.00 10.52 7.95
C VAL C 349 -31.77 10.46 6.44
N LYS C 350 -30.51 10.52 6.02
CA LYS C 350 -30.21 10.36 4.61
C LYS C 350 -30.64 8.96 4.18
N GLY C 351 -31.30 8.89 3.02
CA GLY C 351 -31.72 7.62 2.45
C GLY C 351 -31.87 7.68 0.94
N TRP C 352 -32.53 6.66 0.36
CA TRP C 352 -32.56 6.48 -1.07
C TRP C 352 -33.82 5.74 -1.49
N ALA C 353 -34.12 5.87 -2.78
CA ALA C 353 -35.12 5.09 -3.50
C ALA C 353 -34.80 5.20 -4.99
N PHE C 354 -35.34 4.29 -5.81
CA PHE C 354 -35.26 4.45 -7.25
C PHE C 354 -36.50 3.85 -7.90
N ASP C 355 -36.84 4.39 -9.07
CA ASP C 355 -38.04 4.02 -9.80
C ASP C 355 -37.78 2.82 -10.69
N ASN C 356 -38.80 1.98 -10.84
CA ASN C 356 -38.88 1.08 -11.98
C ASN C 356 -40.32 1.11 -12.49
N GLY C 357 -40.52 1.83 -13.59
CA GLY C 357 -41.87 2.09 -14.10
C GLY C 357 -42.73 2.74 -13.04
N ASN C 358 -43.83 2.05 -12.69
CA ASN C 358 -44.80 2.57 -11.74
C ASN C 358 -44.42 2.18 -10.31
N ASP C 359 -43.39 1.34 -10.17
CA ASP C 359 -42.98 0.80 -8.87
C ASP C 359 -41.77 1.53 -8.35
N VAL C 360 -41.55 1.44 -7.02
CA VAL C 360 -40.37 2.01 -6.39
C VAL C 360 -39.68 0.94 -5.55
N TRP C 361 -38.34 0.88 -5.68
CA TRP C 361 -37.49 0.17 -4.75
C TRP C 361 -36.95 1.17 -3.74
N MET C 362 -37.03 0.82 -2.45
CA MET C 362 -36.58 1.74 -1.42
C MET C 362 -35.99 0.99 -0.23
N GLY C 363 -35.11 1.69 0.49
CA GLY C 363 -34.65 1.27 1.80
C GLY C 363 -35.13 2.22 2.88
N ARG C 364 -35.11 1.75 4.14
CA ARG C 364 -35.39 2.58 5.29
C ARG C 364 -34.95 1.84 6.54
N THR C 365 -34.80 2.58 7.65
CA THR C 365 -34.59 1.97 8.94
C THR C 365 -35.82 1.16 9.30
N ILE C 366 -35.63 0.06 10.05
CA ILE C 366 -36.77 -0.76 10.44
C ILE C 366 -37.57 -0.01 11.50
N SER C 367 -36.88 0.61 12.46
CA SER C 367 -37.50 1.46 13.45
C SER C 367 -38.08 2.70 12.78
N LYS C 368 -39.24 3.15 13.24
CA LYS C 368 -39.83 4.39 12.77
C LYS C 368 -39.37 5.56 13.64
N ASP C 369 -38.61 5.26 14.70
CA ASP C 369 -38.25 6.26 15.70
C ASP C 369 -36.76 6.57 15.65
N LEU C 370 -35.94 5.52 15.48
CA LEU C 370 -34.50 5.63 15.63
C LEU C 370 -33.81 5.01 14.42
N ARG C 371 -32.50 5.27 14.30
CA ARG C 371 -31.72 4.71 13.21
C ARG C 371 -31.28 3.30 13.58
N SER C 372 -32.28 2.42 13.70
CA SER C 372 -32.08 1.03 14.08
C SER C 372 -32.67 0.12 13.02
N GLY C 373 -31.90 -0.91 12.63
CA GLY C 373 -32.31 -1.85 11.60
C GLY C 373 -32.31 -1.22 10.21
N TYR C 374 -32.33 -2.08 9.19
CA TYR C 374 -32.44 -1.61 7.82
C TYR C 374 -33.11 -2.67 6.97
N GLU C 375 -34.10 -2.23 6.16
CA GLU C 375 -34.86 -3.10 5.29
C GLU C 375 -34.98 -2.46 3.91
N THR C 376 -35.11 -3.33 2.89
CA THR C 376 -35.44 -2.90 1.53
C THR C 376 -36.69 -3.63 1.07
N PHE C 377 -37.41 -3.01 0.15
CA PHE C 377 -38.58 -3.63 -0.46
C PHE C 377 -38.99 -2.86 -1.72
N LYS C 378 -39.85 -3.48 -2.51
CA LYS C 378 -40.52 -2.83 -3.62
C LYS C 378 -41.94 -2.47 -3.18
N VAL C 379 -42.39 -1.27 -3.56
CA VAL C 379 -43.78 -0.90 -3.38
C VAL C 379 -44.42 -0.88 -4.77
N ILE C 380 -45.39 -1.77 -4.97
CA ILE C 380 -46.10 -1.85 -6.24
C ILE C 380 -46.97 -0.59 -6.38
N GLY C 381 -46.75 0.13 -7.48
CA GLY C 381 -47.41 1.40 -7.72
C GLY C 381 -46.80 2.54 -6.89
N GLY C 382 -45.69 2.24 -6.20
CA GLY C 382 -45.09 3.16 -5.25
C GLY C 382 -44.43 4.38 -5.89
N TRP C 383 -44.25 4.35 -7.21
CA TRP C 383 -43.70 5.51 -7.90
C TRP C 383 -44.81 6.41 -8.44
N SER C 384 -45.95 5.82 -8.83
CA SER C 384 -46.94 6.49 -9.65
C SER C 384 -48.27 6.69 -8.94
N THR C 385 -48.59 5.82 -7.98
CA THR C 385 -49.87 5.87 -7.29
C THR C 385 -49.71 6.48 -5.91
N PRO C 386 -50.38 7.61 -5.61
CA PRO C 386 -50.29 8.23 -4.29
C PRO C 386 -50.76 7.26 -3.21
N ASN C 387 -49.96 7.17 -2.13
CA ASN C 387 -50.33 6.50 -0.90
CA ASN C 387 -50.36 6.50 -0.91
C ASN C 387 -50.36 4.98 -1.08
N SER C 388 -49.68 4.48 -2.12
CA SER C 388 -49.60 3.05 -2.37
CA SER C 388 -49.61 3.04 -2.36
C SER C 388 -48.84 2.36 -1.24
N LYS C 389 -49.35 1.21 -0.78
CA LYS C 389 -48.75 0.53 0.36
C LYS C 389 -48.57 -0.97 0.11
N SER C 390 -48.71 -1.40 -1.15
CA SER C 390 -48.55 -2.80 -1.50
C SER C 390 -47.07 -3.14 -1.66
N GLN C 391 -46.47 -3.69 -0.60
CA GLN C 391 -45.04 -4.01 -0.68
C GLN C 391 -44.85 -5.49 -1.02
N ILE C 392 -43.66 -5.80 -1.53
CA ILE C 392 -43.24 -7.14 -1.89
C ILE C 392 -41.72 -7.17 -1.92
N ASN C 393 -41.13 -8.36 -1.84
CA ASN C 393 -39.69 -8.56 -1.99
C ASN C 393 -38.93 -7.85 -0.86
N ARG C 394 -39.48 -7.89 0.35
CA ARG C 394 -38.80 -7.33 1.51
C ARG C 394 -37.52 -8.14 1.77
N GLN C 395 -36.46 -7.44 2.14
CA GLN C 395 -35.23 -8.03 2.65
C GLN C 395 -34.76 -7.25 3.88
N VAL C 396 -34.40 -7.99 4.93
CA VAL C 396 -33.69 -7.43 6.06
C VAL C 396 -32.22 -7.32 5.69
N ILE C 397 -31.64 -6.12 5.85
CA ILE C 397 -30.22 -5.91 5.64
C ILE C 397 -29.52 -5.91 6.99
N VAL C 398 -30.11 -5.18 7.95
CA VAL C 398 -29.65 -5.14 9.33
C VAL C 398 -30.86 -5.37 10.21
N ASP C 399 -30.80 -6.39 11.07
CA ASP C 399 -31.94 -6.69 11.94
C ASP C 399 -32.19 -5.54 12.90
N SER C 400 -33.41 -5.50 13.46
CA SER C 400 -33.90 -4.36 14.21
C SER C 400 -33.23 -4.23 15.58
N ASP C 401 -32.44 -5.24 15.97
CA ASP C 401 -31.72 -5.21 17.24
C ASP C 401 -30.39 -4.46 17.08
N ASN C 402 -30.08 -4.04 15.85
CA ASN C 402 -28.77 -3.48 15.55
C ASN C 402 -28.91 -2.08 14.95
N ARG C 403 -27.84 -1.29 15.09
CA ARG C 403 -27.86 0.10 14.66
C ARG C 403 -27.60 0.21 13.16
N SER C 404 -28.29 1.16 12.54
CA SER C 404 -27.97 1.57 11.18
C SER C 404 -27.53 3.03 11.19
N GLY C 405 -28.07 3.84 10.26
CA GLY C 405 -27.59 5.19 10.07
C GLY C 405 -27.94 5.67 8.68
N TYR C 406 -27.09 6.51 8.10
CA TYR C 406 -27.28 7.02 6.75
C TYR C 406 -27.23 5.86 5.76
N SER C 407 -27.92 6.04 4.63
CA SER C 407 -27.81 5.13 3.50
C SER C 407 -27.93 5.93 2.22
N GLY C 408 -27.39 5.38 1.13
CA GLY C 408 -27.36 6.11 -0.12
C GLY C 408 -27.20 5.15 -1.31
N ILE C 409 -27.50 5.66 -2.50
CA ILE C 409 -27.47 4.89 -3.73
C ILE C 409 -26.13 5.13 -4.43
N PHE C 410 -25.70 4.12 -5.18
CA PHE C 410 -24.69 4.31 -6.23
C PHE C 410 -25.06 3.43 -7.42
N SER C 411 -24.53 3.78 -8.59
CA SER C 411 -24.88 3.09 -9.81
C SER C 411 -23.62 2.46 -10.42
N VAL C 412 -23.78 1.27 -11.01
CA VAL C 412 -22.67 0.52 -11.54
C VAL C 412 -23.02 0.03 -12.94
N GLU C 413 -22.16 0.35 -13.90
CA GLU C 413 -22.38 0.00 -15.29
C GLU C 413 -22.01 -1.46 -15.53
N GLY C 414 -22.98 -2.23 -16.03
CA GLY C 414 -22.74 -3.60 -16.44
C GLY C 414 -22.61 -3.68 -17.97
N LYS C 415 -22.57 -4.92 -18.48
CA LYS C 415 -22.38 -5.14 -19.90
C LYS C 415 -23.52 -4.49 -20.71
N SER C 416 -24.77 -4.67 -20.26
N SER C 416 -24.77 -4.67 -20.26
CA SER C 416 -25.91 -4.28 -21.06
CA SER C 416 -25.92 -4.29 -21.05
C SER C 416 -26.87 -3.36 -20.29
C SER C 416 -26.94 -3.47 -20.25
N CYS C 417 -26.63 -3.18 -18.98
CA CYS C 417 -27.54 -2.41 -18.15
C CYS C 417 -26.80 -1.67 -17.03
N ILE C 418 -27.47 -0.67 -16.45
CA ILE C 418 -26.96 0.06 -15.29
C ILE C 418 -27.63 -0.49 -14.04
N ASN C 419 -26.81 -0.95 -13.09
CA ASN C 419 -27.29 -1.54 -11.86
C ASN C 419 -27.39 -0.46 -10.79
N ARG C 420 -28.28 -0.68 -9.82
CA ARG C 420 -28.41 0.19 -8.65
C ARG C 420 -27.94 -0.58 -7.43
N CYS C 421 -27.09 0.06 -6.63
CA CYS C 421 -26.58 -0.52 -5.39
C CYS C 421 -26.79 0.49 -4.26
N PHE C 422 -26.59 0.06 -3.02
CA PHE C 422 -26.68 0.96 -1.88
C PHE C 422 -25.74 0.53 -0.77
N TYR C 423 -25.37 1.50 0.07
CA TYR C 423 -24.60 1.24 1.27
C TYR C 423 -25.46 1.63 2.47
N VAL C 424 -25.16 1.03 3.63
CA VAL C 424 -25.73 1.44 4.90
C VAL C 424 -24.59 1.74 5.88
N GLU C 425 -24.67 2.94 6.46
CA GLU C 425 -23.80 3.35 7.55
C GLU C 425 -24.27 2.70 8.83
N LEU C 426 -23.35 2.05 9.54
CA LEU C 426 -23.68 1.38 10.80
C LEU C 426 -23.00 2.13 11.93
N ILE C 427 -23.75 3.05 12.56
CA ILE C 427 -23.20 3.98 13.54
C ILE C 427 -23.03 3.28 14.88
N ARG C 428 -21.87 3.50 15.51
CA ARG C 428 -21.61 3.00 16.86
C ARG C 428 -21.13 4.15 17.76
N GLY C 429 -21.41 4.01 19.06
CA GLY C 429 -20.89 4.95 20.06
C GLY C 429 -21.92 5.98 20.50
N ARG C 430 -21.42 7.12 20.97
CA ARG C 430 -22.25 8.18 21.53
C ARG C 430 -23.16 8.74 20.43
N GLU C 431 -24.37 9.19 20.81
CA GLU C 431 -24.80 9.34 22.20
C GLU C 431 -25.50 8.10 22.72
N GLN C 432 -25.94 7.22 21.81
CA GLN C 432 -26.77 6.08 22.19
C GLN C 432 -25.99 5.10 23.09
N GLU C 433 -24.72 4.87 22.75
CA GLU C 433 -23.90 3.91 23.48
C GLU C 433 -22.86 4.66 24.30
N THR C 434 -23.04 4.67 25.63
CA THR C 434 -22.35 5.64 26.47
C THR C 434 -21.09 5.07 27.10
N ARG C 435 -20.83 3.76 26.92
CA ARG C 435 -19.64 3.16 27.51
C ARG C 435 -18.39 3.82 26.93
N VAL C 436 -18.45 4.14 25.64
CA VAL C 436 -17.36 4.77 24.91
C VAL C 436 -17.64 6.27 24.80
N TRP C 437 -16.61 7.04 24.43
CA TRP C 437 -16.73 8.49 24.31
C TRP C 437 -16.74 8.94 22.86
N TRP C 438 -16.46 8.00 21.93
CA TRP C 438 -16.38 8.31 20.51
C TRP C 438 -17.69 8.02 19.80
N THR C 439 -17.77 8.50 18.55
CA THR C 439 -18.82 8.18 17.60
C THR C 439 -18.17 7.83 16.27
N SER C 440 -18.49 6.66 15.71
CA SER C 440 -17.90 6.22 14.46
C SER C 440 -18.90 5.32 13.72
N ASN C 441 -18.44 4.64 12.66
CA ASN C 441 -19.32 3.76 11.90
C ASN C 441 -18.51 2.72 11.14
N SER C 442 -19.21 1.64 10.77
CA SER C 442 -18.75 0.75 9.71
C SER C 442 -19.75 0.81 8.56
N ILE C 443 -19.55 -0.01 7.52
CA ILE C 443 -20.46 -0.01 6.39
C ILE C 443 -20.78 -1.44 5.97
N VAL C 444 -21.96 -1.59 5.36
CA VAL C 444 -22.32 -2.78 4.62
C VAL C 444 -22.95 -2.33 3.30
N VAL C 445 -22.75 -3.12 2.24
CA VAL C 445 -23.07 -2.70 0.88
C VAL C 445 -23.74 -3.86 0.15
N PHE C 446 -24.84 -3.55 -0.55
CA PHE C 446 -25.60 -4.51 -1.33
C PHE C 446 -25.79 -3.96 -2.74
N CYS C 447 -25.92 -4.87 -3.71
CA CYS C 447 -26.14 -4.47 -5.10
C CYS C 447 -27.36 -5.16 -5.67
N GLY C 448 -28.05 -4.47 -6.58
CA GLY C 448 -29.18 -5.04 -7.30
C GLY C 448 -28.81 -6.37 -7.94
N THR C 449 -29.76 -7.31 -7.94
CA THR C 449 -29.59 -8.58 -8.60
C THR C 449 -30.83 -8.90 -9.44
N SER C 450 -30.60 -9.59 -10.56
CA SER C 450 -31.70 -10.15 -11.34
C SER C 450 -31.87 -11.63 -11.00
N GLY C 451 -31.03 -12.13 -10.10
CA GLY C 451 -31.03 -13.52 -9.70
C GLY C 451 -31.89 -13.76 -8.46
N THR C 452 -31.50 -14.77 -7.68
CA THR C 452 -32.21 -15.13 -6.46
C THR C 452 -31.27 -14.97 -5.26
N TYR C 453 -31.86 -15.08 -4.07
CA TYR C 453 -31.15 -14.79 -2.83
C TYR C 453 -31.97 -15.36 -1.66
N GLY C 454 -31.35 -15.35 -0.48
CA GLY C 454 -32.00 -15.83 0.73
C GLY C 454 -32.22 -14.70 1.72
N THR C 455 -31.88 -14.97 2.99
CA THR C 455 -32.08 -14.03 4.08
C THR C 455 -30.84 -13.99 4.96
N GLY C 456 -30.72 -12.90 5.73
CA GLY C 456 -29.72 -12.77 6.76
C GLY C 456 -29.79 -11.41 7.45
N SER C 457 -28.72 -11.09 8.17
CA SER C 457 -28.55 -9.79 8.81
C SER C 457 -27.05 -9.53 8.95
N TRP C 458 -26.62 -8.35 8.51
CA TRP C 458 -25.20 -8.03 8.49
C TRP C 458 -24.95 -6.72 9.24
N PRO C 459 -25.03 -6.74 10.59
CA PRO C 459 -24.86 -5.54 11.40
C PRO C 459 -23.38 -5.23 11.59
N ASP C 460 -23.08 -4.16 12.32
CA ASP C 460 -21.72 -3.74 12.57
C ASP C 460 -20.92 -4.88 13.21
N GLY C 461 -21.47 -5.45 14.30
CA GLY C 461 -20.92 -6.67 14.87
C GLY C 461 -19.93 -6.46 16.01
N ALA C 462 -19.58 -5.19 16.31
CA ALA C 462 -18.66 -4.93 17.40
C ALA C 462 -19.37 -5.10 18.74
N ASN C 463 -18.62 -5.61 19.72
CA ASN C 463 -19.08 -5.68 21.10
C ASN C 463 -18.63 -4.40 21.80
N ILE C 464 -19.60 -3.56 22.20
CA ILE C 464 -19.28 -2.27 22.79
C ILE C 464 -18.41 -2.44 24.03
N ASN C 465 -18.53 -3.59 24.70
CA ASN C 465 -17.80 -3.87 25.92
C ASN C 465 -16.34 -4.21 25.63
N PHE C 466 -16.02 -4.52 24.37
CA PHE C 466 -14.68 -4.90 23.97
C PHE C 466 -13.88 -3.71 23.44
N MET C 467 -14.54 -2.54 23.33
CA MET C 467 -13.97 -1.41 22.62
C MET C 467 -13.10 -0.56 23.54
N PRO C 468 -11.99 0.03 23.03
CA PRO C 468 -11.33 1.12 23.72
C PRO C 468 -12.37 2.23 23.87
N ILE C 469 -12.37 2.91 25.02
CA ILE C 469 -13.41 3.90 25.30
C ILE C 469 -12.98 5.26 24.75
N VAL D 82 -6.19 -8.27 -24.07
CA VAL D 82 -6.11 -9.47 -23.18
C VAL D 82 -7.03 -10.56 -23.72
N GLU D 83 -6.57 -11.81 -23.63
CA GLU D 83 -7.27 -12.97 -24.15
C GLU D 83 -7.73 -13.84 -22.98
N TYR D 84 -8.78 -14.62 -23.20
CA TYR D 84 -9.24 -15.59 -22.22
C TYR D 84 -8.20 -16.70 -22.09
N ARG D 85 -8.05 -17.22 -20.85
CA ARG D 85 -7.23 -18.37 -20.57
C ARG D 85 -7.89 -19.63 -21.12
N ASN D 86 -7.08 -20.51 -21.71
CA ASN D 86 -7.56 -21.78 -22.22
C ASN D 86 -6.90 -22.94 -21.47
N TRP D 87 -5.73 -22.68 -20.85
CA TRP D 87 -4.94 -23.71 -20.19
C TRP D 87 -4.60 -24.83 -21.15
N SER D 88 -4.39 -24.49 -22.44
CA SER D 88 -4.24 -25.48 -23.49
C SER D 88 -2.78 -25.83 -23.72
N LYS D 89 -2.11 -26.21 -22.63
CA LYS D 89 -0.76 -26.75 -22.67
C LYS D 89 -0.77 -28.07 -21.90
N PRO D 90 0.17 -28.99 -22.18
CA PRO D 90 0.27 -30.23 -21.41
C PRO D 90 0.63 -29.93 -19.94
N GLN D 91 0.30 -30.86 -19.06
CA GLN D 91 0.73 -30.79 -17.67
C GLN D 91 2.24 -30.91 -17.62
N CYS D 92 2.87 -30.08 -16.77
CA CYS D 92 4.32 -30.12 -16.59
C CYS D 92 4.74 -31.48 -16.05
N LYS D 93 5.97 -31.88 -16.39
CA LYS D 93 6.65 -32.98 -15.73
C LYS D 93 6.75 -32.67 -14.24
N ILE D 94 6.44 -33.67 -13.40
CA ILE D 94 6.45 -33.53 -11.95
C ILE D 94 7.35 -34.63 -11.38
N THR D 95 8.39 -34.22 -10.64
CA THR D 95 9.25 -35.14 -9.92
C THR D 95 8.96 -35.02 -8.43
N GLY D 96 8.11 -34.05 -8.08
CA GLY D 96 7.83 -33.66 -6.71
C GLY D 96 7.52 -32.16 -6.64
N PHE D 97 7.75 -31.56 -5.47
CA PHE D 97 7.33 -30.20 -5.20
C PHE D 97 8.47 -29.41 -4.54
N ALA D 98 8.55 -28.13 -4.90
CA ALA D 98 9.56 -27.24 -4.35
C ALA D 98 8.88 -26.10 -3.58
N PRO D 99 9.53 -25.58 -2.51
CA PRO D 99 8.94 -24.51 -1.69
C PRO D 99 8.67 -23.26 -2.53
N PHE D 100 7.53 -22.61 -2.26
CA PHE D 100 7.08 -21.48 -3.06
C PHE D 100 6.78 -20.26 -2.19
N SER D 101 6.03 -20.43 -1.11
CA SER D 101 5.63 -19.28 -0.29
C SER D 101 5.26 -19.72 1.13
N LYS D 102 5.38 -18.78 2.07
CA LYS D 102 4.96 -18.96 3.45
C LYS D 102 4.67 -17.58 4.02
N ASP D 103 3.60 -17.44 4.82
CA ASP D 103 3.19 -16.10 5.23
C ASP D 103 3.48 -15.80 6.70
N ASN D 104 3.66 -16.82 7.55
CA ASN D 104 4.07 -16.61 8.93
C ASN D 104 3.03 -15.81 9.72
N SER D 105 1.75 -15.95 9.36
CA SER D 105 0.66 -15.12 9.86
C SER D 105 0.58 -15.09 11.39
N ILE D 106 0.70 -16.26 12.02
CA ILE D 106 0.43 -16.38 13.43
C ILE D 106 1.60 -15.82 14.24
N ARG D 107 2.84 -16.11 13.81
CA ARG D 107 4.01 -15.53 14.43
C ARG D 107 3.91 -14.01 14.40
N LEU D 108 3.49 -13.45 13.26
CA LEU D 108 3.41 -12.00 13.07
C LEU D 108 2.30 -11.41 13.94
N SER D 109 1.23 -12.19 14.15
CA SER D 109 0.05 -11.77 14.92
C SER D 109 0.41 -11.39 16.35
N ALA D 110 1.52 -11.92 16.88
CA ALA D 110 1.93 -11.67 18.25
C ALA D 110 2.66 -10.33 18.37
N GLY D 111 2.86 -9.65 17.24
CA GLY D 111 3.56 -8.38 17.22
C GLY D 111 3.15 -7.55 16.01
N GLY D 112 1.84 -7.38 15.86
CA GLY D 112 1.28 -6.68 14.71
C GLY D 112 -0.20 -6.99 14.58
N ASP D 113 -0.90 -6.15 13.80
CA ASP D 113 -2.33 -6.29 13.62
C ASP D 113 -2.59 -7.12 12.38
N ILE D 114 -2.95 -8.39 12.59
CA ILE D 114 -3.12 -9.37 11.52
C ILE D 114 -4.52 -9.97 11.66
N TRP D 115 -5.21 -10.15 10.53
CA TRP D 115 -6.54 -10.74 10.47
C TRP D 115 -6.55 -12.15 11.04
N VAL D 116 -7.63 -12.47 11.75
CA VAL D 116 -7.99 -13.85 12.04
C VAL D 116 -8.65 -14.42 10.80
N THR D 117 -8.21 -15.61 10.37
CA THR D 117 -8.70 -16.23 9.15
C THR D 117 -8.90 -17.73 9.36
N ARG D 118 -9.53 -18.35 8.36
CA ARG D 118 -9.42 -19.77 8.07
C ARG D 118 -9.84 -19.98 6.61
N GLU D 119 -9.76 -21.23 6.15
CA GLU D 119 -10.13 -21.60 4.79
C GLU D 119 -9.38 -20.75 3.76
N PRO D 120 -8.03 -20.73 3.79
CA PRO D 120 -7.25 -19.97 2.81
C PRO D 120 -7.15 -20.74 1.50
N TYR D 121 -6.76 -20.03 0.44
CA TYR D 121 -6.38 -20.65 -0.81
C TYR D 121 -5.51 -19.69 -1.62
N VAL D 122 -5.03 -20.19 -2.77
CA VAL D 122 -4.18 -19.43 -3.66
C VAL D 122 -4.77 -19.52 -5.06
N SER D 123 -4.71 -18.40 -5.79
CA SER D 123 -5.09 -18.37 -7.19
C SER D 123 -4.27 -17.27 -7.86
N CYS D 124 -3.92 -17.50 -9.13
CA CYS D 124 -3.02 -16.57 -9.81
C CYS D 124 -3.72 -16.00 -11.05
N ASP D 125 -3.55 -14.69 -11.27
CA ASP D 125 -3.85 -14.11 -12.57
C ASP D 125 -2.71 -14.49 -13.51
N PRO D 126 -2.76 -14.14 -14.82
CA PRO D 126 -1.67 -14.49 -15.74
C PRO D 126 -0.25 -14.07 -15.34
N GLY D 127 -0.15 -13.10 -14.42
CA GLY D 127 1.14 -12.54 -14.04
C GLY D 127 1.58 -12.89 -12.62
N LYS D 128 0.63 -12.84 -11.68
CA LYS D 128 0.97 -12.86 -10.26
C LYS D 128 0.00 -13.76 -9.50
N CYS D 129 0.48 -14.36 -8.41
CA CYS D 129 -0.36 -15.16 -7.53
C CYS D 129 -0.85 -14.33 -6.35
N TYR D 130 -2.03 -14.71 -5.85
CA TYR D 130 -2.68 -14.04 -4.73
C TYR D 130 -3.06 -15.08 -3.67
N GLN D 131 -2.99 -14.67 -2.41
CA GLN D 131 -3.50 -15.49 -1.32
C GLN D 131 -4.86 -14.95 -0.89
N PHE D 132 -5.79 -15.88 -0.62
CA PHE D 132 -7.13 -15.58 -0.19
C PHE D 132 -7.39 -16.29 1.13
N ALA D 133 -8.33 -15.78 1.92
CA ALA D 133 -8.83 -16.49 3.10
C ALA D 133 -10.12 -15.84 3.56
N LEU D 134 -10.89 -16.58 4.37
CA LEU D 134 -12.07 -16.03 5.00
C LEU D 134 -11.69 -15.39 6.33
N GLY D 135 -11.79 -14.06 6.39
CA GLY D 135 -11.59 -13.32 7.61
C GLY D 135 -12.69 -13.64 8.62
N GLN D 136 -12.43 -13.30 9.89
CA GLN D 136 -13.42 -13.44 10.94
C GLN D 136 -13.86 -12.06 11.44
N GLY D 137 -13.64 -11.03 10.61
CA GLY D 137 -14.06 -9.67 10.92
C GLY D 137 -13.31 -9.09 12.12
N THR D 138 -12.09 -9.56 12.34
CA THR D 138 -11.29 -9.14 13.48
C THR D 138 -9.82 -9.46 13.22
N THR D 139 -8.95 -8.73 13.92
CA THR D 139 -7.55 -9.09 14.06
C THR D 139 -7.41 -10.07 15.24
N LEU D 140 -6.22 -10.67 15.38
CA LEU D 140 -6.00 -11.69 16.39
C LEU D 140 -5.83 -11.05 17.77
N ASP D 141 -4.98 -10.01 17.85
CA ASP D 141 -4.76 -9.28 19.09
C ASP D 141 -5.88 -8.26 19.25
N ASN D 142 -7.04 -8.76 19.70
CA ASN D 142 -8.33 -8.10 19.60
C ASN D 142 -9.32 -8.97 20.36
N LYS D 143 -10.13 -8.37 21.24
CA LYS D 143 -11.04 -9.15 22.05
C LYS D 143 -12.08 -9.87 21.17
N HIS D 144 -12.30 -9.38 19.95
CA HIS D 144 -13.24 -9.99 19.02
C HIS D 144 -12.72 -11.31 18.46
N SER D 145 -11.45 -11.65 18.71
CA SER D 145 -10.90 -12.91 18.23
C SER D 145 -11.41 -14.07 19.06
N ASN D 146 -11.99 -13.78 20.22
CA ASN D 146 -12.52 -14.80 21.12
C ASN D 146 -13.64 -15.57 20.41
N ASP D 147 -13.52 -16.91 20.41
CA ASP D 147 -14.55 -17.81 19.93
C ASP D 147 -14.73 -17.69 18.41
N THR D 148 -13.61 -17.54 17.69
CA THR D 148 -13.59 -17.54 16.24
C THR D 148 -13.52 -18.96 15.68
N ILE D 149 -13.77 -19.97 16.54
CA ILE D 149 -13.89 -21.33 16.06
C ILE D 149 -15.10 -21.46 15.13
N HIS D 150 -16.13 -20.65 15.36
CA HIS D 150 -17.37 -20.74 14.60
C HIS D 150 -17.13 -20.45 13.12
N ASP D 151 -17.73 -21.29 12.26
CA ASP D 151 -17.47 -21.26 10.84
C ASP D 151 -18.24 -20.13 10.15
N ARG D 152 -19.42 -19.79 10.66
CA ARG D 152 -20.31 -18.88 9.94
C ARG D 152 -20.80 -17.77 10.85
N ILE D 153 -20.32 -16.54 10.57
CA ILE D 153 -20.85 -15.32 11.15
C ILE D 153 -21.00 -14.31 10.02
N PRO D 154 -21.86 -13.27 10.18
CA PRO D 154 -22.09 -12.30 9.12
C PRO D 154 -20.87 -11.44 8.78
N HIS D 155 -19.86 -11.47 9.68
CA HIS D 155 -18.72 -10.58 9.59
C HIS D 155 -17.59 -11.19 8.78
N ARG D 156 -17.73 -12.47 8.39
CA ARG D 156 -16.73 -13.10 7.55
C ARG D 156 -16.74 -12.46 6.16
N THR D 157 -15.55 -12.11 5.69
CA THR D 157 -15.34 -11.53 4.37
C THR D 157 -14.15 -12.23 3.72
N LEU D 158 -14.16 -12.27 2.38
CA LEU D 158 -13.06 -12.84 1.63
C LEU D 158 -11.93 -11.80 1.51
N LEU D 159 -10.75 -12.17 2.01
CA LEU D 159 -9.55 -11.34 1.94
C LEU D 159 -8.73 -11.76 0.73
N MET D 160 -8.06 -10.79 0.09
CA MET D 160 -7.23 -11.06 -1.07
C MET D 160 -6.00 -10.15 -1.05
N ASN D 161 -4.81 -10.77 -0.96
CA ASN D 161 -3.54 -10.06 -1.04
C ASN D 161 -2.66 -10.76 -2.08
N GLU D 162 -1.63 -10.07 -2.57
CA GLU D 162 -0.59 -10.76 -3.31
C GLU D 162 -0.01 -11.86 -2.41
N LEU D 163 0.34 -12.99 -3.03
CA LEU D 163 0.85 -14.13 -2.28
C LEU D 163 2.10 -13.71 -1.52
N GLY D 164 2.10 -13.99 -0.21
CA GLY D 164 3.23 -13.68 0.65
C GLY D 164 3.08 -12.35 1.39
N VAL D 165 2.08 -11.55 1.02
CA VAL D 165 1.71 -10.39 1.82
C VAL D 165 0.74 -10.87 2.90
N PRO D 166 1.12 -10.84 4.20
CA PRO D 166 0.24 -11.35 5.25
C PRO D 166 -0.98 -10.44 5.35
N PHE D 167 -2.04 -10.94 6.00
CA PHE D 167 -3.30 -10.23 6.06
C PHE D 167 -3.25 -9.12 7.11
N HIS D 168 -2.65 -7.99 6.70
CA HIS D 168 -2.55 -6.78 7.52
C HIS D 168 -3.81 -5.93 7.33
N LEU D 169 -3.86 -4.78 8.01
CA LEU D 169 -5.08 -3.98 8.07
C LEU D 169 -5.36 -3.28 6.73
N GLY D 170 -4.40 -3.29 5.81
CA GLY D 170 -4.59 -2.73 4.48
C GLY D 170 -5.17 -3.73 3.49
N THR D 171 -5.49 -4.94 3.96
CA THR D 171 -6.00 -6.01 3.11
C THR D 171 -7.40 -5.65 2.62
N ARG D 172 -7.66 -5.90 1.33
CA ARG D 172 -8.97 -5.69 0.75
C ARG D 172 -9.89 -6.86 1.08
N GLN D 173 -11.07 -6.53 1.62
CA GLN D 173 -12.18 -7.47 1.76
C GLN D 173 -13.01 -7.41 0.48
N VAL D 174 -12.93 -8.48 -0.31
CA VAL D 174 -13.44 -8.51 -1.67
C VAL D 174 -14.95 -8.66 -1.70
N CYS D 175 -15.52 -9.36 -0.71
CA CYS D 175 -16.95 -9.61 -0.64
C CYS D 175 -17.27 -10.18 0.74
N ILE D 176 -18.57 -10.31 1.04
CA ILE D 176 -19.04 -10.93 2.27
C ILE D 176 -19.14 -12.43 2.02
N ALA D 177 -18.45 -13.24 2.85
CA ALA D 177 -18.40 -14.67 2.57
C ALA D 177 -18.00 -15.48 3.80
N TRP D 178 -18.80 -16.52 4.10
CA TRP D 178 -18.34 -17.58 5.00
C TRP D 178 -18.05 -18.88 4.23
N SER D 179 -18.15 -18.81 2.89
CA SER D 179 -17.68 -19.83 1.98
C SER D 179 -17.38 -19.16 0.64
N SER D 180 -16.29 -19.56 -0.02
CA SER D 180 -15.91 -18.83 -1.23
C SER D 180 -15.15 -19.70 -2.23
N SER D 181 -15.09 -19.17 -3.46
CA SER D 181 -14.20 -19.64 -4.52
C SER D 181 -13.87 -18.45 -5.42
N SER D 182 -12.64 -18.38 -5.92
CA SER D 182 -12.20 -17.29 -6.79
C SER D 182 -11.38 -17.85 -7.95
N CYS D 183 -11.47 -17.19 -9.10
CA CYS D 183 -10.61 -17.54 -10.23
C CYS D 183 -10.58 -16.39 -11.23
N HIS D 184 -9.51 -16.39 -12.05
CA HIS D 184 -9.29 -15.38 -13.07
C HIS D 184 -9.40 -16.04 -14.44
N ASP D 185 -10.17 -15.43 -15.35
CA ASP D 185 -10.48 -16.07 -16.62
C ASP D 185 -9.50 -15.63 -17.71
N GLY D 186 -8.48 -14.85 -17.32
CA GLY D 186 -7.54 -14.27 -18.26
C GLY D 186 -7.77 -12.77 -18.45
N LYS D 187 -9.02 -12.34 -18.21
CA LYS D 187 -9.39 -10.95 -18.34
C LYS D 187 -9.68 -10.33 -16.98
N ALA D 188 -10.38 -11.06 -16.11
CA ALA D 188 -10.83 -10.50 -14.84
C ALA D 188 -11.05 -11.58 -13.79
N TRP D 189 -11.19 -11.15 -12.53
CA TRP D 189 -11.47 -12.03 -11.41
C TRP D 189 -12.96 -12.29 -11.28
N LEU D 190 -13.29 -13.57 -11.04
CA LEU D 190 -14.60 -13.98 -10.56
C LEU D 190 -14.46 -14.35 -9.08
N HIS D 191 -15.41 -13.89 -8.25
CA HIS D 191 -15.52 -14.33 -6.87
C HIS D 191 -16.92 -14.88 -6.63
N VAL D 192 -16.97 -16.05 -6.01
CA VAL D 192 -18.22 -16.67 -5.59
C VAL D 192 -18.24 -16.60 -4.06
N CYS D 193 -19.21 -15.86 -3.51
CA CYS D 193 -19.21 -15.53 -2.10
C CYS D 193 -20.56 -15.88 -1.49
N VAL D 194 -20.54 -16.76 -0.48
CA VAL D 194 -21.76 -17.22 0.15
C VAL D 194 -21.83 -16.67 1.57
N THR D 195 -22.99 -16.10 1.92
CA THR D 195 -23.19 -15.55 3.25
C THR D 195 -24.68 -15.64 3.61
N GLY D 196 -25.01 -15.27 4.85
CA GLY D 196 -26.38 -15.22 5.31
C GLY D 196 -26.76 -16.43 6.18
N ASP D 197 -28.07 -16.62 6.35
CA ASP D 197 -28.64 -17.63 7.23
C ASP D 197 -28.30 -19.03 6.72
N ASP D 198 -28.06 -19.95 7.66
CA ASP D 198 -27.78 -21.34 7.34
C ASP D 198 -28.87 -21.93 6.45
N LYS D 199 -30.14 -21.62 6.77
CA LYS D 199 -31.25 -22.25 6.09
C LYS D 199 -31.66 -21.50 4.81
N ASN D 200 -30.99 -20.36 4.52
CA ASN D 200 -31.41 -19.54 3.40
C ASN D 200 -30.26 -18.62 2.97
N ALA D 201 -29.14 -19.22 2.58
CA ALA D 201 -27.94 -18.45 2.24
C ALA D 201 -28.07 -17.83 0.84
N THR D 202 -27.22 -16.84 0.57
CA THR D 202 -27.11 -16.21 -0.74
C THR D 202 -25.67 -16.34 -1.24
N ALA D 203 -25.54 -16.77 -2.50
CA ALA D 203 -24.25 -16.74 -3.18
C ALA D 203 -24.23 -15.57 -4.15
N SER D 204 -23.25 -14.66 -3.97
CA SER D 204 -23.04 -13.56 -4.88
C SER D 204 -21.94 -13.93 -5.88
N PHE D 205 -22.14 -13.52 -7.13
CA PHE D 205 -21.16 -13.71 -8.20
C PHE D 205 -20.68 -12.34 -8.64
N ILE D 206 -19.41 -12.07 -8.34
CA ILE D 206 -18.79 -10.79 -8.59
C ILE D 206 -17.70 -11.00 -9.64
N TYR D 207 -17.78 -10.21 -10.72
CA TYR D 207 -16.84 -10.33 -11.82
C TYR D 207 -16.38 -8.95 -12.25
N ASP D 208 -15.05 -8.79 -12.39
CA ASP D 208 -14.48 -7.52 -12.86
C ASP D 208 -14.97 -6.38 -11.97
N GLY D 209 -15.08 -6.66 -10.67
CA GLY D 209 -15.35 -5.64 -9.66
C GLY D 209 -16.82 -5.24 -9.54
N ARG D 210 -17.72 -6.04 -10.11
CA ARG D 210 -19.14 -5.71 -10.00
C ARG D 210 -19.97 -6.99 -9.81
N LEU D 211 -21.08 -6.84 -9.07
CA LEU D 211 -21.99 -7.96 -8.86
C LEU D 211 -22.78 -8.20 -10.13
N VAL D 212 -22.70 -9.44 -10.64
CA VAL D 212 -23.31 -9.78 -11.91
C VAL D 212 -24.49 -10.73 -11.71
N ASP D 213 -24.41 -11.59 -10.69
CA ASP D 213 -25.47 -12.58 -10.48
C ASP D 213 -25.52 -12.96 -8.99
N SER D 214 -26.61 -13.65 -8.62
CA SER D 214 -26.74 -14.25 -7.30
C SER D 214 -27.70 -15.44 -7.38
N ILE D 215 -27.52 -16.38 -6.46
CA ILE D 215 -28.44 -17.49 -6.33
C ILE D 215 -28.70 -17.77 -4.85
N GLY D 216 -29.95 -18.14 -4.54
CA GLY D 216 -30.31 -18.54 -3.20
C GLY D 216 -30.16 -20.05 -2.99
N SER D 217 -30.15 -20.44 -1.72
CA SER D 217 -30.09 -21.82 -1.27
C SER D 217 -31.17 -22.66 -1.94
N TRP D 218 -30.79 -23.86 -2.41
CA TRP D 218 -31.73 -24.76 -3.07
C TRP D 218 -32.16 -25.92 -2.17
N SER D 219 -31.43 -26.17 -1.08
CA SER D 219 -31.74 -27.25 -0.16
C SER D 219 -31.93 -26.77 1.27
N GLN D 220 -31.82 -25.45 1.48
CA GLN D 220 -32.08 -24.81 2.77
C GLN D 220 -31.19 -25.39 3.87
N ASN D 221 -29.93 -25.69 3.53
CA ASN D 221 -29.05 -26.34 4.49
C ASN D 221 -27.59 -26.05 4.15
N ILE D 222 -27.18 -24.81 4.40
CA ILE D 222 -25.81 -24.31 4.27
C ILE D 222 -25.29 -24.48 2.84
N LEU D 223 -25.82 -23.68 1.92
CA LEU D 223 -25.24 -23.54 0.60
C LEU D 223 -23.76 -23.20 0.78
N ARG D 224 -22.89 -23.89 0.05
CA ARG D 224 -21.45 -23.81 0.31
C ARG D 224 -20.66 -24.20 -0.94
N THR D 225 -19.37 -23.86 -0.96
CA THR D 225 -18.55 -24.05 -2.16
C THR D 225 -17.12 -24.50 -1.80
N GLN D 226 -16.18 -24.28 -2.75
CA GLN D 226 -14.93 -25.02 -2.83
C GLN D 226 -13.93 -24.68 -1.72
N GLU D 227 -13.82 -23.41 -1.36
CA GLU D 227 -12.75 -22.90 -0.51
C GLU D 227 -11.39 -23.03 -1.21
N SER D 228 -11.41 -23.04 -2.54
CA SER D 228 -10.21 -22.95 -3.36
C SER D 228 -10.58 -22.45 -4.75
N GLU D 229 -9.60 -22.36 -5.64
CA GLU D 229 -9.81 -21.67 -6.91
C GLU D 229 -10.79 -22.44 -7.78
N CYS D 230 -11.67 -21.67 -8.45
CA CYS D 230 -12.45 -22.18 -9.58
C CYS D 230 -11.55 -22.21 -10.82
N VAL D 231 -12.11 -22.66 -11.95
CA VAL D 231 -11.33 -22.86 -13.16
C VAL D 231 -12.12 -22.32 -14.34
N CYS D 232 -11.44 -21.53 -15.19
CA CYS D 232 -12.06 -20.94 -16.36
C CYS D 232 -11.33 -21.41 -17.62
N ILE D 233 -12.09 -21.82 -18.63
CA ILE D 233 -11.55 -22.14 -19.95
C ILE D 233 -12.37 -21.42 -21.00
N ASN D 234 -11.69 -20.63 -21.85
CA ASN D 234 -12.31 -19.94 -22.97
C ASN D 234 -13.48 -19.07 -22.51
N GLY D 235 -13.34 -18.47 -21.32
CA GLY D 235 -14.30 -17.48 -20.85
C GLY D 235 -15.45 -18.07 -20.03
N THR D 236 -15.48 -19.41 -19.91
CA THR D 236 -16.47 -20.07 -19.08
C THR D 236 -15.79 -20.58 -17.82
N CYS D 237 -16.27 -20.12 -16.66
CA CYS D 237 -15.73 -20.56 -15.38
C CYS D 237 -16.69 -21.58 -14.77
N THR D 238 -16.13 -22.59 -14.08
CA THR D 238 -16.94 -23.59 -13.43
C THR D 238 -16.61 -23.63 -11.94
N VAL D 239 -17.65 -23.87 -11.13
CA VAL D 239 -17.52 -23.97 -9.69
C VAL D 239 -18.50 -25.01 -9.17
N VAL D 240 -18.05 -25.78 -8.17
CA VAL D 240 -18.85 -26.82 -7.55
C VAL D 240 -19.43 -26.30 -6.24
N MET D 241 -20.74 -26.48 -6.05
CA MET D 241 -21.41 -26.03 -4.84
C MET D 241 -22.27 -27.17 -4.30
N THR D 242 -22.45 -27.17 -2.98
CA THR D 242 -23.27 -28.18 -2.30
C THR D 242 -24.26 -27.46 -1.39
N ASP D 243 -25.44 -28.07 -1.24
CA ASP D 243 -26.45 -27.63 -0.31
C ASP D 243 -27.13 -28.88 0.24
N GLY D 244 -27.27 -28.98 1.57
CA GLY D 244 -27.87 -30.14 2.20
C GLY D 244 -26.96 -30.77 3.26
N SER D 245 -27.28 -32.01 3.61
CA SER D 245 -26.67 -32.70 4.74
C SER D 245 -25.16 -32.86 4.58
N ALA D 246 -24.46 -32.80 5.71
CA ALA D 246 -23.04 -33.10 5.78
C ALA D 246 -22.82 -34.57 6.14
N SER D 247 -23.91 -35.28 6.43
CA SER D 247 -23.81 -36.65 6.94
C SER D 247 -24.83 -37.56 6.25
N GLY D 248 -25.17 -37.22 5.01
CA GLY D 248 -26.13 -37.96 4.22
C GLY D 248 -26.20 -37.39 2.81
N ARG D 249 -27.12 -37.93 2.00
CA ARG D 249 -27.34 -37.49 0.64
C ARG D 249 -27.54 -35.97 0.64
N ALA D 250 -26.80 -35.29 -0.24
CA ALA D 250 -26.90 -33.84 -0.40
C ALA D 250 -27.12 -33.48 -1.86
N ASP D 251 -27.29 -32.18 -2.13
CA ASP D 251 -27.60 -31.70 -3.46
C ASP D 251 -26.42 -30.88 -3.98
N THR D 252 -25.55 -31.53 -4.75
CA THR D 252 -24.36 -30.91 -5.32
C THR D 252 -24.65 -30.49 -6.75
N ARG D 253 -24.27 -29.25 -7.09
CA ARG D 253 -24.51 -28.71 -8.42
C ARG D 253 -23.22 -28.08 -8.95
N ILE D 254 -23.06 -28.14 -10.27
CA ILE D 254 -21.91 -27.55 -10.94
C ILE D 254 -22.42 -26.38 -11.79
N LEU D 255 -21.90 -25.18 -11.46
CA LEU D 255 -22.33 -23.96 -12.13
C LEU D 255 -21.32 -23.60 -13.22
N PHE D 256 -21.84 -23.04 -14.32
CA PHE D 256 -21.05 -22.55 -15.43
C PHE D 256 -21.34 -21.06 -15.59
N ILE D 257 -20.29 -20.25 -15.52
CA ILE D 257 -20.41 -18.81 -15.33
C ILE D 257 -19.58 -18.09 -16.38
N GLU D 258 -20.20 -17.12 -17.06
CA GLU D 258 -19.54 -16.37 -18.11
C GLU D 258 -19.62 -14.88 -17.77
N GLU D 259 -18.45 -14.28 -17.52
CA GLU D 259 -18.36 -12.89 -17.11
C GLU D 259 -19.29 -12.62 -15.93
N GLY D 260 -19.35 -13.58 -14.99
CA GLY D 260 -20.09 -13.40 -13.75
C GLY D 260 -21.55 -13.86 -13.83
N LYS D 261 -22.03 -14.17 -15.04
CA LYS D 261 -23.42 -14.58 -15.24
C LYS D 261 -23.52 -16.10 -15.31
N ILE D 262 -24.41 -16.67 -14.48
CA ILE D 262 -24.65 -18.11 -14.53
C ILE D 262 -25.39 -18.44 -15.82
N VAL D 263 -24.78 -19.30 -16.65
CA VAL D 263 -25.35 -19.65 -17.94
C VAL D 263 -25.91 -21.07 -17.93
N HIS D 264 -25.45 -21.90 -16.98
CA HIS D 264 -25.93 -23.27 -16.89
C HIS D 264 -25.63 -23.83 -15.51
N ILE D 265 -26.52 -24.70 -15.02
CA ILE D 265 -26.31 -25.45 -13.79
C ILE D 265 -26.59 -26.93 -14.07
N SER D 266 -25.59 -27.77 -13.76
CA SER D 266 -25.69 -29.21 -13.94
C SER D 266 -25.72 -29.90 -12.58
N PRO D 267 -26.65 -30.86 -12.34
CA PRO D 267 -26.61 -31.67 -11.12
C PRO D 267 -25.40 -32.60 -11.14
N LEU D 268 -24.89 -32.92 -9.94
CA LEU D 268 -23.89 -33.96 -9.82
C LEU D 268 -24.46 -35.27 -10.37
N SER D 269 -23.63 -35.98 -11.13
CA SER D 269 -23.95 -37.30 -11.64
C SER D 269 -22.73 -38.20 -11.45
N GLY D 270 -22.95 -39.52 -11.56
CA GLY D 270 -21.87 -40.50 -11.37
C GLY D 270 -22.01 -41.22 -10.04
N SER D 271 -20.90 -41.76 -9.52
CA SER D 271 -20.97 -42.65 -8.38
C SER D 271 -20.45 -42.01 -7.09
N ALA D 272 -20.02 -40.74 -7.14
CA ALA D 272 -19.68 -40.05 -5.91
C ALA D 272 -20.96 -39.81 -5.10
N GLN D 273 -20.92 -40.18 -3.81
CA GLN D 273 -22.15 -40.17 -3.00
C GLN D 273 -22.20 -38.96 -2.07
N HIS D 274 -21.07 -38.28 -1.89
CA HIS D 274 -21.04 -37.07 -1.09
C HIS D 274 -19.85 -36.23 -1.52
N VAL D 275 -20.11 -34.95 -1.83
CA VAL D 275 -19.10 -34.09 -2.44
C VAL D 275 -19.07 -32.75 -1.71
N GLU D 276 -17.90 -32.44 -1.13
CA GLU D 276 -17.64 -31.18 -0.44
C GLU D 276 -16.29 -30.62 -0.88
N GLU D 277 -16.19 -29.29 -0.89
CA GLU D 277 -14.91 -28.57 -0.85
C GLU D 277 -13.97 -29.06 -1.95
N CYS D 278 -14.45 -29.01 -3.19
CA CYS D 278 -13.70 -29.56 -4.32
C CYS D 278 -12.44 -28.74 -4.60
N SER D 279 -11.35 -29.46 -4.89
CA SER D 279 -10.12 -28.88 -5.38
C SER D 279 -10.01 -29.18 -6.86
N CYS D 280 -10.20 -28.15 -7.70
CA CYS D 280 -10.39 -28.35 -9.13
C CYS D 280 -9.20 -27.81 -9.91
N TYR D 281 -8.98 -28.38 -11.09
CA TYR D 281 -7.89 -27.98 -11.95
C TYR D 281 -8.27 -28.14 -13.42
N PRO D 282 -7.70 -27.30 -14.32
CA PRO D 282 -7.93 -27.47 -15.76
C PRO D 282 -7.20 -28.71 -16.27
N ARG D 283 -7.94 -29.50 -17.06
CA ARG D 283 -7.38 -30.61 -17.81
C ARG D 283 -7.96 -30.49 -19.22
N TYR D 284 -7.38 -29.56 -19.99
CA TYR D 284 -7.96 -29.05 -21.22
C TYR D 284 -8.45 -30.21 -22.08
N PRO D 285 -9.68 -30.15 -22.66
CA PRO D 285 -10.55 -28.98 -22.56
C PRO D 285 -11.54 -28.96 -21.39
N ASP D 286 -11.32 -29.85 -20.41
CA ASP D 286 -12.28 -30.05 -19.33
C ASP D 286 -11.69 -29.63 -17.99
N VAL D 287 -12.48 -29.81 -16.93
CA VAL D 287 -12.07 -29.51 -15.56
C VAL D 287 -12.24 -30.77 -14.71
N ARG D 288 -11.29 -31.00 -13.81
CA ARG D 288 -11.30 -32.17 -12.93
C ARG D 288 -11.14 -31.70 -11.50
N CYS D 289 -11.94 -32.28 -10.59
CA CYS D 289 -11.94 -31.89 -9.19
C CYS D 289 -11.74 -33.12 -8.32
N ILE D 290 -10.93 -32.96 -7.26
CA ILE D 290 -10.82 -33.96 -6.22
C ILE D 290 -11.35 -33.34 -4.92
N CYS D 291 -12.28 -34.05 -4.27
CA CYS D 291 -13.13 -33.41 -3.28
C CYS D 291 -13.07 -34.18 -1.95
N ARG D 292 -14.02 -33.87 -1.07
CA ARG D 292 -14.14 -34.45 0.26
C ARG D 292 -15.50 -35.12 0.38
N ASP D 293 -15.50 -36.41 0.72
CA ASP D 293 -16.72 -37.13 1.08
C ASP D 293 -16.83 -37.09 2.61
N ASN D 294 -17.90 -36.47 3.12
CA ASN D 294 -18.02 -36.22 4.54
C ASN D 294 -18.91 -37.28 5.20
N TRP D 295 -19.35 -38.26 4.41
CA TRP D 295 -20.42 -39.17 4.81
C TRP D 295 -19.89 -40.59 4.99
N LYS D 296 -19.62 -41.28 3.88
CA LYS D 296 -19.26 -42.69 3.96
C LYS D 296 -17.84 -42.97 3.47
N GLY D 297 -17.14 -41.95 2.97
CA GLY D 297 -15.86 -42.18 2.31
C GLY D 297 -14.67 -41.50 3.01
N SER D 298 -13.59 -42.26 3.19
CA SER D 298 -12.29 -41.69 3.51
C SER D 298 -11.40 -41.69 2.27
N ASN D 299 -11.88 -42.32 1.19
CA ASN D 299 -11.35 -42.12 -0.14
C ASN D 299 -11.98 -40.84 -0.71
N ARG D 300 -11.23 -40.11 -1.54
CA ARG D 300 -11.67 -38.82 -2.04
C ARG D 300 -12.47 -38.96 -3.32
N PRO D 301 -13.65 -38.31 -3.43
CA PRO D 301 -14.39 -38.27 -4.70
C PRO D 301 -13.67 -37.48 -5.79
N ILE D 302 -13.93 -37.87 -7.04
CA ILE D 302 -13.53 -37.13 -8.22
C ILE D 302 -14.80 -36.64 -8.91
N VAL D 303 -14.79 -35.38 -9.35
CA VAL D 303 -15.84 -34.86 -10.21
C VAL D 303 -15.20 -34.40 -11.52
N ASP D 304 -15.70 -34.95 -12.64
CA ASP D 304 -15.23 -34.58 -13.96
C ASP D 304 -16.28 -33.70 -14.64
N ILE D 305 -15.84 -32.53 -15.12
CA ILE D 305 -16.74 -31.53 -15.68
C ILE D 305 -16.44 -31.36 -17.16
N ASN D 306 -17.41 -31.72 -18.00
CA ASN D 306 -17.30 -31.55 -19.44
C ASN D 306 -17.71 -30.12 -19.77
N MET D 307 -16.76 -29.33 -20.28
CA MET D 307 -16.96 -27.90 -20.45
C MET D 307 -17.70 -27.60 -21.75
N LYS D 308 -17.83 -28.60 -22.62
CA LYS D 308 -18.49 -28.41 -23.90
C LYS D 308 -20.00 -28.62 -23.78
N ASP D 309 -20.41 -29.72 -23.11
CA ASP D 309 -21.83 -30.08 -23.09
C ASP D 309 -22.40 -30.03 -21.67
N TYR D 310 -21.56 -29.66 -20.70
CA TYR D 310 -21.97 -29.44 -19.31
C TYR D 310 -22.29 -30.77 -18.59
N SER D 311 -21.94 -31.90 -19.21
CA SER D 311 -22.19 -33.19 -18.56
C SER D 311 -21.21 -33.41 -17.41
N ILE D 312 -21.63 -34.21 -16.43
CA ILE D 312 -20.88 -34.42 -15.20
C ILE D 312 -20.72 -35.92 -14.98
N ASP D 313 -19.50 -36.31 -14.57
CA ASP D 313 -19.23 -37.66 -14.12
C ASP D 313 -18.52 -37.58 -12.76
N SER D 314 -18.60 -38.67 -11.98
CA SER D 314 -17.95 -38.70 -10.68
C SER D 314 -17.62 -40.13 -10.26
N SER D 315 -16.60 -40.26 -9.42
CA SER D 315 -16.14 -41.53 -8.88
C SER D 315 -15.24 -41.25 -7.68
N TYR D 316 -14.28 -42.15 -7.40
CA TYR D 316 -13.35 -41.99 -6.30
C TYR D 316 -11.93 -42.25 -6.76
N VAL D 317 -10.96 -41.57 -6.14
CA VAL D 317 -9.55 -41.82 -6.42
C VAL D 317 -9.26 -43.29 -6.16
N CYS D 318 -8.60 -43.94 -7.13
CA CYS D 318 -8.36 -45.39 -7.11
C CYS D 318 -7.42 -45.79 -5.98
N SER D 319 -6.45 -44.90 -5.66
CA SER D 319 -5.39 -45.19 -4.70
C SER D 319 -5.91 -45.84 -3.42
N GLY D 320 -5.28 -46.96 -3.05
CA GLY D 320 -5.53 -47.63 -1.79
C GLY D 320 -4.94 -46.85 -0.61
N LEU D 321 -4.00 -45.95 -0.90
CA LEU D 321 -3.55 -44.95 0.06
C LEU D 321 -4.48 -43.75 -0.08
N VAL D 322 -5.39 -43.60 0.88
CA VAL D 322 -6.50 -42.66 0.72
C VAL D 322 -6.12 -41.30 1.31
N GLY D 323 -6.87 -40.27 0.91
CA GLY D 323 -6.45 -38.89 1.08
C GLY D 323 -7.19 -38.14 2.19
N ASP D 324 -8.28 -38.70 2.71
CA ASP D 324 -9.11 -38.00 3.69
C ASP D 324 -8.56 -38.20 5.09
N THR D 325 -9.04 -37.37 6.03
CA THR D 325 -8.83 -37.54 7.46
C THR D 325 -10.17 -37.28 8.14
N PRO D 326 -10.71 -38.23 8.95
CA PRO D 326 -10.02 -39.47 9.32
C PRO D 326 -10.00 -40.55 8.23
N ARG D 327 -9.21 -41.59 8.48
CA ARG D 327 -9.09 -42.73 7.58
C ARG D 327 -8.48 -43.92 8.34
N ASN D 328 -8.53 -45.10 7.74
CA ASN D 328 -7.84 -46.26 8.28
C ASN D 328 -6.35 -46.12 8.04
N ASP D 329 -5.55 -46.95 8.72
CA ASP D 329 -4.11 -46.99 8.48
C ASP D 329 -3.83 -47.53 7.09
N ASP D 330 -2.59 -47.36 6.63
CA ASP D 330 -2.21 -47.70 5.26
C ASP D 330 -2.39 -49.19 4.99
N ARG D 331 -2.29 -50.00 6.04
CA ARG D 331 -2.35 -51.45 5.87
C ARG D 331 -3.78 -51.88 5.53
N SER D 332 -4.78 -51.18 6.08
CA SER D 332 -6.14 -51.66 6.05
C SER D 332 -7.07 -50.74 5.24
N SER D 333 -6.53 -49.69 4.62
CA SER D 333 -7.35 -48.78 3.84
C SER D 333 -7.63 -49.34 2.45
N LYS D 334 -8.79 -48.99 1.87
CA LYS D 334 -9.17 -49.48 0.56
C LYS D 334 -9.84 -48.38 -0.26
N SER D 335 -9.72 -48.50 -1.58
CA SER D 335 -10.58 -47.79 -2.53
C SER D 335 -10.78 -48.65 -3.77
N ASN D 336 -12.03 -48.69 -4.28
CA ASN D 336 -12.34 -49.49 -5.45
C ASN D 336 -12.60 -48.61 -6.68
N CYS D 337 -12.29 -47.30 -6.56
CA CYS D 337 -12.43 -46.30 -7.62
C CYS D 337 -13.88 -45.84 -7.78
N ARG D 338 -14.85 -46.57 -7.20
CA ARG D 338 -16.24 -46.36 -7.59
C ARG D 338 -17.10 -45.90 -6.41
N ASN D 339 -16.88 -46.50 -5.23
CA ASN D 339 -17.78 -46.33 -4.10
C ASN D 339 -17.04 -45.72 -2.92
N PRO D 340 -17.75 -45.02 -2.00
CA PRO D 340 -17.15 -44.63 -0.72
C PRO D 340 -16.76 -45.92 0.00
N ASN D 341 -15.62 -45.89 0.70
CA ASN D 341 -15.00 -47.11 1.18
C ASN D 341 -15.62 -47.57 2.51
N ASN D 342 -16.46 -46.72 3.12
CA ASN D 342 -17.10 -47.02 4.40
C ASN D 342 -16.05 -47.31 5.46
N GLU D 343 -14.90 -46.62 5.38
CA GLU D 343 -13.84 -46.74 6.37
C GLU D 343 -13.65 -45.38 7.04
N ARG D 344 -14.15 -45.25 8.28
CA ARG D 344 -14.14 -44.00 9.03
C ARG D 344 -14.57 -42.86 8.10
N GLY D 345 -15.67 -43.08 7.38
CA GLY D 345 -16.08 -42.20 6.29
C GLY D 345 -16.55 -40.84 6.79
N ASN D 346 -17.21 -40.82 7.95
CA ASN D 346 -17.79 -39.60 8.49
C ASN D 346 -16.70 -38.56 8.75
N HIS D 347 -17.07 -37.30 8.53
CA HIS D 347 -16.14 -36.17 8.65
C HIS D 347 -15.13 -36.24 7.51
N GLY D 348 -14.09 -35.40 7.60
CA GLY D 348 -13.11 -35.27 6.55
C GLY D 348 -12.34 -33.97 6.66
N VAL D 349 -11.55 -33.68 5.62
CA VAL D 349 -10.79 -32.44 5.51
C VAL D 349 -10.66 -32.14 4.03
N LYS D 350 -10.69 -30.85 3.68
CA LYS D 350 -10.47 -30.46 2.29
C LYS D 350 -9.05 -30.87 1.89
N GLY D 351 -8.93 -31.47 0.70
CA GLY D 351 -7.63 -31.86 0.17
C GLY D 351 -7.62 -31.92 -1.35
N TRP D 352 -6.59 -32.56 -1.90
CA TRP D 352 -6.37 -32.52 -3.34
C TRP D 352 -5.60 -33.76 -3.80
N ALA D 353 -5.72 -34.02 -5.11
CA ALA D 353 -4.89 -34.95 -5.85
C ALA D 353 -4.92 -34.54 -7.32
N PHE D 354 -3.98 -35.03 -8.12
CA PHE D 354 -4.07 -34.86 -9.56
C PHE D 354 -3.46 -36.05 -10.27
N ASP D 355 -3.95 -36.32 -11.48
CA ASP D 355 -3.56 -37.48 -12.26
C ASP D 355 -2.31 -37.16 -13.09
N ASN D 356 -1.46 -38.17 -13.25
CA ASN D 356 -0.50 -38.20 -14.34
C ASN D 356 -0.50 -39.60 -14.93
N GLY D 357 -1.20 -39.74 -16.07
CA GLY D 357 -1.40 -41.04 -16.68
C GLY D 357 -2.11 -41.98 -15.71
N ASN D 358 -1.45 -43.10 -15.39
CA ASN D 358 -2.01 -44.11 -14.50
C ASN D 358 -1.69 -43.81 -13.04
N ASP D 359 -0.84 -42.81 -12.81
CA ASP D 359 -0.35 -42.51 -11.47
C ASP D 359 -1.11 -41.31 -10.91
N VAL D 360 -1.09 -41.17 -9.58
CA VAL D 360 -1.70 -40.03 -8.91
C VAL D 360 -0.66 -39.36 -8.00
N TRP D 361 -0.61 -38.03 -8.06
CA TRP D 361 0.09 -37.22 -7.08
C TRP D 361 -0.95 -36.73 -6.07
N MET D 362 -0.65 -36.87 -4.78
CA MET D 362 -1.63 -36.49 -3.76
C MET D 362 -0.93 -36.01 -2.50
N GLY D 363 -1.66 -35.17 -1.75
CA GLY D 363 -1.26 -34.78 -0.40
C GLY D 363 -2.26 -35.32 0.62
N ARG D 364 -1.83 -35.39 1.88
CA ARG D 364 -2.72 -35.74 2.98
C ARG D 364 -2.04 -35.37 4.29
N THR D 365 -2.84 -35.30 5.36
CA THR D 365 -2.29 -35.18 6.71
C THR D 365 -1.48 -36.44 7.01
N ILE D 366 -0.42 -36.29 7.81
CA ILE D 366 0.37 -37.46 8.16
C ILE D 366 -0.41 -38.32 9.16
N SER D 367 -1.07 -37.65 10.12
CA SER D 367 -1.95 -38.34 11.04
C SER D 367 -3.19 -38.85 10.30
N LYS D 368 -3.62 -40.07 10.66
CA LYS D 368 -4.83 -40.65 10.10
C LYS D 368 -6.05 -40.21 10.90
N ASP D 369 -5.81 -39.54 12.04
CA ASP D 369 -6.86 -39.21 13.00
C ASP D 369 -7.14 -37.71 13.02
N LEU D 370 -6.07 -36.91 13.00
CA LEU D 370 -6.17 -35.48 13.23
C LEU D 370 -5.52 -34.71 12.07
N ARG D 371 -5.79 -33.40 12.02
CA ARG D 371 -5.21 -32.54 11.01
C ARG D 371 -3.81 -32.12 11.45
N SER D 372 -2.91 -33.10 11.48
CA SER D 372 -1.55 -32.94 11.97
C SER D 372 -0.58 -33.51 10.95
N GLY D 373 0.47 -32.72 10.65
CA GLY D 373 1.44 -33.10 9.65
C GLY D 373 0.87 -32.98 8.24
N TYR D 374 1.77 -32.96 7.25
CA TYR D 374 1.35 -32.96 5.86
C TYR D 374 2.44 -33.58 5.00
N GLU D 375 2.03 -34.49 4.13
CA GLU D 375 2.94 -35.23 3.26
C GLU D 375 2.35 -35.28 1.85
N THR D 376 3.25 -35.34 0.86
CA THR D 376 2.87 -35.58 -0.53
C THR D 376 3.62 -36.81 -1.03
N PHE D 377 3.04 -37.47 -2.03
CA PHE D 377 3.71 -38.58 -2.69
C PHE D 377 2.99 -38.92 -3.99
N LYS D 378 3.65 -39.73 -4.82
CA LYS D 378 3.03 -40.33 -5.99
C LYS D 378 2.67 -41.77 -5.66
N VAL D 379 1.48 -42.19 -6.09
CA VAL D 379 1.10 -43.59 -6.01
C VAL D 379 1.13 -44.15 -7.42
N ILE D 380 2.02 -45.13 -7.63
CA ILE D 380 2.16 -45.78 -8.92
C ILE D 380 0.89 -46.59 -9.18
N GLY D 381 0.24 -46.30 -10.31
CA GLY D 381 -1.04 -46.92 -10.66
C GLY D 381 -2.20 -46.39 -9.83
N GLY D 382 -1.95 -45.30 -9.08
CA GLY D 382 -2.90 -44.76 -8.12
C GLY D 382 -4.09 -44.06 -8.78
N TRP D 383 -3.99 -43.80 -10.08
CA TRP D 383 -5.11 -43.20 -10.79
C TRP D 383 -5.99 -44.27 -11.45
N SER D 384 -5.38 -45.38 -11.86
CA SER D 384 -6.03 -46.31 -12.76
C SER D 384 -6.27 -47.69 -12.13
N THR D 385 -5.45 -48.06 -11.14
CA THR D 385 -5.52 -49.39 -10.54
C THR D 385 -6.20 -49.30 -9.17
N PRO D 386 -7.35 -49.99 -8.98
CA PRO D 386 -8.02 -49.98 -7.67
C PRO D 386 -7.09 -50.53 -6.60
N ASN D 387 -7.05 -49.83 -5.46
CA ASN D 387 -6.41 -50.29 -4.23
CA ASN D 387 -6.41 -50.32 -4.24
C ASN D 387 -4.89 -50.32 -4.37
N SER D 388 -4.35 -49.56 -5.32
CA SER D 388 -2.90 -49.47 -5.49
C SER D 388 -2.27 -48.79 -4.27
N LYS D 389 -1.13 -49.32 -3.80
CA LYS D 389 -0.52 -48.82 -2.57
C LYS D 389 0.97 -48.62 -2.71
N SER D 390 1.50 -48.69 -3.93
CA SER D 390 2.92 -48.50 -4.16
C SER D 390 3.24 -47.01 -4.29
N GLN D 391 3.76 -46.43 -3.21
CA GLN D 391 4.09 -45.00 -3.23
C GLN D 391 5.57 -44.80 -3.51
N ILE D 392 5.90 -43.61 -4.00
CA ILE D 392 7.26 -43.18 -4.26
C ILE D 392 7.28 -41.64 -4.18
N ASN D 393 8.49 -41.08 -4.01
CA ASN D 393 8.69 -39.64 -4.08
C ASN D 393 7.95 -38.93 -2.95
N ARG D 394 7.95 -39.54 -1.76
CA ARG D 394 7.35 -38.91 -0.59
C ARG D 394 8.15 -37.65 -0.22
N GLN D 395 7.42 -36.62 0.20
CA GLN D 395 8.00 -35.43 0.79
C GLN D 395 7.17 -35.03 2.00
N VAL D 396 7.85 -34.73 3.11
CA VAL D 396 7.23 -34.09 4.26
C VAL D 396 7.14 -32.59 3.99
N ILE D 397 5.94 -32.03 4.14
CA ILE D 397 5.74 -30.60 4.00
C ILE D 397 5.69 -29.98 5.39
N VAL D 398 4.92 -30.63 6.29
CA VAL D 398 4.81 -30.25 7.68
C VAL D 398 4.99 -31.53 8.50
N ASP D 399 5.96 -31.52 9.43
CA ASP D 399 6.22 -32.73 10.22
C ASP D 399 5.03 -33.04 11.11
N SER D 400 4.97 -34.29 11.59
CA SER D 400 3.79 -34.83 12.24
C SER D 400 3.61 -34.26 13.65
N ASP D 401 4.59 -33.49 14.14
CA ASP D 401 4.49 -32.85 15.44
C ASP D 401 3.77 -31.51 15.34
N ASN D 402 3.40 -31.10 14.13
CA ASN D 402 2.87 -29.77 13.90
C ASN D 402 1.51 -29.86 13.22
N ARG D 403 0.70 -28.80 13.39
CA ARG D 403 -0.66 -28.77 12.89
C ARG D 403 -0.70 -28.43 11.41
N SER D 404 -1.62 -29.10 10.71
CA SER D 404 -1.98 -28.70 9.35
C SER D 404 -3.44 -28.24 9.34
N GLY D 405 -4.19 -28.70 8.35
CA GLY D 405 -5.54 -28.22 8.11
C GLY D 405 -5.95 -28.50 6.67
N TYR D 406 -6.77 -27.60 6.11
CA TYR D 406 -7.23 -27.72 4.74
C TYR D 406 -6.03 -27.62 3.79
N SER D 407 -6.18 -28.23 2.63
CA SER D 407 -5.21 -28.04 1.55
C SER D 407 -5.97 -28.05 0.23
N GLY D 408 -5.35 -27.45 -0.79
CA GLY D 408 -6.00 -27.33 -2.08
C GLY D 408 -4.99 -27.11 -3.20
N ILE D 409 -5.45 -27.34 -4.43
CA ILE D 409 -4.62 -27.24 -5.61
C ILE D 409 -4.85 -25.88 -6.26
N PHE D 410 -3.81 -25.39 -6.94
CA PHE D 410 -3.97 -24.34 -7.93
C PHE D 410 -3.04 -24.62 -9.10
N SER D 411 -3.34 -24.04 -10.26
CA SER D 411 -2.58 -24.31 -11.47
C SER D 411 -1.96 -23.03 -11.99
N VAL D 412 -0.74 -23.14 -12.54
CA VAL D 412 0.04 -21.99 -12.96
C VAL D 412 0.60 -22.27 -14.35
N GLU D 413 0.31 -21.35 -15.29
CA GLU D 413 0.72 -21.50 -16.67
C GLU D 413 2.19 -21.12 -16.82
N GLY D 414 2.99 -22.07 -17.32
CA GLY D 414 4.37 -21.82 -17.67
C GLY D 414 4.52 -21.61 -19.18
N LYS D 415 5.77 -21.55 -19.64
CA LYS D 415 6.06 -21.28 -21.02
C LYS D 415 5.46 -22.34 -21.94
N SER D 416 5.61 -23.61 -21.57
N SER D 416 5.62 -23.61 -21.56
CA SER D 416 5.24 -24.71 -22.46
CA SER D 416 5.26 -24.72 -22.45
C SER D 416 4.29 -25.70 -21.77
C SER D 416 4.43 -25.78 -21.73
N CYS D 417 4.07 -25.54 -20.46
CA CYS D 417 3.26 -26.49 -19.72
C CYS D 417 2.47 -25.82 -18.59
N ILE D 418 1.44 -26.52 -18.10
CA ILE D 418 0.66 -26.09 -16.95
C ILE D 418 1.14 -26.83 -15.72
N ASN D 419 1.57 -26.07 -14.70
CA ASN D 419 2.10 -26.62 -13.48
C ASN D 419 0.98 -26.78 -12.45
N ARG D 420 1.16 -27.73 -11.52
CA ARG D 420 0.25 -27.92 -10.42
C ARG D 420 0.97 -27.53 -9.13
N CYS D 421 0.30 -26.72 -8.31
CA CYS D 421 0.82 -26.29 -7.02
C CYS D 421 -0.23 -26.57 -5.95
N PHE D 422 0.16 -26.44 -4.67
CA PHE D 422 -0.79 -26.61 -3.60
C PHE D 422 -0.43 -25.73 -2.41
N TYR D 423 -1.43 -25.42 -1.59
CA TYR D 423 -1.22 -24.72 -0.33
C TYR D 423 -1.66 -25.64 0.81
N VAL D 424 -1.11 -25.38 2.00
CA VAL D 424 -1.55 -26.05 3.21
C VAL D 424 -1.91 -24.99 4.25
N GLU D 425 -3.14 -25.10 4.77
CA GLU D 425 -3.60 -24.29 5.89
C GLU D 425 -3.02 -24.86 7.18
N LEU D 426 -2.40 -23.98 7.98
CA LEU D 426 -1.78 -24.39 9.23
C LEU D 426 -2.58 -23.78 10.39
N ILE D 427 -3.53 -24.55 10.92
CA ILE D 427 -4.50 -24.06 11.89
C ILE D 427 -3.85 -23.98 13.27
N ARG D 428 -4.12 -22.87 13.98
CA ARG D 428 -3.67 -22.70 15.35
C ARG D 428 -4.83 -22.26 16.23
N GLY D 429 -4.78 -22.65 17.51
CA GLY D 429 -5.75 -22.20 18.50
C GLY D 429 -6.80 -23.26 18.82
N ARG D 430 -7.96 -22.78 19.28
CA ARG D 430 -9.04 -23.64 19.74
C ARG D 430 -9.58 -24.47 18.57
N GLU D 431 -10.05 -25.70 18.85
CA GLU D 431 -10.24 -26.20 20.20
C GLU D 431 -9.00 -26.92 20.73
N GLN D 432 -8.07 -27.30 19.85
CA GLN D 432 -6.96 -28.16 20.24
C GLN D 432 -6.04 -27.44 21.23
N GLU D 433 -5.78 -26.16 20.97
CA GLU D 433 -4.86 -25.39 21.79
C GLU D 433 -5.65 -24.39 22.62
N THR D 434 -5.74 -24.65 23.94
CA THR D 434 -6.72 -23.99 24.78
C THR D 434 -6.15 -22.78 25.52
N ARG D 435 -4.84 -22.54 25.40
CA ARG D 435 -4.26 -21.38 26.07
C ARG D 435 -4.88 -20.10 25.52
N VAL D 436 -5.15 -20.10 24.21
CA VAL D 436 -5.73 -18.96 23.52
C VAL D 436 -7.22 -19.23 23.31
N TRP D 437 -7.97 -18.17 22.99
CA TRP D 437 -9.41 -18.27 22.83
C TRP D 437 -9.83 -18.18 21.37
N TRP D 438 -8.86 -17.88 20.50
CA TRP D 438 -9.11 -17.68 19.08
C TRP D 438 -8.78 -18.94 18.28
N THR D 439 -9.21 -18.94 17.01
CA THR D 439 -8.84 -19.94 16.02
C THR D 439 -8.44 -19.19 14.75
N SER D 440 -7.23 -19.48 14.23
CA SER D 440 -6.74 -18.82 13.03
C SER D 440 -5.81 -19.76 12.27
N ASN D 441 -5.09 -19.23 11.27
CA ASN D 441 -4.19 -20.07 10.50
C ASN D 441 -3.09 -19.23 9.84
N SER D 442 -1.99 -19.90 9.48
CA SER D 442 -1.08 -19.39 8.48
C SER D 442 -1.09 -20.33 7.27
N ILE D 443 -0.22 -20.06 6.29
CA ILE D 443 -0.18 -20.89 5.09
C ILE D 443 1.27 -21.18 4.71
N VAL D 444 1.44 -22.33 4.05
CA VAL D 444 2.66 -22.65 3.33
C VAL D 444 2.25 -23.18 1.96
N VAL D 445 3.08 -22.92 0.94
CA VAL D 445 2.72 -23.14 -0.46
C VAL D 445 3.91 -23.77 -1.18
N PHE D 446 3.62 -24.83 -1.95
CA PHE D 446 4.62 -25.54 -2.75
C PHE D 446 4.14 -25.66 -4.19
N CYS D 447 5.09 -25.76 -5.13
CA CYS D 447 4.74 -25.88 -6.54
C CYS D 447 5.45 -27.08 -7.15
N GLY D 448 4.79 -27.70 -8.14
CA GLY D 448 5.39 -28.79 -8.89
C GLY D 448 6.75 -28.38 -9.46
N THR D 449 7.68 -29.33 -9.48
CA THR D 449 8.98 -29.11 -10.09
C THR D 449 9.35 -30.29 -10.97
N SER D 450 10.06 -30.01 -12.06
CA SER D 450 10.66 -31.04 -12.90
C SER D 450 12.13 -31.23 -12.50
N GLY D 451 12.59 -30.42 -11.54
CA GLY D 451 13.97 -30.47 -11.08
C GLY D 451 14.15 -31.40 -9.88
N THR D 452 15.12 -31.06 -9.02
CA THR D 452 15.42 -31.86 -7.85
C THR D 452 15.23 -30.99 -6.60
N TYR D 453 15.27 -31.65 -5.43
CA TYR D 453 14.94 -31.02 -4.16
C TYR D 453 15.43 -31.91 -3.04
N GLY D 454 15.43 -31.36 -1.82
CA GLY D 454 15.84 -32.10 -0.63
C GLY D 454 14.66 -32.37 0.30
N THR D 455 14.88 -32.11 1.59
CA THR D 455 13.90 -32.37 2.63
C THR D 455 13.82 -31.18 3.58
N GLY D 456 12.71 -31.12 4.31
CA GLY D 456 12.53 -30.16 5.38
C GLY D 456 11.16 -30.29 6.03
N SER D 457 10.81 -29.28 6.82
CA SER D 457 9.49 -29.14 7.42
C SER D 457 9.25 -27.65 7.63
N TRP D 458 8.07 -27.19 7.19
CA TRP D 458 7.73 -25.77 7.23
C TRP D 458 6.40 -25.56 7.93
N PRO D 459 6.35 -25.74 9.27
CA PRO D 459 5.10 -25.61 10.02
C PRO D 459 4.79 -24.15 10.30
N ASP D 460 3.69 -23.92 11.02
CA ASP D 460 3.26 -22.57 11.33
C ASP D 460 4.38 -21.81 12.06
N GLY D 461 4.90 -22.42 13.13
CA GLY D 461 6.08 -21.92 13.81
C GLY D 461 5.80 -20.98 14.98
N ALA D 462 4.54 -20.64 15.22
CA ALA D 462 4.23 -19.78 16.35
C ALA D 462 4.35 -20.56 17.66
N ASN D 463 4.83 -19.89 18.71
CA ASN D 463 4.85 -20.45 20.04
C ASN D 463 3.54 -20.05 20.73
N ILE D 464 2.70 -21.04 21.05
CA ILE D 464 1.38 -20.76 21.60
C ILE D 464 1.51 -19.96 22.90
N ASN D 465 2.64 -20.12 23.59
CA ASN D 465 2.86 -19.47 24.87
C ASN D 465 3.20 -17.99 24.69
N PHE D 466 3.54 -17.60 23.45
CA PHE D 466 3.95 -16.23 23.16
C PHE D 466 2.78 -15.40 22.63
N MET D 467 1.61 -16.02 22.47
CA MET D 467 0.51 -15.41 21.74
C MET D 467 -0.39 -14.61 22.68
N PRO D 468 -0.96 -13.47 22.21
CA PRO D 468 -2.10 -12.85 22.88
C PRO D 468 -3.21 -13.90 22.92
N ILE D 469 -3.90 -14.01 24.06
CA ILE D 469 -4.89 -15.06 24.21
C ILE D 469 -6.24 -14.60 23.65
#